data_2N3O
#
_entry.id   2N3O
#
loop_
_entity.id
_entity.type
_entity.pdbx_description
1 polymer 'Polypyrimidine tract-binding protein 1'
2 polymer "RNA (5'-R(*GP*GP*GP*AP*CP*CP*UP*GP*GP*UP*CP*UP*UP*UP*CP*CP*AP*GP*GP*UP*CP*CP*C)-3')"
#
loop_
_entity_poly.entity_id
_entity_poly.type
_entity_poly.pdbx_seq_one_letter_code
_entity_poly.pdbx_strand_id
1 'polypeptide(L)'
;GNDSKKFKGDSRSAGVPSRVIHIRKLPIDVTEGEVISLGLPFGKVTNLLMLKGKNQAFIEMNTEEAANTMVNYYTSVTPV
LRGQPIYIQFSNHKELKTDSSPNQARAQAALQAVNSVQSGNLA
;
A
2 'polyribonucleotide' GGGACCUGGUCUUUCCAGGUCCC B
#
# COMPACT_ATOMS: atom_id res chain seq x y z
N GLY A 1 26.21 -1.56 -14.31
CA GLY A 1 25.59 -0.27 -14.65
C GLY A 1 24.66 0.20 -13.54
N ASN A 2 23.43 0.57 -13.91
CA ASN A 2 22.43 1.00 -12.95
C ASN A 2 21.83 -0.20 -12.19
N ASP A 3 22.17 -1.42 -12.62
CA ASP A 3 21.71 -2.64 -11.98
C ASP A 3 22.38 -2.94 -10.64
N SER A 4 21.70 -3.72 -9.80
CA SER A 4 22.20 -4.10 -8.48
C SER A 4 21.51 -5.36 -8.00
N LYS A 5 21.91 -5.86 -6.83
CA LYS A 5 21.38 -7.08 -6.23
C LYS A 5 19.99 -6.85 -5.63
N LYS A 6 19.03 -6.46 -6.47
CA LYS A 6 17.66 -6.20 -6.06
C LYS A 6 16.89 -7.48 -5.73
N PHE A 7 17.56 -8.63 -5.77
CA PHE A 7 16.93 -9.92 -5.49
C PHE A 7 16.46 -10.17 -4.06
N LYS A 8 16.68 -9.21 -3.16
CA LYS A 8 16.29 -9.28 -1.76
C LYS A 8 16.16 -7.88 -1.18
N GLY A 9 15.49 -7.77 -0.03
CA GLY A 9 15.31 -6.50 0.66
C GLY A 9 14.35 -6.63 1.83
N ASP A 10 14.16 -5.55 2.59
CA ASP A 10 13.25 -5.49 3.72
C ASP A 10 12.63 -4.12 3.95
N SER A 11 11.75 -4.04 4.94
CA SER A 11 11.02 -2.82 5.23
C SER A 11 11.91 -1.67 5.72
N ARG A 12 13.14 -1.98 6.14
CA ARG A 12 14.11 -0.99 6.58
C ARG A 12 15.14 -0.69 5.49
N SER A 13 14.82 -1.03 4.24
CA SER A 13 15.72 -0.85 3.11
C SER A 13 14.91 -0.49 1.86
N ALA A 14 15.56 -0.46 0.69
CA ALA A 14 14.93 -0.11 -0.57
C ALA A 14 15.42 -1.02 -1.69
N GLY A 15 14.77 -0.95 -2.85
CA GLY A 15 15.10 -1.81 -3.98
C GLY A 15 14.50 -3.22 -3.83
N VAL A 16 13.61 -3.40 -2.84
CA VAL A 16 12.98 -4.69 -2.59
C VAL A 16 12.27 -5.26 -3.81
N PRO A 17 12.37 -6.58 -4.03
CA PRO A 17 11.69 -7.28 -5.11
C PRO A 17 10.19 -7.39 -4.85
N SER A 18 9.76 -7.16 -3.61
CA SER A 18 8.37 -7.25 -3.20
C SER A 18 7.57 -6.04 -3.71
N ARG A 19 6.27 -6.25 -3.94
CA ARG A 19 5.39 -5.24 -4.51
C ARG A 19 4.51 -4.58 -3.46
N VAL A 20 4.97 -4.58 -2.21
CA VAL A 20 4.17 -4.13 -1.08
C VAL A 20 4.72 -2.87 -0.42
N ILE A 21 3.82 -1.95 -0.04
CA ILE A 21 4.21 -0.74 0.66
C ILE A 21 3.53 -0.70 2.03
N HIS A 22 4.19 -0.03 2.98
CA HIS A 22 3.72 0.07 4.34
C HIS A 22 3.68 1.54 4.74
N ILE A 23 2.68 1.93 5.53
CA ILE A 23 2.55 3.30 6.00
C ILE A 23 2.46 3.30 7.52
N ARG A 24 3.20 4.22 8.16
CA ARG A 24 3.34 4.27 9.60
C ARG A 24 2.76 5.58 10.14
N LYS A 25 2.31 5.57 11.40
CA LYS A 25 1.67 6.72 12.03
C LYS A 25 0.43 7.16 11.26
N LEU A 26 -0.21 6.21 10.56
CA LEU A 26 -1.39 6.47 9.76
C LEU A 26 -2.43 7.27 10.56
N PRO A 27 -3.13 8.24 9.96
CA PRO A 27 -4.15 9.01 10.66
C PRO A 27 -5.35 8.13 10.99
N ILE A 28 -6.21 8.62 11.88
CA ILE A 28 -7.37 7.88 12.36
C ILE A 28 -8.61 8.16 11.53
N ASP A 29 -8.80 9.43 11.20
CA ASP A 29 -9.97 9.90 10.48
C ASP A 29 -9.90 9.60 8.99
N VAL A 30 -8.76 9.04 8.57
CA VAL A 30 -8.49 8.71 7.17
C VAL A 30 -9.15 7.36 6.85
N THR A 31 -9.45 7.16 5.56
CA THR A 31 -10.16 5.99 5.05
C THR A 31 -9.42 5.19 3.98
N GLU A 32 -10.05 4.11 3.53
CA GLU A 32 -9.43 3.20 2.58
C GLU A 32 -9.12 3.88 1.26
N GLY A 33 -9.91 4.88 0.87
CA GLY A 33 -9.72 5.56 -0.41
C GLY A 33 -8.49 6.45 -0.39
N GLU A 34 -8.08 6.92 0.80
CA GLU A 34 -6.93 7.80 0.93
C GLU A 34 -5.63 7.02 0.80
N VAL A 35 -5.57 5.82 1.39
CA VAL A 35 -4.40 4.95 1.30
C VAL A 35 -4.19 4.51 -0.16
N ILE A 36 -5.28 4.43 -0.92
CA ILE A 36 -5.20 4.11 -2.35
C ILE A 36 -4.81 5.36 -3.14
N SER A 37 -5.32 6.53 -2.75
CA SER A 37 -5.14 7.77 -3.50
C SER A 37 -3.69 8.25 -3.51
N LEU A 38 -2.90 7.91 -2.48
CA LEU A 38 -1.51 8.31 -2.43
C LEU A 38 -0.62 7.36 -3.24
N GLY A 39 -1.13 6.17 -3.57
CA GLY A 39 -0.37 5.18 -4.33
C GLY A 39 -0.85 5.08 -5.78
N LEU A 40 -1.87 5.85 -6.15
CA LEU A 40 -2.46 5.78 -7.47
C LEU A 40 -1.62 6.54 -8.49
N PRO A 41 -1.19 7.78 -8.20
CA PRO A 41 -0.32 8.53 -9.10
C PRO A 41 1.03 7.83 -9.29
N PHE A 42 1.32 6.78 -8.52
CA PHE A 42 2.54 6.01 -8.64
C PHE A 42 2.47 4.70 -9.41
N GLY A 43 1.25 4.32 -9.82
CA GLY A 43 1.03 3.10 -10.58
C GLY A 43 -0.27 2.41 -10.13
N LYS A 44 -0.56 1.26 -10.73
CA LYS A 44 -1.74 0.47 -10.42
C LYS A 44 -1.62 -0.17 -9.05
N VAL A 45 -2.64 0.02 -8.21
CA VAL A 45 -2.73 -0.61 -6.89
C VAL A 45 -3.76 -1.72 -6.96
N THR A 46 -3.40 -2.92 -6.51
CA THR A 46 -4.25 -4.10 -6.66
C THR A 46 -4.62 -4.81 -5.36
N ASN A 47 -4.08 -4.34 -4.23
CA ASN A 47 -4.50 -4.81 -2.91
C ASN A 47 -4.34 -3.73 -1.86
N LEU A 48 -5.04 -3.91 -0.72
CA LEU A 48 -5.07 -2.93 0.34
C LEU A 48 -5.47 -3.60 1.65
N LEU A 49 -4.81 -3.20 2.74
CA LEU A 49 -5.24 -3.55 4.09
C LEU A 49 -5.16 -2.33 5.00
N MET A 50 -6.31 -1.93 5.54
CA MET A 50 -6.38 -0.92 6.59
C MET A 50 -6.09 -1.60 7.93
N LEU A 51 -5.11 -1.10 8.67
CA LEU A 51 -4.73 -1.72 9.93
C LEU A 51 -5.37 -1.01 11.12
N LYS A 52 -6.63 -0.55 10.98
CA LYS A 52 -7.29 0.19 12.04
C LYS A 52 -7.24 -0.55 13.37
N GLY A 53 -7.18 0.23 14.45
CA GLY A 53 -6.86 -0.27 15.78
C GLY A 53 -5.34 -0.08 16.01
N LYS A 54 -4.62 0.21 14.92
CA LYS A 54 -3.22 0.58 14.92
C LYS A 54 -3.04 1.70 13.90
N ASN A 55 -2.04 2.56 14.09
CA ASN A 55 -1.73 3.65 13.17
C ASN A 55 -0.83 3.16 12.05
N GLN A 56 -1.32 2.18 11.26
CA GLN A 56 -0.53 1.58 10.20
C GLN A 56 -1.42 1.16 9.04
N ALA A 57 -0.83 0.96 7.86
CA ALA A 57 -1.54 0.51 6.68
C ALA A 57 -0.62 -0.25 5.74
N PHE A 58 -1.22 -1.02 4.82
CA PHE A 58 -0.48 -1.79 3.83
C PHE A 58 -1.21 -1.76 2.49
N ILE A 59 -0.45 -1.77 1.39
CA ILE A 59 -1.03 -1.79 0.05
C ILE A 59 -0.13 -2.60 -0.88
N GLU A 60 -0.68 -3.10 -1.99
CA GLU A 60 0.11 -3.83 -2.96
C GLU A 60 -0.03 -3.23 -4.34
N MET A 61 1.11 -3.02 -4.99
CA MET A 61 1.15 -2.49 -6.33
C MET A 61 1.10 -3.67 -7.31
N ASN A 62 0.50 -3.47 -8.47
CA ASN A 62 0.43 -4.53 -9.47
C ASN A 62 1.80 -4.78 -10.09
N THR A 63 2.65 -3.74 -10.12
CA THR A 63 3.99 -3.83 -10.67
C THR A 63 5.08 -3.50 -9.66
N GLU A 64 6.25 -4.13 -9.82
CA GLU A 64 7.41 -3.83 -8.98
C GLU A 64 7.94 -2.43 -9.28
N GLU A 65 7.76 -1.96 -10.53
CA GLU A 65 8.21 -0.62 -10.91
C GLU A 65 7.30 0.44 -10.29
N ALA A 66 6.02 0.11 -10.06
CA ALA A 66 5.11 1.02 -9.39
C ALA A 66 5.48 1.14 -7.92
N ALA A 67 5.88 0.03 -7.30
CA ALA A 67 6.28 0.04 -5.90
C ALA A 67 7.65 0.71 -5.76
N ASN A 68 8.54 0.43 -6.71
CA ASN A 68 9.88 0.99 -6.71
C ASN A 68 9.84 2.51 -6.84
N THR A 69 9.03 3.04 -7.76
CA THR A 69 8.93 4.48 -7.95
C THR A 69 8.22 5.18 -6.80
N MET A 70 7.22 4.51 -6.22
CA MET A 70 6.43 5.08 -5.14
C MET A 70 7.30 5.45 -3.95
N VAL A 71 8.07 4.48 -3.43
CA VAL A 71 8.91 4.71 -2.28
C VAL A 71 10.10 5.57 -2.70
N ASN A 72 10.59 5.45 -3.94
CA ASN A 72 11.72 6.25 -4.40
C ASN A 72 11.37 7.74 -4.42
N TYR A 73 10.07 8.10 -4.49
CA TYR A 73 9.68 9.49 -4.34
C TYR A 73 9.41 9.69 -2.85
N TYR A 74 8.69 8.78 -2.20
CA TYR A 74 8.39 8.88 -0.77
C TYR A 74 9.57 8.70 0.19
N THR A 75 10.74 8.35 -0.35
CA THR A 75 11.96 8.26 0.41
C THR A 75 12.62 9.61 0.65
N SER A 76 12.09 10.65 0.01
CA SER A 76 12.55 12.02 0.13
C SER A 76 11.40 12.95 0.51
N VAL A 77 10.17 12.46 0.40
CA VAL A 77 8.98 13.21 0.75
C VAL A 77 8.04 12.42 1.64
N THR A 78 7.17 13.10 2.40
CA THR A 78 6.23 12.42 3.29
C THR A 78 4.82 12.69 2.75
N PRO A 79 4.01 11.64 2.56
CA PRO A 79 2.65 11.77 2.09
C PRO A 79 1.77 12.32 3.18
N VAL A 80 0.70 13.02 2.79
CA VAL A 80 -0.29 13.48 3.73
C VAL A 80 -1.71 13.18 3.30
N LEU A 81 -2.53 12.78 4.27
CA LEU A 81 -3.91 12.41 4.02
C LEU A 81 -4.81 13.28 4.87
N ARG A 82 -5.87 13.85 4.26
CA ARG A 82 -6.74 14.79 4.96
C ARG A 82 -5.95 15.94 5.58
N GLY A 83 -4.77 16.23 5.01
CA GLY A 83 -3.90 17.30 5.46
C GLY A 83 -2.91 16.86 6.53
N GLN A 84 -2.86 15.57 6.89
CA GLN A 84 -1.97 15.09 7.93
C GLN A 84 -0.88 14.17 7.37
N PRO A 85 0.39 14.59 7.48
CA PRO A 85 1.52 13.87 6.96
C PRO A 85 1.90 12.69 7.86
N ILE A 86 2.23 11.56 7.21
CA ILE A 86 2.62 10.33 7.91
C ILE A 86 3.69 9.60 7.11
N TYR A 87 4.50 8.80 7.81
CA TYR A 87 5.66 8.14 7.24
C TYR A 87 5.29 6.94 6.37
N ILE A 88 6.19 6.57 5.45
CA ILE A 88 5.99 5.45 4.54
C ILE A 88 7.33 4.76 4.25
N GLN A 89 7.28 3.45 4.04
CA GLN A 89 8.44 2.65 3.63
C GLN A 89 7.94 1.33 3.04
N PHE A 90 8.85 0.50 2.50
CA PHE A 90 8.48 -0.82 2.03
C PHE A 90 7.92 -1.74 3.10
N SER A 91 7.06 -2.69 2.73
CA SER A 91 6.54 -3.65 3.70
C SER A 91 7.46 -4.86 3.77
N ASN A 92 7.53 -5.48 4.95
CA ASN A 92 8.32 -6.68 5.16
C ASN A 92 7.56 -7.91 4.64
N HIS A 93 6.24 -7.75 4.42
CA HIS A 93 5.39 -8.81 3.90
C HIS A 93 5.58 -8.97 2.39
N LYS A 94 4.96 -10.02 1.85
CA LYS A 94 4.92 -10.30 0.43
C LYS A 94 3.50 -10.71 0.07
N GLU A 95 2.87 -9.95 -0.83
CA GLU A 95 1.46 -10.05 -1.18
C GLU A 95 0.53 -9.82 0.01
N LEU A 96 -0.55 -9.09 -0.27
CA LEU A 96 -1.53 -8.67 0.71
C LEU A 96 -2.43 -9.83 1.12
N LYS A 97 -2.69 -9.92 2.43
CA LYS A 97 -3.54 -10.93 3.04
C LYS A 97 -4.19 -10.32 4.28
N THR A 98 -5.10 -11.05 4.93
CA THR A 98 -5.73 -10.58 6.16
C THR A 98 -6.07 -11.82 6.98
N ASP A 99 -5.75 -11.77 8.28
CA ASP A 99 -5.86 -12.93 9.17
C ASP A 99 -6.11 -12.65 10.66
N SER A 100 -6.37 -11.39 11.06
CA SER A 100 -6.42 -11.08 12.48
C SER A 100 -7.50 -10.06 12.87
N SER A 101 -8.26 -9.52 11.92
CA SER A 101 -9.31 -8.56 12.26
C SER A 101 -10.41 -8.48 11.19
N PRO A 102 -11.67 -8.25 11.62
CA PRO A 102 -12.80 -8.03 10.72
C PRO A 102 -12.64 -6.79 9.84
N ASN A 103 -11.65 -5.95 10.11
CA ASN A 103 -11.40 -4.74 9.33
C ASN A 103 -11.05 -5.07 7.88
N GLN A 104 -10.80 -6.36 7.59
CA GLN A 104 -10.50 -6.84 6.26
C GLN A 104 -11.71 -6.67 5.33
N ALA A 105 -12.92 -6.58 5.89
CA ALA A 105 -14.14 -6.51 5.11
C ALA A 105 -14.31 -5.15 4.44
N ARG A 106 -13.75 -4.08 5.04
CA ARG A 106 -13.88 -2.74 4.48
C ARG A 106 -12.77 -2.48 3.46
N ALA A 107 -11.59 -3.06 3.68
CA ALA A 107 -10.46 -2.87 2.79
C ALA A 107 -10.65 -3.63 1.48
N GLN A 108 -11.29 -4.80 1.52
CA GLN A 108 -11.55 -5.60 0.34
C GLN A 108 -12.74 -5.05 -0.46
N ALA A 109 -13.55 -4.19 0.16
CA ALA A 109 -14.70 -3.58 -0.50
C ALA A 109 -14.34 -2.25 -1.14
N ALA A 110 -13.45 -1.47 -0.52
CA ALA A 110 -13.06 -0.17 -1.05
C ALA A 110 -12.27 -0.31 -2.35
N LEU A 111 -11.56 -1.43 -2.54
CA LEU A 111 -10.80 -1.68 -3.75
C LEU A 111 -11.72 -1.86 -4.95
N GLN A 112 -12.97 -2.24 -4.71
CA GLN A 112 -13.93 -2.48 -5.78
C GLN A 112 -14.41 -1.17 -6.38
N ALA A 113 -14.41 -0.09 -5.59
CA ALA A 113 -14.79 1.22 -6.08
C ALA A 113 -13.70 1.81 -6.97
N VAL A 114 -12.45 1.35 -6.78
CA VAL A 114 -11.32 1.83 -7.56
C VAL A 114 -10.91 0.92 -8.72
N ASN A 115 -11.64 -0.17 -8.94
CA ASN A 115 -11.32 -1.14 -9.98
C ASN A 115 -12.52 -1.56 -10.83
N SER A 116 -13.74 -1.21 -10.43
CA SER A 116 -14.92 -1.55 -11.22
C SER A 116 -15.00 -0.67 -12.46
N VAL A 117 -15.65 -1.20 -13.51
CA VAL A 117 -15.77 -0.51 -14.79
C VAL A 117 -16.82 0.58 -14.78
N GLN A 118 -17.87 0.43 -13.97
CA GLN A 118 -18.93 1.41 -13.79
C GLN A 118 -19.59 1.86 -15.10
N SER A 119 -19.45 1.08 -16.17
CA SER A 119 -20.02 1.40 -17.47
C SER A 119 -21.54 1.28 -17.45
N GLY A 120 -22.21 1.97 -18.38
CA GLY A 120 -23.67 2.06 -18.42
C GLY A 120 -24.35 0.79 -18.91
N ASN A 121 -23.59 -0.18 -19.44
CA ASN A 121 -24.16 -1.43 -19.92
C ASN A 121 -24.44 -2.41 -18.78
N LEU A 122 -24.07 -2.06 -17.55
CA LEU A 122 -24.32 -2.90 -16.39
C LEU A 122 -25.79 -2.91 -16.02
N ALA A 123 -26.23 -3.93 -15.27
CA ALA A 123 -27.61 -4.09 -14.85
C ALA A 123 -27.67 -4.89 -13.56
N GLY A 1 32.01 -5.88 -1.83
CA GLY A 1 30.69 -5.33 -2.21
C GLY A 1 29.59 -6.37 -2.08
N ASN A 2 28.34 -5.92 -2.06
CA ASN A 2 27.18 -6.79 -1.95
C ASN A 2 26.98 -7.60 -3.24
N ASP A 3 26.22 -8.69 -3.14
CA ASP A 3 25.94 -9.56 -4.28
C ASP A 3 25.09 -8.90 -5.37
N SER A 4 25.20 -9.40 -6.60
CA SER A 4 24.44 -8.89 -7.73
C SER A 4 22.98 -9.36 -7.69
N LYS A 5 22.69 -10.36 -6.86
CA LYS A 5 21.37 -10.95 -6.74
C LYS A 5 20.45 -10.04 -5.92
N LYS A 6 19.15 -10.16 -6.16
CA LYS A 6 18.14 -9.33 -5.49
C LYS A 6 16.79 -10.05 -5.44
N PHE A 7 16.82 -11.40 -5.54
CA PHE A 7 15.60 -12.20 -5.55
C PHE A 7 14.77 -12.24 -4.26
N LYS A 8 15.20 -11.48 -3.23
CA LYS A 8 14.51 -11.40 -1.95
C LYS A 8 14.83 -10.07 -1.27
N GLY A 9 14.02 -9.69 -0.28
CA GLY A 9 14.23 -8.48 0.48
C GLY A 9 13.14 -8.29 1.54
N ASP A 10 13.49 -7.54 2.59
CA ASP A 10 12.60 -7.27 3.73
C ASP A 10 12.40 -5.78 3.98
N SER A 11 11.44 -5.43 4.84
CA SER A 11 11.12 -4.04 5.13
C SER A 11 12.30 -3.28 5.73
N ARG A 12 13.08 -3.96 6.56
CA ARG A 12 14.25 -3.37 7.21
C ARG A 12 15.52 -3.48 6.35
N SER A 13 15.35 -3.80 5.06
CA SER A 13 16.48 -3.92 4.14
C SER A 13 16.19 -3.24 2.81
N ALA A 14 14.91 -2.99 2.50
CA ALA A 14 14.47 -2.34 1.27
C ALA A 14 14.95 -3.05 0.00
N GLY A 15 14.64 -2.47 -1.16
CA GLY A 15 15.08 -3.02 -2.43
C GLY A 15 14.35 -4.32 -2.79
N VAL A 16 13.27 -4.64 -2.09
CA VAL A 16 12.53 -5.87 -2.32
C VAL A 16 12.07 -6.07 -3.77
N PRO A 17 12.05 -7.31 -4.26
CA PRO A 17 11.65 -7.63 -5.63
C PRO A 17 10.14 -7.52 -5.81
N SER A 18 9.37 -7.60 -4.72
CA SER A 18 7.93 -7.50 -4.75
C SER A 18 7.50 -6.03 -4.80
N ARG A 19 6.20 -5.78 -4.68
CA ARG A 19 5.65 -4.43 -4.77
C ARG A 19 4.62 -4.18 -3.67
N VAL A 20 5.06 -4.30 -2.43
CA VAL A 20 4.24 -4.01 -1.26
C VAL A 20 4.75 -2.80 -0.49
N ILE A 21 3.85 -1.96 0.03
CA ILE A 21 4.25 -0.79 0.79
C ILE A 21 3.53 -0.79 2.13
N HIS A 22 4.21 -0.22 3.15
CA HIS A 22 3.68 -0.12 4.49
C HIS A 22 3.67 1.34 4.91
N ILE A 23 2.67 1.72 5.69
CA ILE A 23 2.54 3.07 6.21
C ILE A 23 2.34 2.99 7.72
N ARG A 24 2.92 3.93 8.47
CA ARG A 24 2.75 3.98 9.93
C ARG A 24 2.50 5.41 10.37
N LYS A 25 2.10 5.57 11.63
CA LYS A 25 1.60 6.83 12.16
C LYS A 25 0.35 7.28 11.40
N LEU A 26 -0.31 6.33 10.70
CA LEU A 26 -1.50 6.57 9.88
C LEU A 26 -2.56 7.34 10.68
N PRO A 27 -3.21 8.33 10.07
CA PRO A 27 -4.31 9.05 10.71
C PRO A 27 -5.52 8.13 10.85
N ILE A 28 -6.40 8.45 11.80
CA ILE A 28 -7.50 7.59 12.19
C ILE A 28 -8.75 7.78 11.34
N ASP A 29 -9.26 9.00 11.30
CA ASP A 29 -10.46 9.35 10.55
C ASP A 29 -10.32 9.28 9.03
N VAL A 30 -9.16 8.82 8.54
CA VAL A 30 -8.88 8.76 7.12
C VAL A 30 -9.54 7.53 6.53
N THR A 31 -10.00 7.67 5.27
CA THR A 31 -10.68 6.60 4.54
C THR A 31 -9.78 5.62 3.82
N GLU A 32 -10.39 4.56 3.29
CA GLU A 32 -9.68 3.52 2.59
C GLU A 32 -9.27 3.99 1.19
N GLY A 33 -9.90 5.05 0.70
CA GLY A 33 -9.58 5.61 -0.61
C GLY A 33 -8.34 6.49 -0.55
N GLU A 34 -8.00 6.99 0.63
CA GLU A 34 -6.82 7.84 0.80
C GLU A 34 -5.55 7.00 0.74
N VAL A 35 -5.58 5.82 1.37
CA VAL A 35 -4.45 4.89 1.35
C VAL A 35 -4.20 4.38 -0.07
N ILE A 36 -5.23 4.39 -0.91
CA ILE A 36 -5.10 4.02 -2.31
C ILE A 36 -4.66 5.22 -3.14
N SER A 37 -5.19 6.42 -2.80
CA SER A 37 -4.97 7.63 -3.59
C SER A 37 -3.49 8.04 -3.59
N LEU A 38 -2.76 7.73 -2.53
CA LEU A 38 -1.35 8.07 -2.42
C LEU A 38 -0.49 7.15 -3.30
N GLY A 39 -1.02 5.99 -3.72
CA GLY A 39 -0.29 5.02 -4.52
C GLY A 39 -0.79 4.94 -5.96
N LEU A 40 -1.82 5.72 -6.31
CA LEU A 40 -2.43 5.65 -7.62
C LEU A 40 -1.61 6.42 -8.66
N PRO A 41 -1.19 7.67 -8.38
CA PRO A 41 -0.35 8.42 -9.28
C PRO A 41 0.99 7.73 -9.51
N PHE A 42 1.32 6.70 -8.72
CA PHE A 42 2.54 5.93 -8.87
C PHE A 42 2.43 4.63 -9.64
N GLY A 43 1.20 4.24 -10.01
CA GLY A 43 0.93 3.03 -10.78
C GLY A 43 -0.34 2.34 -10.29
N LYS A 44 -0.65 1.19 -10.90
CA LYS A 44 -1.80 0.38 -10.53
C LYS A 44 -1.61 -0.19 -9.14
N VAL A 45 -2.68 -0.17 -8.32
CA VAL A 45 -2.71 -0.73 -6.98
C VAL A 45 -3.84 -1.73 -6.95
N THR A 46 -3.58 -2.94 -6.43
CA THR A 46 -4.55 -4.03 -6.49
C THR A 46 -4.93 -4.67 -5.16
N ASN A 47 -4.23 -4.30 -4.08
CA ASN A 47 -4.60 -4.74 -2.74
C ASN A 47 -4.41 -3.63 -1.71
N LEU A 48 -5.12 -3.78 -0.59
CA LEU A 48 -5.14 -2.79 0.47
C LEU A 48 -5.53 -3.48 1.78
N LEU A 49 -4.81 -3.15 2.84
CA LEU A 49 -5.19 -3.56 4.18
C LEU A 49 -5.10 -2.38 5.15
N MET A 50 -6.23 -2.07 5.80
CA MET A 50 -6.28 -1.14 6.90
C MET A 50 -6.03 -1.86 8.22
N LEU A 51 -5.31 -1.22 9.13
CA LEU A 51 -5.00 -1.80 10.43
C LEU A 51 -5.69 -1.01 11.54
N LYS A 52 -6.87 -0.42 11.27
CA LYS A 52 -7.56 0.41 12.26
C LYS A 52 -7.58 -0.27 13.62
N GLY A 53 -7.25 0.52 14.65
CA GLY A 53 -6.95 0.04 15.99
C GLY A 53 -5.43 0.16 16.21
N LYS A 54 -4.70 0.27 15.10
CA LYS A 54 -3.28 0.57 15.04
C LYS A 54 -3.08 1.66 14.00
N ASN A 55 -2.13 2.56 14.22
CA ASN A 55 -1.84 3.65 13.31
C ASN A 55 -1.01 3.17 12.12
N GLN A 56 -1.46 2.14 11.41
CA GLN A 56 -0.71 1.58 10.29
C GLN A 56 -1.61 1.13 9.14
N ALA A 57 -0.99 0.91 7.98
CA ALA A 57 -1.69 0.49 6.77
C ALA A 57 -0.75 -0.29 5.83
N PHE A 58 -1.34 -1.03 4.90
CA PHE A 58 -0.59 -1.80 3.91
C PHE A 58 -1.25 -1.74 2.54
N ILE A 59 -0.46 -1.77 1.46
CA ILE A 59 -1.00 -1.76 0.10
C ILE A 59 -0.11 -2.55 -0.84
N GLU A 60 -0.64 -2.95 -1.99
CA GLU A 60 0.11 -3.73 -2.98
C GLU A 60 -0.07 -3.15 -4.36
N MET A 61 1.04 -2.87 -5.05
CA MET A 61 1.01 -2.36 -6.40
C MET A 61 0.89 -3.54 -7.38
N ASN A 62 0.57 -3.27 -8.64
CA ASN A 62 0.53 -4.33 -9.64
C ASN A 62 1.94 -4.65 -10.13
N THR A 63 2.82 -3.64 -10.13
CA THR A 63 4.17 -3.78 -10.67
C THR A 63 5.29 -3.38 -9.71
N GLU A 64 6.46 -4.01 -9.91
CA GLU A 64 7.64 -3.69 -9.13
C GLU A 64 8.10 -2.26 -9.40
N GLU A 65 7.89 -1.77 -10.63
CA GLU A 65 8.29 -0.43 -11.01
C GLU A 65 7.39 0.61 -10.36
N ALA A 66 6.13 0.24 -10.10
CA ALA A 66 5.19 1.12 -9.44
C ALA A 66 5.57 1.30 -7.97
N ALA A 67 6.00 0.23 -7.30
CA ALA A 67 6.43 0.32 -5.93
C ALA A 67 7.82 0.95 -5.83
N ASN A 68 8.67 0.67 -6.82
CA ASN A 68 10.02 1.21 -6.85
C ASN A 68 9.98 2.73 -6.96
N THR A 69 9.14 3.25 -7.85
CA THR A 69 9.03 4.70 -8.03
C THR A 69 8.34 5.37 -6.84
N MET A 70 7.35 4.70 -6.27
CA MET A 70 6.57 5.23 -5.17
C MET A 70 7.43 5.54 -3.95
N VAL A 71 8.27 4.59 -3.52
CA VAL A 71 9.13 4.79 -2.38
C VAL A 71 10.31 5.66 -2.82
N ASN A 72 10.80 5.54 -4.06
CA ASN A 72 11.90 6.37 -4.53
C ASN A 72 11.51 7.85 -4.50
N TYR A 73 10.22 8.16 -4.55
CA TYR A 73 9.74 9.52 -4.31
C TYR A 73 9.50 9.77 -2.82
N TYR A 74 8.81 8.84 -2.15
CA TYR A 74 8.52 8.95 -0.74
C TYR A 74 9.71 8.79 0.22
N THR A 75 10.86 8.37 -0.32
CA THR A 75 12.09 8.25 0.45
C THR A 75 12.69 9.61 0.84
N SER A 76 12.12 10.68 0.27
CA SER A 76 12.55 12.05 0.52
C SER A 76 11.33 12.98 0.57
N VAL A 77 10.13 12.40 0.62
CA VAL A 77 8.89 13.15 0.66
C VAL A 77 7.90 12.40 1.54
N THR A 78 7.03 13.13 2.23
CA THR A 78 5.99 12.54 3.06
C THR A 78 4.59 12.58 2.44
N PRO A 79 3.89 11.46 2.35
CA PRO A 79 2.53 11.43 1.86
C PRO A 79 1.62 12.10 2.87
N VAL A 80 0.54 12.71 2.39
CA VAL A 80 -0.40 13.42 3.26
C VAL A 80 -1.78 12.85 3.02
N LEU A 81 -2.47 12.53 4.11
CA LEU A 81 -3.84 12.04 4.05
C LEU A 81 -4.71 12.93 4.94
N ARG A 82 -5.81 13.45 4.39
CA ARG A 82 -6.74 14.28 5.15
C ARG A 82 -6.04 15.48 5.78
N GLY A 83 -4.90 15.89 5.20
CA GLY A 83 -4.11 17.02 5.68
C GLY A 83 -3.07 16.62 6.73
N GLN A 84 -2.94 15.31 7.01
CA GLN A 84 -1.99 14.80 7.98
C GLN A 84 -0.92 13.93 7.32
N PRO A 85 0.34 14.40 7.27
CA PRO A 85 1.45 13.62 6.74
C PRO A 85 1.86 12.49 7.68
N ILE A 86 2.30 11.38 7.09
CA ILE A 86 2.78 10.22 7.84
C ILE A 86 3.89 9.50 7.10
N TYR A 87 4.67 8.71 7.84
CA TYR A 87 5.84 8.01 7.31
C TYR A 87 5.44 6.80 6.46
N ILE A 88 6.33 6.41 5.55
CA ILE A 88 6.13 5.29 4.65
C ILE A 88 7.43 4.51 4.46
N GLN A 89 7.32 3.20 4.26
CA GLN A 89 8.47 2.34 4.03
C GLN A 89 8.02 1.05 3.35
N PHE A 90 8.95 0.31 2.72
CA PHE A 90 8.60 -0.99 2.14
C PHE A 90 8.00 -1.99 3.11
N SER A 91 7.05 -2.81 2.66
CA SER A 91 6.45 -3.81 3.53
C SER A 91 7.29 -5.07 3.54
N ASN A 92 7.27 -5.81 4.66
CA ASN A 92 8.00 -7.05 4.79
C ASN A 92 7.24 -8.18 4.10
N HIS A 93 5.91 -8.02 3.97
CA HIS A 93 5.07 -9.01 3.32
C HIS A 93 5.31 -8.97 1.81
N LYS A 94 5.22 -10.12 1.14
CA LYS A 94 5.40 -10.18 -0.30
C LYS A 94 4.06 -10.04 -1.02
N GLU A 95 2.95 -10.08 -0.28
CA GLU A 95 1.61 -9.87 -0.81
C GLU A 95 0.63 -9.59 0.32
N LEU A 96 -0.48 -8.93 -0.03
CA LEU A 96 -1.54 -8.59 0.91
C LEU A 96 -2.41 -9.82 1.18
N LYS A 97 -2.47 -10.24 2.44
CA LYS A 97 -3.33 -11.34 2.88
C LYS A 97 -3.55 -11.26 4.39
N THR A 98 -4.78 -11.01 4.80
CA THR A 98 -5.14 -10.89 6.22
C THR A 98 -5.24 -12.21 6.98
N ASP A 99 -5.24 -12.12 8.31
CA ASP A 99 -5.31 -13.30 9.16
C ASP A 99 -5.94 -12.94 10.51
N SER A 100 -6.36 -11.69 10.71
CA SER A 100 -6.91 -11.25 11.98
C SER A 100 -7.75 -9.99 11.83
N SER A 101 -8.60 -9.71 12.82
CA SER A 101 -9.49 -8.55 12.92
C SER A 101 -10.51 -8.43 11.78
N PRO A 102 -11.76 -8.08 12.10
CA PRO A 102 -12.81 -7.85 11.12
C PRO A 102 -12.71 -6.46 10.49
N ASN A 103 -11.85 -5.58 11.01
CA ASN A 103 -11.77 -4.20 10.53
C ASN A 103 -11.28 -4.11 9.10
N GLN A 104 -10.60 -5.15 8.61
CA GLN A 104 -10.05 -5.17 7.25
C GLN A 104 -11.13 -5.49 6.22
N ALA A 105 -12.26 -6.05 6.66
CA ALA A 105 -13.29 -6.52 5.73
C ALA A 105 -13.90 -5.38 4.92
N ARG A 106 -13.87 -4.15 5.44
CA ARG A 106 -14.42 -2.99 4.74
C ARG A 106 -13.43 -2.45 3.72
N ALA A 107 -12.13 -2.67 3.93
CA ALA A 107 -11.11 -2.19 3.01
C ALA A 107 -11.13 -3.01 1.72
N GLN A 108 -11.68 -4.23 1.77
CA GLN A 108 -11.81 -5.07 0.59
C GLN A 108 -12.90 -4.55 -0.34
N ALA A 109 -13.81 -3.72 0.18
CA ALA A 109 -14.90 -3.16 -0.61
C ALA A 109 -14.46 -1.87 -1.32
N ALA A 110 -13.53 -1.12 -0.74
CA ALA A 110 -13.05 0.12 -1.35
C ALA A 110 -12.19 -0.18 -2.59
N LEU A 111 -11.52 -1.33 -2.62
CA LEU A 111 -10.71 -1.72 -3.75
C LEU A 111 -11.56 -1.96 -4.99
N GLN A 112 -12.85 -2.25 -4.79
CA GLN A 112 -13.74 -2.55 -5.90
C GLN A 112 -14.12 -1.27 -6.64
N ALA A 113 -14.05 -0.11 -5.97
CA ALA A 113 -14.33 1.17 -6.60
C ALA A 113 -13.13 1.63 -7.44
N VAL A 114 -11.95 1.12 -7.12
CA VAL A 114 -10.71 1.49 -7.83
C VAL A 114 -10.24 0.47 -8.86
N ASN A 115 -11.04 -0.57 -9.10
CA ASN A 115 -10.69 -1.64 -10.03
C ASN A 115 -11.86 -2.10 -10.89
N SER A 116 -13.08 -1.60 -10.64
CA SER A 116 -14.24 -1.94 -11.45
C SER A 116 -14.19 -1.19 -12.78
N VAL A 117 -14.78 -1.80 -13.82
CA VAL A 117 -14.73 -1.27 -15.18
C VAL A 117 -13.33 -1.17 -15.79
N GLN A 118 -13.23 -1.39 -17.11
CA GLN A 118 -11.98 -1.32 -17.84
C GLN A 118 -11.54 0.14 -18.07
N SER A 119 -12.36 1.10 -17.65
CA SER A 119 -12.09 2.52 -17.85
C SER A 119 -12.86 3.36 -16.83
N GLY A 120 -12.50 4.63 -16.72
CA GLY A 120 -13.17 5.57 -15.82
C GLY A 120 -14.56 5.95 -16.34
N ASN A 121 -15.29 6.73 -15.54
CA ASN A 121 -16.63 7.17 -15.92
C ASN A 121 -16.58 8.14 -17.10
N LEU A 122 -17.73 8.30 -17.77
CA LEU A 122 -17.87 9.22 -18.88
C LEU A 122 -17.86 10.66 -18.36
N ALA A 123 -17.56 11.61 -19.26
CA ALA A 123 -17.53 13.03 -18.92
C ALA A 123 -18.94 13.55 -18.61
N GLY A 1 26.72 -17.04 6.82
CA GLY A 1 25.50 -17.86 6.89
C GLY A 1 25.13 -18.40 5.52
N ASN A 2 23.84 -18.53 5.26
CA ASN A 2 23.33 -19.03 3.98
C ASN A 2 23.55 -18.02 2.86
N ASP A 3 23.47 -18.48 1.61
CA ASP A 3 23.64 -17.64 0.43
C ASP A 3 22.56 -16.58 0.27
N SER A 4 22.87 -15.52 -0.50
CA SER A 4 21.95 -14.43 -0.75
C SER A 4 22.29 -13.74 -2.07
N LYS A 5 21.34 -12.97 -2.60
CA LYS A 5 21.44 -12.36 -3.92
C LYS A 5 20.78 -10.98 -3.92
N LYS A 6 21.12 -10.15 -4.91
CA LYS A 6 20.57 -8.82 -5.07
C LYS A 6 19.08 -8.88 -5.39
N PHE A 7 18.58 -10.06 -5.78
CA PHE A 7 17.18 -10.28 -6.10
C PHE A 7 16.20 -10.28 -4.92
N LYS A 8 16.71 -10.03 -3.70
CA LYS A 8 15.92 -9.97 -2.49
C LYS A 8 16.39 -8.81 -1.61
N GLY A 9 15.57 -8.41 -0.64
CA GLY A 9 15.92 -7.34 0.28
C GLY A 9 14.86 -7.18 1.37
N ASP A 10 15.29 -6.80 2.58
CA ASP A 10 14.41 -6.62 3.72
C ASP A 10 13.80 -5.22 3.80
N SER A 11 12.74 -5.08 4.60
CA SER A 11 12.07 -3.80 4.80
C SER A 11 13.00 -2.79 5.47
N ARG A 12 14.06 -3.28 6.14
CA ARG A 12 15.02 -2.46 6.86
C ARG A 12 16.14 -1.98 5.94
N SER A 13 16.11 -2.37 4.66
CA SER A 13 17.18 -2.04 3.72
C SER A 13 16.65 -1.60 2.36
N ALA A 14 15.32 -1.57 2.20
CA ALA A 14 14.66 -1.17 0.96
C ALA A 14 15.11 -2.00 -0.25
N GLY A 15 14.64 -1.63 -1.44
CA GLY A 15 15.00 -2.32 -2.67
C GLY A 15 14.31 -3.67 -2.81
N VAL A 16 13.25 -3.90 -2.04
CA VAL A 16 12.54 -5.17 -2.04
C VAL A 16 12.03 -5.61 -3.41
N PRO A 17 12.01 -6.93 -3.66
CA PRO A 17 11.48 -7.52 -4.88
C PRO A 17 9.94 -7.52 -4.89
N SER A 18 9.32 -7.49 -3.71
CA SER A 18 7.88 -7.51 -3.58
C SER A 18 7.25 -6.17 -3.94
N ARG A 19 5.94 -6.18 -4.14
CA ARG A 19 5.19 -5.03 -4.60
C ARG A 19 4.47 -4.31 -3.46
N VAL A 20 4.99 -4.45 -2.24
CA VAL A 20 4.29 -4.03 -1.03
C VAL A 20 4.84 -2.77 -0.41
N ILE A 21 3.96 -1.89 0.07
CA ILE A 21 4.38 -0.70 0.78
C ILE A 21 3.75 -0.70 2.18
N HIS A 22 4.48 -0.10 3.12
CA HIS A 22 4.03 0.02 4.50
C HIS A 22 3.93 1.50 4.86
N ILE A 23 2.79 1.92 5.42
CA ILE A 23 2.63 3.27 5.92
C ILE A 23 2.58 3.23 7.45
N ARG A 24 3.18 4.22 8.10
CA ARG A 24 3.33 4.27 9.54
C ARG A 24 2.82 5.61 10.05
N LYS A 25 2.50 5.70 11.35
CA LYS A 25 1.92 6.91 11.95
C LYS A 25 0.62 7.31 11.25
N LEU A 26 -0.06 6.33 10.64
CA LEU A 26 -1.29 6.55 9.88
C LEU A 26 -2.31 7.34 10.71
N PRO A 27 -3.04 8.29 10.10
CA PRO A 27 -4.09 9.02 10.78
C PRO A 27 -5.27 8.12 11.13
N ILE A 28 -6.32 8.71 11.72
CA ILE A 28 -7.48 7.98 12.17
C ILE A 28 -8.71 8.25 11.33
N ASP A 29 -8.87 9.53 10.97
CA ASP A 29 -9.99 10.00 10.18
C ASP A 29 -9.90 9.58 8.73
N VAL A 30 -8.71 9.12 8.33
CA VAL A 30 -8.37 8.76 6.98
C VAL A 30 -9.03 7.42 6.64
N THR A 31 -9.30 7.22 5.35
CA THR A 31 -10.04 6.06 4.83
C THR A 31 -9.30 5.18 3.84
N GLU A 32 -9.97 4.11 3.45
CA GLU A 32 -9.39 3.10 2.59
C GLU A 32 -9.07 3.64 1.20
N GLY A 33 -9.91 4.55 0.68
CA GLY A 33 -9.70 5.11 -0.64
C GLY A 33 -8.55 6.12 -0.64
N GLU A 34 -8.18 6.62 0.55
CA GLU A 34 -7.13 7.61 0.67
C GLU A 34 -5.75 6.95 0.73
N VAL A 35 -5.66 5.77 1.34
CA VAL A 35 -4.43 4.98 1.35
C VAL A 35 -4.15 4.48 -0.07
N ILE A 36 -5.21 4.29 -0.86
CA ILE A 36 -5.06 3.92 -2.26
C ILE A 36 -4.72 5.15 -3.09
N SER A 37 -5.30 6.30 -2.75
CA SER A 37 -5.17 7.52 -3.53
C SER A 37 -3.73 8.03 -3.57
N LEU A 38 -2.97 7.85 -2.48
CA LEU A 38 -1.58 8.29 -2.43
C LEU A 38 -0.66 7.36 -3.22
N GLY A 39 -1.14 6.15 -3.57
CA GLY A 39 -0.34 5.20 -4.33
C GLY A 39 -0.76 5.12 -5.80
N LEU A 40 -1.81 5.85 -6.17
CA LEU A 40 -2.37 5.77 -7.51
C LEU A 40 -1.55 6.57 -8.52
N PRO A 41 -1.17 7.82 -8.20
CA PRO A 41 -0.31 8.60 -9.08
C PRO A 41 1.06 7.94 -9.29
N PHE A 42 1.36 6.90 -8.52
CA PHE A 42 2.61 6.16 -8.63
C PHE A 42 2.56 4.86 -9.43
N GLY A 43 1.36 4.47 -9.88
CA GLY A 43 1.15 3.25 -10.63
C GLY A 43 -0.14 2.56 -10.19
N LYS A 44 -0.43 1.40 -10.78
CA LYS A 44 -1.62 0.64 -10.49
C LYS A 44 -1.55 0.02 -9.09
N VAL A 45 -2.61 0.23 -8.29
CA VAL A 45 -2.75 -0.37 -6.96
C VAL A 45 -3.80 -1.47 -7.04
N THR A 46 -3.49 -2.65 -6.48
CA THR A 46 -4.36 -3.80 -6.60
C THR A 46 -4.68 -4.55 -5.29
N ASN A 47 -4.12 -4.08 -4.16
CA ASN A 47 -4.45 -4.60 -2.84
C ASN A 47 -4.39 -3.52 -1.78
N LEU A 48 -5.00 -3.80 -0.63
CA LEU A 48 -5.10 -2.86 0.46
C LEU A 48 -5.43 -3.59 1.76
N LEU A 49 -4.76 -3.17 2.84
CA LEU A 49 -5.11 -3.56 4.20
C LEU A 49 -5.06 -2.34 5.11
N MET A 50 -6.24 -1.90 5.58
CA MET A 50 -6.34 -0.89 6.61
C MET A 50 -6.09 -1.56 7.96
N LEU A 51 -5.09 -1.08 8.70
CA LEU A 51 -4.70 -1.70 9.95
C LEU A 51 -5.33 -1.00 11.15
N LYS A 52 -6.59 -0.54 11.03
CA LYS A 52 -7.22 0.21 12.09
C LYS A 52 -7.16 -0.52 13.42
N GLY A 53 -6.99 0.26 14.48
CA GLY A 53 -6.66 -0.23 15.81
C GLY A 53 -5.17 0.00 16.05
N LYS A 54 -4.43 0.31 14.98
CA LYS A 54 -3.02 0.67 15.02
C LYS A 54 -2.74 1.69 13.92
N ASN A 55 -1.68 2.48 14.09
CA ASN A 55 -1.33 3.57 13.21
C ASN A 55 -0.51 3.10 12.01
N GLN A 56 -0.96 2.04 11.33
CA GLN A 56 -0.26 1.50 10.18
C GLN A 56 -1.24 1.16 9.06
N ALA A 57 -0.69 1.00 7.85
CA ALA A 57 -1.46 0.58 6.69
C ALA A 57 -0.55 -0.19 5.72
N PHE A 58 -1.16 -0.99 4.86
CA PHE A 58 -0.43 -1.76 3.86
C PHE A 58 -1.15 -1.76 2.53
N ILE A 59 -0.40 -1.78 1.43
CA ILE A 59 -0.98 -1.80 0.09
C ILE A 59 -0.06 -2.59 -0.84
N GLU A 60 -0.59 -3.09 -1.96
CA GLU A 60 0.24 -3.76 -2.93
C GLU A 60 -0.03 -3.23 -4.33
N MET A 61 1.06 -2.98 -5.06
CA MET A 61 0.99 -2.45 -6.40
C MET A 61 0.92 -3.63 -7.38
N ASN A 62 0.38 -3.39 -8.56
CA ASN A 62 0.32 -4.43 -9.57
C ASN A 62 1.70 -4.68 -10.19
N THR A 63 2.55 -3.65 -10.15
CA THR A 63 3.92 -3.75 -10.66
C THR A 63 5.00 -3.42 -9.64
N GLU A 64 6.14 -4.09 -9.75
CA GLU A 64 7.29 -3.83 -8.90
C GLU A 64 7.85 -2.44 -9.18
N GLU A 65 7.70 -1.95 -10.41
CA GLU A 65 8.19 -0.64 -10.78
C GLU A 65 7.29 0.45 -10.18
N ALA A 66 6.00 0.15 -9.98
CA ALA A 66 5.10 1.08 -9.34
C ALA A 66 5.43 1.20 -7.85
N ALA A 67 5.81 0.09 -7.22
CA ALA A 67 6.21 0.11 -5.83
C ALA A 67 7.59 0.75 -5.67
N ASN A 68 8.48 0.47 -6.63
CA ASN A 68 9.82 1.00 -6.62
C ASN A 68 9.81 2.53 -6.73
N THR A 69 9.00 3.07 -7.65
CA THR A 69 8.91 4.51 -7.84
C THR A 69 8.20 5.22 -6.70
N MET A 70 7.17 4.57 -6.14
CA MET A 70 6.39 5.14 -5.05
C MET A 70 7.25 5.47 -3.85
N VAL A 71 8.05 4.51 -3.37
CA VAL A 71 8.89 4.74 -2.22
C VAL A 71 10.08 5.59 -2.63
N ASN A 72 10.59 5.45 -3.86
CA ASN A 72 11.73 6.23 -4.31
C ASN A 72 11.42 7.72 -4.34
N TYR A 73 10.14 8.11 -4.43
CA TYR A 73 9.76 9.50 -4.32
C TYR A 73 9.46 9.75 -2.83
N TYR A 74 8.69 8.86 -2.19
CA TYR A 74 8.35 8.99 -0.78
C TYR A 74 9.51 8.82 0.20
N THR A 75 10.68 8.40 -0.29
CA THR A 75 11.89 8.30 0.50
C THR A 75 12.53 9.66 0.79
N SER A 76 12.02 10.71 0.15
CA SER A 76 12.49 12.07 0.33
C SER A 76 11.31 13.01 0.64
N VAL A 77 10.09 12.53 0.45
CA VAL A 77 8.88 13.29 0.74
C VAL A 77 7.88 12.52 1.59
N THR A 78 7.03 13.23 2.33
CA THR A 78 5.98 12.62 3.12
C THR A 78 4.59 12.75 2.51
N PRO A 79 3.83 11.65 2.37
CA PRO A 79 2.47 11.71 1.88
C PRO A 79 1.59 12.38 2.92
N VAL A 80 0.58 13.14 2.47
CA VAL A 80 -0.33 13.83 3.36
C VAL A 80 -1.73 13.32 3.13
N LEU A 81 -2.44 13.06 4.23
CA LEU A 81 -3.82 12.62 4.19
C LEU A 81 -4.64 13.43 5.19
N ARG A 82 -5.73 14.05 4.73
CA ARG A 82 -6.56 14.93 5.56
C ARG A 82 -5.73 16.05 6.19
N GLY A 83 -4.64 16.42 5.53
CA GLY A 83 -3.73 17.46 5.98
C GLY A 83 -2.68 16.94 6.96
N GLN A 84 -2.69 15.64 7.25
CA GLN A 84 -1.72 15.04 8.17
C GLN A 84 -0.70 14.21 7.41
N PRO A 85 0.57 14.67 7.36
CA PRO A 85 1.66 13.89 6.78
C PRO A 85 2.02 12.73 7.68
N ILE A 86 2.28 11.57 7.07
CA ILE A 86 2.66 10.36 7.80
C ILE A 86 3.71 9.59 7.03
N TYR A 87 4.48 8.78 7.76
CA TYR A 87 5.63 8.07 7.22
C TYR A 87 5.33 6.87 6.32
N ILE A 88 6.27 6.54 5.43
CA ILE A 88 6.11 5.43 4.50
C ILE A 88 7.45 4.77 4.22
N GLN A 89 7.43 3.46 4.00
CA GLN A 89 8.61 2.68 3.65
C GLN A 89 8.19 1.34 3.05
N PHE A 90 9.14 0.52 2.60
CA PHE A 90 8.84 -0.82 2.12
C PHE A 90 8.32 -1.79 3.17
N SER A 91 7.44 -2.73 2.79
CA SER A 91 6.93 -3.72 3.71
C SER A 91 7.77 -4.99 3.66
N ASN A 92 7.82 -5.73 4.78
CA ASN A 92 8.54 -7.00 4.85
C ASN A 92 7.65 -8.12 4.35
N HIS A 93 6.34 -7.88 4.23
CA HIS A 93 5.40 -8.86 3.71
C HIS A 93 5.59 -9.05 2.22
N LYS A 94 5.33 -10.26 1.72
CA LYS A 94 5.47 -10.56 0.30
C LYS A 94 4.22 -10.16 -0.49
N GLU A 95 3.06 -10.12 0.17
CA GLU A 95 1.79 -9.77 -0.46
C GLU A 95 0.74 -9.45 0.58
N LEU A 96 -0.32 -8.77 0.14
CA LEU A 96 -1.43 -8.36 0.97
C LEU A 96 -2.40 -9.52 1.17
N LYS A 97 -2.77 -9.77 2.42
CA LYS A 97 -3.79 -10.75 2.79
C LYS A 97 -4.28 -10.50 4.22
N THR A 98 -5.55 -10.09 4.35
CA THR A 98 -6.16 -9.87 5.66
C THR A 98 -6.51 -11.15 6.41
N ASP A 99 -6.43 -11.13 7.75
CA ASP A 99 -6.73 -12.32 8.53
C ASP A 99 -7.13 -12.08 9.99
N SER A 100 -6.31 -11.32 10.74
CA SER A 100 -6.46 -11.20 12.18
C SER A 100 -7.59 -10.27 12.62
N SER A 101 -8.31 -9.64 11.68
CA SER A 101 -9.38 -8.72 12.05
C SER A 101 -10.50 -8.66 11.00
N PRO A 102 -11.75 -8.45 11.43
CA PRO A 102 -12.89 -8.26 10.54
C PRO A 102 -12.75 -7.02 9.64
N ASN A 103 -11.68 -6.23 9.82
CA ASN A 103 -11.44 -5.04 9.00
C ASN A 103 -11.27 -5.40 7.51
N GLN A 104 -11.21 -6.70 7.19
CA GLN A 104 -11.12 -7.16 5.81
C GLN A 104 -12.38 -6.80 5.02
N ALA A 105 -13.52 -6.72 5.70
CA ALA A 105 -14.80 -6.47 5.03
C ALA A 105 -14.89 -5.04 4.52
N ARG A 106 -14.17 -4.10 5.14
CA ARG A 106 -14.19 -2.71 4.71
C ARG A 106 -13.12 -2.49 3.64
N ALA A 107 -11.94 -3.07 3.83
CA ALA A 107 -10.85 -2.91 2.88
C ALA A 107 -11.19 -3.54 1.54
N GLN A 108 -11.94 -4.65 1.55
CA GLN A 108 -12.37 -5.30 0.33
C GLN A 108 -13.42 -4.46 -0.39
N ALA A 109 -14.26 -3.73 0.36
CA ALA A 109 -15.32 -2.94 -0.23
C ALA A 109 -14.75 -1.73 -0.96
N ALA A 110 -13.66 -1.16 -0.43
CA ALA A 110 -13.00 -0.04 -1.06
C ALA A 110 -12.22 -0.47 -2.30
N LEU A 111 -11.63 -1.66 -2.28
CA LEU A 111 -10.86 -2.16 -3.41
C LEU A 111 -11.76 -2.43 -4.60
N GLN A 112 -13.03 -2.78 -4.36
CA GLN A 112 -13.96 -3.06 -5.44
C GLN A 112 -14.46 -1.77 -6.09
N ALA A 113 -14.16 -0.61 -5.50
CA ALA A 113 -14.41 0.67 -6.14
C ALA A 113 -13.24 1.06 -7.03
N VAL A 114 -12.06 0.52 -6.76
CA VAL A 114 -10.85 0.82 -7.54
C VAL A 114 -10.44 -0.29 -8.51
N ASN A 115 -11.24 -1.36 -8.58
CA ASN A 115 -11.01 -2.50 -9.44
C ASN A 115 -12.32 -3.00 -10.02
N SER A 116 -12.27 -3.64 -11.20
CA SER A 116 -13.45 -4.19 -11.84
C SER A 116 -13.08 -5.26 -12.85
N VAL A 117 -13.98 -6.22 -13.06
CA VAL A 117 -13.80 -7.27 -14.06
C VAL A 117 -13.89 -6.67 -15.46
N GLN A 118 -14.60 -5.55 -15.58
CA GLN A 118 -14.82 -4.81 -16.82
C GLN A 118 -15.26 -5.71 -17.99
N SER A 119 -16.00 -6.78 -17.69
CA SER A 119 -16.50 -7.68 -18.72
C SER A 119 -17.62 -7.03 -19.55
N GLY A 120 -18.05 -5.83 -19.16
CA GLY A 120 -19.10 -5.10 -19.85
C GLY A 120 -19.34 -3.73 -19.21
N ASN A 121 -20.40 -3.05 -19.62
CA ASN A 121 -20.77 -1.76 -19.06
C ASN A 121 -21.62 -1.90 -17.80
N LEU A 122 -21.96 -3.13 -17.40
CA LEU A 122 -22.79 -3.42 -16.24
C LEU A 122 -24.13 -2.68 -16.31
N ALA A 123 -24.59 -2.32 -17.51
CA ALA A 123 -25.84 -1.59 -17.70
C ALA A 123 -26.46 -1.93 -19.06
N GLY A 1 23.22 -0.25 4.68
CA GLY A 1 21.96 0.42 4.35
C GLY A 1 21.51 0.08 2.94
N ASN A 2 21.01 1.09 2.21
CA ASN A 2 20.54 0.92 0.85
C ASN A 2 21.71 0.61 -0.09
N ASP A 3 21.41 0.01 -1.24
CA ASP A 3 22.39 -0.34 -2.26
C ASP A 3 21.84 -0.33 -3.69
N SER A 4 22.73 -0.38 -4.67
CA SER A 4 22.37 -0.37 -6.09
C SER A 4 21.69 -1.66 -6.50
N LYS A 5 21.87 -2.74 -5.71
CA LYS A 5 21.32 -4.05 -6.01
C LYS A 5 19.81 -4.10 -5.75
N LYS A 6 19.13 -5.07 -6.37
CA LYS A 6 17.70 -5.26 -6.24
C LYS A 6 17.32 -6.72 -6.06
N PHE A 7 18.31 -7.61 -5.89
CA PHE A 7 18.08 -9.03 -5.72
C PHE A 7 17.40 -9.44 -4.41
N LYS A 8 17.38 -8.54 -3.43
CA LYS A 8 16.73 -8.75 -2.15
C LYS A 8 16.49 -7.41 -1.47
N GLY A 9 15.73 -7.42 -0.38
CA GLY A 9 15.44 -6.22 0.40
C GLY A 9 14.43 -6.52 1.50
N ASP A 10 14.08 -5.49 2.28
CA ASP A 10 13.12 -5.62 3.37
C ASP A 10 12.33 -4.36 3.66
N SER A 11 11.53 -4.40 4.73
CA SER A 11 10.67 -3.30 5.12
C SER A 11 11.46 -2.09 5.63
N ARG A 12 12.79 -2.16 5.61
CA ARG A 12 13.64 -1.09 6.15
C ARG A 12 14.82 -0.79 5.21
N SER A 13 14.69 -1.16 3.94
CA SER A 13 15.71 -0.88 2.93
C SER A 13 15.10 -0.69 1.56
N ALA A 14 15.73 0.13 0.72
CA ALA A 14 15.25 0.47 -0.60
C ALA A 14 15.64 -0.58 -1.65
N GLY A 15 15.08 -0.44 -2.85
CA GLY A 15 15.42 -1.29 -3.99
C GLY A 15 14.80 -2.67 -3.94
N VAL A 16 13.96 -2.95 -2.94
CA VAL A 16 13.34 -4.26 -2.79
C VAL A 16 12.56 -4.71 -4.04
N PRO A 17 12.65 -5.99 -4.40
CA PRO A 17 11.92 -6.58 -5.51
C PRO A 17 10.44 -6.76 -5.18
N SER A 18 10.05 -6.53 -3.93
CA SER A 18 8.68 -6.68 -3.47
C SER A 18 7.79 -5.55 -3.97
N ARG A 19 6.49 -5.86 -4.12
CA ARG A 19 5.50 -4.94 -4.65
C ARG A 19 4.64 -4.33 -3.55
N VAL A 20 5.14 -4.38 -2.31
CA VAL A 20 4.36 -4.01 -1.14
C VAL A 20 4.89 -2.77 -0.44
N ILE A 21 3.97 -1.92 0.02
CA ILE A 21 4.33 -0.70 0.75
C ILE A 21 3.66 -0.70 2.12
N HIS A 22 4.30 0.00 3.06
CA HIS A 22 3.84 0.12 4.43
C HIS A 22 3.80 1.59 4.81
N ILE A 23 2.90 1.95 5.73
CA ILE A 23 2.70 3.32 6.17
C ILE A 23 2.84 3.39 7.68
N ARG A 24 3.34 4.51 8.20
CA ARG A 24 3.58 4.68 9.64
C ARG A 24 3.03 6.03 10.08
N LYS A 25 2.60 6.13 11.34
CA LYS A 25 1.91 7.30 11.87
C LYS A 25 0.63 7.60 11.10
N LEU A 26 0.03 6.57 10.48
CA LEU A 26 -1.20 6.68 9.71
C LEU A 26 -2.27 7.41 10.52
N PRO A 27 -3.04 8.34 9.92
CA PRO A 27 -4.10 9.03 10.63
C PRO A 27 -5.26 8.08 10.93
N ILE A 28 -6.09 8.45 11.89
CA ILE A 28 -7.21 7.62 12.34
C ILE A 28 -8.48 7.91 11.54
N ASP A 29 -8.67 9.18 11.18
CA ASP A 29 -9.86 9.63 10.48
C ASP A 29 -9.70 9.31 8.98
N VAL A 30 -8.52 8.84 8.59
CA VAL A 30 -8.22 8.54 7.19
C VAL A 30 -8.94 7.26 6.79
N THR A 31 -9.45 7.26 5.56
CA THR A 31 -10.19 6.15 4.98
C THR A 31 -9.38 5.23 4.10
N GLU A 32 -10.02 4.15 3.64
CA GLU A 32 -9.37 3.17 2.80
C GLU A 32 -9.03 3.73 1.43
N GLY A 33 -9.78 4.74 0.98
CA GLY A 33 -9.55 5.34 -0.32
C GLY A 33 -8.35 6.27 -0.28
N GLU A 34 -7.99 6.77 0.91
CA GLU A 34 -6.86 7.67 1.07
C GLU A 34 -5.54 6.90 0.97
N VAL A 35 -5.49 5.71 1.59
CA VAL A 35 -4.30 4.87 1.57
C VAL A 35 -4.02 4.40 0.15
N ILE A 36 -5.07 4.27 -0.66
CA ILE A 36 -4.93 3.90 -2.06
C ILE A 36 -4.58 5.12 -2.90
N SER A 37 -5.14 6.29 -2.54
CA SER A 37 -5.00 7.51 -3.31
C SER A 37 -3.56 8.01 -3.37
N LEU A 38 -2.77 7.76 -2.33
CA LEU A 38 -1.39 8.22 -2.29
C LEU A 38 -0.48 7.33 -3.14
N GLY A 39 -0.93 6.13 -3.50
CA GLY A 39 -0.15 5.19 -4.29
C GLY A 39 -0.65 5.06 -5.73
N LEU A 40 -1.72 5.78 -6.08
CA LEU A 40 -2.35 5.68 -7.38
C LEU A 40 -1.57 6.48 -8.43
N PRO A 41 -1.19 7.74 -8.15
CA PRO A 41 -0.36 8.50 -9.06
C PRO A 41 1.00 7.86 -9.31
N PHE A 42 1.32 6.75 -8.63
CA PHE A 42 2.58 6.03 -8.78
C PHE A 42 2.51 4.70 -9.53
N GLY A 43 1.32 4.35 -10.03
CA GLY A 43 1.06 3.13 -10.76
C GLY A 43 -0.17 2.42 -10.22
N LYS A 44 -0.57 1.31 -10.86
CA LYS A 44 -1.72 0.53 -10.41
C LYS A 44 -1.40 -0.09 -9.05
N VAL A 45 -2.40 -0.11 -8.17
CA VAL A 45 -2.32 -0.73 -6.86
C VAL A 45 -3.65 -1.43 -6.68
N THR A 46 -3.59 -2.70 -6.25
CA THR A 46 -4.77 -3.56 -6.24
C THR A 46 -5.05 -4.28 -4.93
N ASN A 47 -4.24 -4.00 -3.91
CA ASN A 47 -4.44 -4.57 -2.58
C ASN A 47 -4.39 -3.48 -1.51
N LEU A 48 -4.89 -3.82 -0.32
CA LEU A 48 -5.00 -2.88 0.78
C LEU A 48 -5.30 -3.62 2.08
N LEU A 49 -4.64 -3.20 3.15
CA LEU A 49 -4.99 -3.62 4.50
C LEU A 49 -4.82 -2.47 5.50
N MET A 50 -5.90 -2.18 6.24
CA MET A 50 -5.88 -1.29 7.38
C MET A 50 -5.56 -2.08 8.65
N LEU A 51 -4.98 -1.40 9.64
CA LEU A 51 -4.69 -2.00 10.95
C LEU A 51 -5.32 -1.16 12.04
N LYS A 52 -6.59 -0.74 11.85
CA LYS A 52 -7.27 0.10 12.82
C LYS A 52 -7.09 -0.47 14.22
N GLY A 53 -6.52 0.37 15.09
CA GLY A 53 -6.05 -0.03 16.41
C GLY A 53 -4.55 0.26 16.52
N LYS A 54 -3.90 0.51 15.38
CA LYS A 54 -2.53 1.00 15.31
C LYS A 54 -2.41 1.99 14.16
N ASN A 55 -1.35 2.80 14.18
CA ASN A 55 -1.14 3.86 13.20
C ASN A 55 -0.30 3.37 12.01
N GLN A 56 -0.65 2.22 11.45
CA GLN A 56 0.08 1.66 10.32
C GLN A 56 -0.89 1.13 9.26
N ALA A 57 -0.40 1.00 8.02
CA ALA A 57 -1.19 0.49 6.92
C ALA A 57 -0.34 -0.30 5.93
N PHE A 58 -1.02 -0.98 5.00
CA PHE A 58 -0.39 -1.83 4.00
C PHE A 58 -1.12 -1.82 2.66
N ILE A 59 -0.37 -1.91 1.56
CA ILE A 59 -0.95 -1.92 0.21
C ILE A 59 -0.03 -2.69 -0.73
N GLU A 60 -0.57 -3.20 -1.85
CA GLU A 60 0.24 -3.89 -2.84
C GLU A 60 0.00 -3.33 -4.23
N MET A 61 1.10 -2.96 -4.88
CA MET A 61 1.09 -2.40 -6.21
C MET A 61 0.96 -3.54 -7.23
N ASN A 62 0.50 -3.24 -8.44
CA ASN A 62 0.40 -4.26 -9.47
C ASN A 62 1.80 -4.62 -9.99
N THR A 63 2.69 -3.63 -10.02
CA THR A 63 4.05 -3.81 -10.53
C THR A 63 5.14 -3.45 -9.52
N GLU A 64 6.31 -4.06 -9.67
CA GLU A 64 7.47 -3.75 -8.85
C GLU A 64 8.00 -2.36 -9.18
N GLU A 65 7.83 -1.92 -10.43
CA GLU A 65 8.29 -0.60 -10.84
C GLU A 65 7.39 0.49 -10.25
N ALA A 66 6.11 0.18 -10.04
CA ALA A 66 5.18 1.09 -9.38
C ALA A 66 5.54 1.22 -7.90
N ALA A 67 5.91 0.10 -7.25
CA ALA A 67 6.31 0.14 -5.86
C ALA A 67 7.68 0.81 -5.72
N ASN A 68 8.57 0.54 -6.67
CA ASN A 68 9.91 1.11 -6.67
C ASN A 68 9.87 2.62 -6.83
N THR A 69 9.06 3.13 -7.77
CA THR A 69 8.95 4.57 -7.99
C THR A 69 8.23 5.28 -6.86
N MET A 70 7.23 4.62 -6.28
CA MET A 70 6.42 5.18 -5.21
C MET A 70 7.29 5.56 -4.01
N VAL A 71 8.09 4.62 -3.50
CA VAL A 71 8.94 4.88 -2.35
C VAL A 71 10.11 5.72 -2.79
N ASN A 72 10.63 5.56 -4.02
CA ASN A 72 11.75 6.36 -4.49
C ASN A 72 11.39 7.85 -4.52
N TYR A 73 10.09 8.17 -4.62
CA TYR A 73 9.64 9.53 -4.43
C TYR A 73 9.35 9.84 -2.97
N TYR A 74 8.63 8.94 -2.30
CA TYR A 74 8.29 9.09 -0.90
C TYR A 74 9.46 8.95 0.10
N THR A 75 10.62 8.53 -0.39
CA THR A 75 11.83 8.42 0.42
C THR A 75 12.42 9.78 0.79
N SER A 76 11.92 10.83 0.14
CA SER A 76 12.33 12.21 0.37
C SER A 76 11.11 13.14 0.38
N VAL A 77 9.90 12.56 0.40
CA VAL A 77 8.67 13.32 0.39
C VAL A 77 7.67 12.60 1.28
N THR A 78 6.82 13.34 1.99
CA THR A 78 5.77 12.79 2.81
C THR A 78 4.39 12.87 2.18
N PRO A 79 3.65 11.76 2.08
CA PRO A 79 2.31 11.77 1.57
C PRO A 79 1.37 12.43 2.58
N VAL A 80 0.47 13.28 2.09
CA VAL A 80 -0.52 13.92 2.96
C VAL A 80 -1.88 13.27 2.71
N LEU A 81 -2.58 12.95 3.80
CA LEU A 81 -3.91 12.39 3.73
C LEU A 81 -4.85 13.24 4.58
N ARG A 82 -5.89 13.78 3.94
CA ARG A 82 -6.89 14.59 4.64
C ARG A 82 -6.26 15.73 5.43
N GLY A 83 -5.07 16.18 4.99
CA GLY A 83 -4.36 17.29 5.58
C GLY A 83 -3.28 16.87 6.58
N GLN A 84 -3.08 15.58 6.82
CA GLN A 84 -2.03 15.11 7.73
C GLN A 84 -0.99 14.28 7.00
N PRO A 85 0.26 14.77 6.94
CA PRO A 85 1.39 14.03 6.39
C PRO A 85 1.81 12.91 7.33
N ILE A 86 2.14 11.75 6.77
CA ILE A 86 2.56 10.58 7.54
C ILE A 86 3.63 9.80 6.78
N TYR A 87 4.41 9.03 7.54
CA TYR A 87 5.54 8.29 7.03
C TYR A 87 5.20 7.08 6.16
N ILE A 88 6.13 6.66 5.32
CA ILE A 88 5.94 5.52 4.42
C ILE A 88 7.26 4.81 4.17
N GLN A 89 7.19 3.48 4.06
CA GLN A 89 8.35 2.65 3.76
C GLN A 89 7.93 1.38 2.99
N PHE A 90 8.90 0.54 2.63
CA PHE A 90 8.60 -0.78 2.07
C PHE A 90 8.02 -1.78 3.05
N SER A 91 7.48 -2.89 2.55
CA SER A 91 6.97 -3.96 3.40
C SER A 91 7.73 -5.26 3.15
N ASN A 92 7.90 -6.07 4.20
CA ASN A 92 8.59 -7.35 4.11
C ASN A 92 7.63 -8.48 3.78
N HIS A 93 6.32 -8.22 3.84
CA HIS A 93 5.32 -9.21 3.48
C HIS A 93 5.37 -9.45 1.98
N LYS A 94 5.15 -10.70 1.55
CA LYS A 94 5.22 -11.04 0.13
C LYS A 94 3.98 -10.58 -0.61
N GLU A 95 2.85 -10.46 0.10
CA GLU A 95 1.58 -10.03 -0.48
C GLU A 95 0.58 -9.68 0.62
N LEU A 96 -0.42 -8.89 0.23
CA LEU A 96 -1.49 -8.46 1.12
C LEU A 96 -2.46 -9.60 1.34
N LYS A 97 -2.76 -9.87 2.62
CA LYS A 97 -3.71 -10.90 3.02
C LYS A 97 -4.18 -10.64 4.45
N THR A 98 -5.24 -11.31 4.89
CA THR A 98 -5.80 -11.17 6.24
C THR A 98 -6.24 -12.48 6.86
N ASP A 99 -6.48 -12.48 8.18
CA ASP A 99 -6.81 -13.71 8.89
C ASP A 99 -7.72 -13.55 10.12
N SER A 100 -7.75 -12.37 10.74
CA SER A 100 -8.50 -12.21 11.98
C SER A 100 -8.95 -10.76 12.22
N SER A 101 -9.82 -10.24 11.35
CA SER A 101 -10.42 -8.93 11.56
C SER A 101 -11.67 -8.77 10.71
N PRO A 102 -12.62 -7.94 11.16
CA PRO A 102 -13.78 -7.54 10.38
C PRO A 102 -13.39 -6.47 9.35
N ASN A 103 -12.18 -5.90 9.50
CA ASN A 103 -11.69 -4.85 8.62
C ASN A 103 -11.39 -5.37 7.21
N GLN A 104 -11.38 -6.69 7.03
CA GLN A 104 -11.22 -7.30 5.71
C GLN A 104 -12.39 -6.93 4.80
N ALA A 105 -13.60 -6.87 5.36
CA ALA A 105 -14.78 -6.55 4.57
C ALA A 105 -14.79 -5.07 4.18
N ARG A 106 -14.15 -4.22 5.00
CA ARG A 106 -14.08 -2.79 4.74
C ARG A 106 -12.98 -2.48 3.70
N ALA A 107 -11.84 -3.15 3.81
CA ALA A 107 -10.74 -2.94 2.89
C ALA A 107 -11.07 -3.52 1.52
N GLN A 108 -11.83 -4.63 1.49
CA GLN A 108 -12.22 -5.24 0.23
C GLN A 108 -13.28 -4.41 -0.49
N ALA A 109 -14.16 -3.72 0.25
CA ALA A 109 -15.20 -2.91 -0.36
C ALA A 109 -14.61 -1.66 -1.01
N ALA A 110 -13.53 -1.11 -0.44
CA ALA A 110 -12.88 0.07 -0.99
C ALA A 110 -12.08 -0.26 -2.24
N LEU A 111 -11.45 -1.44 -2.29
CA LEU A 111 -10.64 -1.84 -3.44
C LEU A 111 -11.51 -2.05 -4.67
N GLN A 112 -12.79 -2.38 -4.48
CA GLN A 112 -13.69 -2.60 -5.59
C GLN A 112 -14.17 -1.29 -6.20
N ALA A 113 -13.98 -0.17 -5.50
CA ALA A 113 -14.30 1.14 -6.04
C ALA A 113 -13.14 1.66 -6.90
N VAL A 114 -11.92 1.15 -6.65
CA VAL A 114 -10.74 1.58 -7.38
C VAL A 114 -10.30 0.62 -8.50
N ASN A 115 -11.07 -0.45 -8.71
CA ASN A 115 -10.75 -1.46 -9.71
C ASN A 115 -12.00 -1.90 -10.50
N SER A 116 -13.14 -1.27 -10.24
CA SER A 116 -14.38 -1.59 -10.93
C SER A 116 -15.34 -0.39 -10.86
N VAL A 117 -16.42 -0.43 -11.65
CA VAL A 117 -17.39 0.66 -11.69
C VAL A 117 -18.13 0.83 -10.37
N GLN A 118 -18.44 2.08 -10.01
CA GLN A 118 -19.14 2.40 -8.77
C GLN A 118 -20.63 2.07 -8.85
N SER A 119 -21.11 1.60 -10.01
CA SER A 119 -22.50 1.27 -10.23
C SER A 119 -22.90 0.00 -9.46
N GLY A 120 -24.21 -0.20 -9.31
CA GLY A 120 -24.75 -1.37 -8.64
C GLY A 120 -24.65 -2.62 -9.51
N ASN A 121 -25.09 -3.76 -8.97
CA ASN A 121 -25.09 -5.03 -9.68
C ASN A 121 -26.10 -5.02 -10.84
N LEU A 122 -25.92 -5.95 -11.79
CA LEU A 122 -26.83 -6.11 -12.92
C LEU A 122 -28.17 -6.68 -12.45
N ALA A 123 -29.19 -6.54 -13.30
CA ALA A 123 -30.53 -7.03 -13.03
C ALA A 123 -31.27 -7.34 -14.33
N GLY A 1 20.70 -16.70 0.46
CA GLY A 1 20.21 -16.48 -0.91
C GLY A 1 20.63 -15.12 -1.42
N ASN A 2 20.86 -15.00 -2.73
CA ASN A 2 21.29 -13.77 -3.37
C ASN A 2 20.71 -13.60 -4.78
N ASP A 3 19.67 -14.37 -5.11
CA ASP A 3 19.03 -14.28 -6.42
C ASP A 3 18.33 -12.96 -6.68
N SER A 4 18.10 -12.63 -7.96
CA SER A 4 17.49 -11.38 -8.38
C SER A 4 18.25 -10.18 -7.79
N LYS A 5 17.52 -9.09 -7.51
CA LYS A 5 18.07 -7.86 -6.96
C LYS A 5 18.81 -8.11 -5.66
N LYS A 6 19.87 -7.34 -5.41
CA LYS A 6 20.69 -7.44 -4.20
C LYS A 6 19.98 -6.85 -2.99
N PHE A 7 18.67 -6.64 -3.09
CA PHE A 7 17.87 -5.97 -2.08
C PHE A 7 16.63 -6.73 -1.58
N LYS A 8 16.62 -8.05 -1.82
CA LYS A 8 15.54 -8.92 -1.37
C LYS A 8 15.36 -8.89 0.15
N GLY A 9 14.14 -9.22 0.58
CA GLY A 9 13.79 -9.20 1.99
C GLY A 9 13.80 -7.79 2.56
N ASP A 10 13.86 -7.69 3.89
CA ASP A 10 13.88 -6.43 4.63
C ASP A 10 12.66 -5.51 4.44
N SER A 11 12.59 -4.47 5.28
CA SER A 11 11.50 -3.50 5.25
C SER A 11 11.97 -2.13 5.71
N ARG A 12 13.30 -1.93 5.82
CA ARG A 12 13.88 -0.69 6.32
C ARG A 12 14.79 -0.03 5.29
N SER A 13 14.74 -0.48 4.02
CA SER A 13 15.57 0.06 2.96
C SER A 13 14.89 -0.07 1.60
N ALA A 14 15.24 0.81 0.66
CA ALA A 14 14.65 0.84 -0.66
C ALA A 14 15.29 -0.20 -1.59
N GLY A 15 14.78 -0.29 -2.83
CA GLY A 15 15.34 -1.18 -3.83
C GLY A 15 14.77 -2.60 -3.77
N VAL A 16 13.81 -2.86 -2.88
CA VAL A 16 13.22 -4.19 -2.74
C VAL A 16 12.54 -4.71 -4.01
N PRO A 17 12.53 -6.04 -4.21
CA PRO A 17 11.83 -6.70 -5.31
C PRO A 17 10.34 -6.81 -5.04
N SER A 18 9.93 -6.69 -3.76
CA SER A 18 8.55 -6.85 -3.35
C SER A 18 7.67 -5.70 -3.87
N ARG A 19 6.39 -5.99 -4.08
CA ARG A 19 5.42 -5.07 -4.64
C ARG A 19 4.52 -4.47 -3.56
N VAL A 20 4.99 -4.50 -2.31
CA VAL A 20 4.19 -4.12 -1.16
C VAL A 20 4.72 -2.88 -0.44
N ILE A 21 3.83 -1.99 -0.02
CA ILE A 21 4.21 -0.79 0.71
C ILE A 21 3.46 -0.75 2.04
N HIS A 22 4.10 -0.14 3.04
CA HIS A 22 3.54 -0.02 4.37
C HIS A 22 3.56 1.44 4.81
N ILE A 23 2.59 1.84 5.63
CA ILE A 23 2.48 3.21 6.12
C ILE A 23 2.27 3.17 7.63
N ARG A 24 2.85 4.13 8.35
CA ARG A 24 2.69 4.24 9.80
C ARG A 24 2.32 5.67 10.15
N LYS A 25 1.90 5.91 11.40
CA LYS A 25 1.31 7.18 11.81
C LYS A 25 0.06 7.49 10.97
N LEU A 26 -0.46 6.45 10.31
CA LEU A 26 -1.60 6.50 9.42
C LEU A 26 -2.81 7.08 10.17
N PRO A 27 -3.45 8.15 9.67
CA PRO A 27 -4.51 8.82 10.40
C PRO A 27 -5.76 7.94 10.55
N ILE A 28 -6.56 8.24 11.56
CA ILE A 28 -7.75 7.47 11.89
C ILE A 28 -8.95 7.90 11.05
N ASP A 29 -9.06 9.21 10.86
CA ASP A 29 -10.17 9.82 10.15
C ASP A 29 -9.98 9.71 8.64
N VAL A 30 -8.82 9.19 8.23
CA VAL A 30 -8.47 8.99 6.85
C VAL A 30 -9.19 7.73 6.38
N THR A 31 -9.73 7.78 5.15
CA THR A 31 -10.45 6.67 4.54
C THR A 31 -9.59 5.62 3.88
N GLU A 32 -10.22 4.53 3.47
CA GLU A 32 -9.55 3.42 2.84
C GLU A 32 -9.24 3.75 1.38
N GLY A 33 -9.75 4.87 0.88
CA GLY A 33 -9.48 5.34 -0.48
C GLY A 33 -8.32 6.32 -0.52
N GLU A 34 -8.04 7.00 0.60
CA GLU A 34 -6.95 7.96 0.65
C GLU A 34 -5.59 7.25 0.72
N VAL A 35 -5.53 6.13 1.45
CA VAL A 35 -4.35 5.29 1.55
C VAL A 35 -4.05 4.69 0.17
N ILE A 36 -5.08 4.54 -0.67
CA ILE A 36 -4.89 4.06 -2.03
C ILE A 36 -4.51 5.23 -2.94
N SER A 37 -5.10 6.41 -2.68
CA SER A 37 -4.94 7.58 -3.54
C SER A 37 -3.50 8.09 -3.56
N LEU A 38 -2.75 7.91 -2.48
CA LEU A 38 -1.36 8.38 -2.42
C LEU A 38 -0.43 7.46 -3.22
N GLY A 39 -0.90 6.26 -3.58
CA GLY A 39 -0.09 5.31 -4.34
C GLY A 39 -0.59 5.12 -5.77
N LEU A 40 -1.65 5.82 -6.17
CA LEU A 40 -2.26 5.63 -7.47
C LEU A 40 -1.50 6.39 -8.55
N PRO A 41 -1.13 7.67 -8.35
CA PRO A 41 -0.34 8.39 -9.31
C PRO A 41 1.03 7.74 -9.54
N PHE A 42 1.41 6.79 -8.68
CA PHE A 42 2.66 6.06 -8.80
C PHE A 42 2.60 4.75 -9.60
N GLY A 43 1.39 4.37 -10.02
CA GLY A 43 1.15 3.16 -10.77
C GLY A 43 -0.08 2.41 -10.25
N LYS A 44 -0.46 1.33 -10.91
CA LYS A 44 -1.61 0.53 -10.50
C LYS A 44 -1.34 -0.11 -9.14
N VAL A 45 -2.38 -0.17 -8.30
CA VAL A 45 -2.32 -0.81 -7.01
C VAL A 45 -3.64 -1.56 -6.91
N THR A 46 -3.56 -2.84 -6.53
CA THR A 46 -4.70 -3.74 -6.59
C THR A 46 -5.09 -4.43 -5.27
N ASN A 47 -4.28 -4.23 -4.23
CA ASN A 47 -4.61 -4.70 -2.89
C ASN A 47 -4.40 -3.59 -1.87
N LEU A 48 -5.13 -3.71 -0.76
CA LEU A 48 -5.17 -2.69 0.27
C LEU A 48 -5.64 -3.32 1.56
N LEU A 49 -4.91 -3.05 2.65
CA LEU A 49 -5.33 -3.39 4.00
C LEU A 49 -5.16 -2.17 4.90
N MET A 50 -6.26 -1.71 5.50
CA MET A 50 -6.20 -0.68 6.51
C MET A 50 -6.21 -1.34 7.88
N LEU A 51 -5.23 -0.97 8.72
CA LEU A 51 -4.96 -1.65 9.96
C LEU A 51 -5.67 -1.00 11.14
N LYS A 52 -6.98 -0.73 11.01
CA LYS A 52 -7.74 -0.05 12.06
C LYS A 52 -7.52 -0.71 13.43
N GLY A 53 -7.44 0.12 14.46
CA GLY A 53 -7.02 -0.30 15.78
C GLY A 53 -5.51 -0.03 15.94
N LYS A 54 -4.86 0.40 14.85
CA LYS A 54 -3.47 0.80 14.81
C LYS A 54 -3.30 1.89 13.75
N ASN A 55 -2.32 2.78 13.93
CA ASN A 55 -2.01 3.84 12.98
C ASN A 55 -1.13 3.32 11.85
N GLN A 56 -1.55 2.25 11.18
CA GLN A 56 -0.79 1.67 10.09
C GLN A 56 -1.68 1.21 8.95
N ALA A 57 -1.08 0.99 7.78
CA ALA A 57 -1.77 0.47 6.61
C ALA A 57 -0.79 -0.27 5.69
N PHE A 58 -1.36 -1.04 4.75
CA PHE A 58 -0.60 -1.81 3.77
C PHE A 58 -1.28 -1.72 2.40
N ILE A 59 -0.50 -1.77 1.33
CA ILE A 59 -1.04 -1.76 -0.03
C ILE A 59 -0.14 -2.58 -0.96
N GLU A 60 -0.69 -3.09 -2.08
CA GLU A 60 0.10 -3.84 -3.04
C GLU A 60 -0.05 -3.27 -4.45
N MET A 61 1.10 -2.94 -5.04
CA MET A 61 1.16 -2.39 -6.38
C MET A 61 1.04 -3.54 -7.38
N ASN A 62 0.58 -3.26 -8.60
CA ASN A 62 0.50 -4.30 -9.62
C ASN A 62 1.89 -4.64 -10.15
N THR A 63 2.78 -3.64 -10.17
CA THR A 63 4.13 -3.80 -10.69
C THR A 63 5.22 -3.45 -9.68
N GLU A 64 6.39 -4.08 -9.84
CA GLU A 64 7.54 -3.78 -9.01
C GLU A 64 8.09 -2.39 -9.34
N GLU A 65 7.89 -1.91 -10.57
CA GLU A 65 8.34 -0.59 -10.97
C GLU A 65 7.45 0.49 -10.36
N ALA A 66 6.17 0.18 -10.16
CA ALA A 66 5.24 1.09 -9.52
C ALA A 66 5.58 1.19 -8.02
N ALA A 67 5.95 0.06 -7.41
CA ALA A 67 6.34 0.04 -6.00
C ALA A 67 7.71 0.70 -5.83
N ASN A 68 8.62 0.43 -6.77
CA ASN A 68 9.95 0.98 -6.75
C ASN A 68 9.92 2.51 -6.84
N THR A 69 9.12 3.05 -7.76
CA THR A 69 9.03 4.49 -7.92
C THR A 69 8.30 5.18 -6.78
N MET A 70 7.27 4.52 -6.24
CA MET A 70 6.45 5.07 -5.17
C MET A 70 7.31 5.42 -3.96
N VAL A 71 8.07 4.45 -3.45
CA VAL A 71 8.90 4.67 -2.28
C VAL A 71 10.10 5.51 -2.67
N ASN A 72 10.63 5.39 -3.88
CA ASN A 72 11.77 6.18 -4.32
C ASN A 72 11.42 7.68 -4.34
N TYR A 73 10.14 8.03 -4.44
CA TYR A 73 9.74 9.42 -4.32
C TYR A 73 9.45 9.65 -2.84
N TYR A 74 8.71 8.75 -2.20
CA TYR A 74 8.37 8.90 -0.78
C TYR A 74 9.53 8.73 0.20
N THR A 75 10.69 8.31 -0.29
CA THR A 75 11.90 8.21 0.50
C THR A 75 12.57 9.56 0.77
N SER A 76 12.05 10.62 0.13
CA SER A 76 12.52 11.98 0.29
C SER A 76 11.35 12.92 0.60
N VAL A 77 10.12 12.42 0.41
CA VAL A 77 8.91 13.18 0.71
C VAL A 77 7.89 12.41 1.54
N THR A 78 7.08 13.12 2.32
CA THR A 78 6.02 12.51 3.10
C THR A 78 4.65 12.68 2.47
N PRO A 79 3.87 11.59 2.32
CA PRO A 79 2.52 11.69 1.81
C PRO A 79 1.64 12.37 2.84
N VAL A 80 0.71 13.21 2.39
CA VAL A 80 -0.21 13.91 3.28
C VAL A 80 -1.62 13.43 3.00
N LEU A 81 -2.35 13.15 4.07
CA LEU A 81 -3.74 12.75 3.98
C LEU A 81 -4.58 13.60 4.92
N ARG A 82 -5.62 14.26 4.40
CA ARG A 82 -6.48 15.14 5.18
C ARG A 82 -5.68 16.21 5.94
N GLY A 83 -4.48 16.52 5.43
CA GLY A 83 -3.62 17.52 6.01
C GLY A 83 -2.59 16.95 6.99
N GLN A 84 -2.59 15.64 7.24
CA GLN A 84 -1.62 15.02 8.14
C GLN A 84 -0.61 14.20 7.33
N PRO A 85 0.66 14.62 7.29
CA PRO A 85 1.74 13.83 6.70
C PRO A 85 2.05 12.63 7.58
N ILE A 86 2.28 11.47 6.97
CA ILE A 86 2.58 10.25 7.69
C ILE A 86 3.64 9.43 6.95
N TYR A 87 4.38 8.61 7.71
CA TYR A 87 5.55 7.90 7.22
C TYR A 87 5.26 6.68 6.36
N ILE A 88 6.15 6.37 5.42
CA ILE A 88 5.96 5.27 4.48
C ILE A 88 7.30 4.57 4.19
N GLN A 89 7.24 3.24 4.00
CA GLN A 89 8.40 2.45 3.64
C GLN A 89 7.93 1.09 3.10
N PHE A 90 8.83 0.34 2.44
CA PHE A 90 8.50 -0.99 1.95
C PHE A 90 8.01 -1.97 3.01
N SER A 91 7.06 -2.84 2.67
CA SER A 91 6.53 -3.82 3.62
C SER A 91 7.40 -5.08 3.66
N ASN A 92 7.40 -5.76 4.81
CA ASN A 92 8.14 -7.01 4.94
C ASN A 92 7.34 -8.15 4.29
N HIS A 93 6.04 -7.95 4.06
CA HIS A 93 5.19 -8.95 3.43
C HIS A 93 5.44 -9.01 1.93
N LYS A 94 5.19 -10.18 1.34
CA LYS A 94 5.32 -10.37 -0.10
C LYS A 94 3.98 -10.14 -0.81
N GLU A 95 2.88 -10.10 -0.05
CA GLU A 95 1.54 -9.89 -0.60
C GLU A 95 0.57 -9.47 0.49
N LEU A 96 -0.51 -8.84 0.06
CA LEU A 96 -1.61 -8.43 0.93
C LEU A 96 -2.51 -9.64 1.20
N LYS A 97 -2.64 -10.01 2.47
CA LYS A 97 -3.44 -11.15 2.88
C LYS A 97 -3.82 -11.02 4.36
N THR A 98 -5.10 -10.77 4.63
CA THR A 98 -5.62 -10.57 5.97
C THR A 98 -5.94 -11.87 6.71
N ASP A 99 -5.98 -11.80 8.05
CA ASP A 99 -6.23 -12.98 8.87
C ASP A 99 -6.70 -12.70 10.30
N SER A 100 -5.93 -11.91 11.05
CA SER A 100 -6.12 -11.72 12.48
C SER A 100 -7.23 -10.75 12.89
N SER A 101 -7.95 -10.15 11.93
CA SER A 101 -9.00 -9.19 12.30
C SER A 101 -10.11 -9.09 11.25
N PRO A 102 -11.37 -8.94 11.69
CA PRO A 102 -12.52 -8.78 10.82
C PRO A 102 -12.56 -7.40 10.16
N ASN A 103 -11.66 -6.49 10.54
CA ASN A 103 -11.61 -5.14 9.96
C ASN A 103 -11.31 -5.21 8.46
N GLN A 104 -10.87 -6.36 7.97
CA GLN A 104 -10.54 -6.59 6.58
C GLN A 104 -11.79 -6.54 5.70
N ALA A 105 -12.98 -6.63 6.29
CA ALA A 105 -14.23 -6.61 5.53
C ALA A 105 -14.44 -5.25 4.85
N ARG A 106 -13.90 -4.18 5.43
CA ARG A 106 -13.97 -2.84 4.86
C ARG A 106 -12.86 -2.63 3.83
N ALA A 107 -11.68 -3.22 4.06
CA ALA A 107 -10.55 -3.06 3.17
C ALA A 107 -10.82 -3.74 1.82
N GLN A 108 -11.48 -4.91 1.85
CA GLN A 108 -11.83 -5.62 0.63
C GLN A 108 -13.03 -4.99 -0.08
N ALA A 109 -13.71 -4.03 0.56
CA ALA A 109 -14.83 -3.35 -0.06
C ALA A 109 -14.38 -2.04 -0.71
N ALA A 110 -13.40 -1.35 -0.11
CA ALA A 110 -12.89 -0.09 -0.65
C ALA A 110 -12.16 -0.31 -1.97
N LEU A 111 -11.53 -1.48 -2.13
CA LEU A 111 -10.82 -1.83 -3.35
C LEU A 111 -11.78 -1.93 -4.54
N GLN A 112 -13.06 -2.15 -4.29
CA GLN A 112 -14.04 -2.33 -5.34
C GLN A 112 -14.43 -0.99 -5.96
N ALA A 113 -14.08 0.12 -5.29
CA ALA A 113 -14.29 1.45 -5.85
C ALA A 113 -13.11 1.86 -6.72
N VAL A 114 -11.92 1.30 -6.45
CA VAL A 114 -10.71 1.64 -7.21
C VAL A 114 -10.33 0.63 -8.30
N ASN A 115 -11.07 -0.48 -8.39
CA ASN A 115 -10.84 -1.51 -9.38
C ASN A 115 -12.17 -2.11 -9.83
N SER A 116 -12.23 -2.59 -11.08
CA SER A 116 -13.43 -3.20 -11.63
C SER A 116 -13.10 -4.02 -12.87
N VAL A 117 -14.00 -4.95 -13.23
CA VAL A 117 -13.84 -5.77 -14.42
C VAL A 117 -13.98 -4.95 -15.71
N GLN A 118 -13.41 -5.46 -16.80
CA GLN A 118 -13.42 -4.79 -18.09
C GLN A 118 -14.81 -4.82 -18.75
N SER A 119 -15.75 -5.59 -18.18
CA SER A 119 -17.11 -5.70 -18.67
C SER A 119 -17.18 -6.13 -20.15
N GLY A 120 -16.14 -6.84 -20.62
CA GLY A 120 -16.07 -7.30 -21.99
C GLY A 120 -17.04 -8.45 -22.25
N ASN A 121 -17.23 -8.80 -23.52
CA ASN A 121 -18.12 -9.88 -23.93
C ASN A 121 -17.68 -10.43 -25.29
N LEU A 122 -18.20 -11.60 -25.67
CA LEU A 122 -17.88 -12.24 -26.94
C LEU A 122 -18.46 -11.45 -28.12
N ALA A 123 -19.40 -10.54 -27.86
CA ALA A 123 -20.03 -9.72 -28.88
C ALA A 123 -20.48 -8.38 -28.29
N GLY A 1 25.16 -11.90 -15.16
CA GLY A 1 24.75 -10.95 -16.21
C GLY A 1 24.27 -9.64 -15.61
N ASN A 2 23.12 -9.15 -16.08
CA ASN A 2 22.53 -7.93 -15.55
C ASN A 2 21.86 -8.17 -14.20
N ASP A 3 21.78 -9.43 -13.76
CA ASP A 3 21.22 -9.80 -12.48
C ASP A 3 22.10 -9.45 -11.28
N SER A 4 21.48 -9.36 -10.10
CA SER A 4 22.16 -9.03 -8.86
C SER A 4 21.38 -9.58 -7.66
N LYS A 5 21.93 -9.41 -6.45
CA LYS A 5 21.38 -9.96 -5.22
C LYS A 5 20.12 -9.23 -4.77
N LYS A 6 19.48 -8.45 -5.66
CA LYS A 6 18.26 -7.72 -5.39
C LYS A 6 17.07 -8.67 -5.22
N PHE A 7 17.31 -9.98 -5.27
CA PHE A 7 16.29 -11.01 -5.11
C PHE A 7 15.49 -10.99 -3.79
N LYS A 8 15.89 -10.11 -2.86
CA LYS A 8 15.23 -9.99 -1.56
C LYS A 8 15.48 -8.59 -0.99
N GLY A 9 14.71 -8.23 0.03
CA GLY A 9 14.86 -6.95 0.72
C GLY A 9 13.91 -6.87 1.91
N ASP A 10 14.27 -6.07 2.91
CA ASP A 10 13.50 -5.90 4.13
C ASP A 10 12.79 -4.55 4.23
N SER A 11 11.88 -4.43 5.19
CA SER A 11 11.21 -3.15 5.48
C SER A 11 12.19 -2.18 6.14
N ARG A 12 13.36 -2.67 6.56
CA ARG A 12 14.42 -1.87 7.15
C ARG A 12 15.35 -1.30 6.08
N SER A 13 15.02 -1.51 4.80
CA SER A 13 15.88 -1.12 3.68
C SER A 13 15.03 -0.65 2.50
N ALA A 14 15.65 -0.50 1.33
CA ALA A 14 14.98 -0.05 0.12
C ALA A 14 15.49 -0.81 -1.11
N GLY A 15 14.87 -0.59 -2.26
CA GLY A 15 15.23 -1.29 -3.49
C GLY A 15 14.67 -2.71 -3.53
N VAL A 16 13.74 -3.03 -2.62
CA VAL A 16 13.15 -4.37 -2.52
C VAL A 16 12.48 -4.84 -3.81
N PRO A 17 12.45 -6.17 -4.06
CA PRO A 17 11.74 -6.77 -5.17
C PRO A 17 10.23 -6.85 -4.90
N SER A 18 9.85 -6.76 -3.62
CA SER A 18 8.45 -6.88 -3.22
C SER A 18 7.61 -5.68 -3.66
N ARG A 19 6.37 -5.97 -4.05
CA ARG A 19 5.42 -4.99 -4.57
C ARG A 19 4.62 -4.33 -3.46
N VAL A 20 5.09 -4.41 -2.21
CA VAL A 20 4.31 -4.01 -1.06
C VAL A 20 4.87 -2.81 -0.32
N ILE A 21 3.99 -1.90 0.10
CA ILE A 21 4.39 -0.70 0.83
C ILE A 21 3.68 -0.68 2.18
N HIS A 22 4.34 -0.06 3.16
CA HIS A 22 3.80 0.09 4.50
C HIS A 22 3.81 1.57 4.89
N ILE A 23 2.80 1.99 5.66
CA ILE A 23 2.69 3.36 6.11
C ILE A 23 2.65 3.36 7.63
N ARG A 24 3.21 4.40 8.25
CA ARG A 24 3.37 4.49 9.70
C ARG A 24 2.89 5.85 10.19
N LYS A 25 2.53 5.94 11.47
CA LYS A 25 1.90 7.12 12.04
C LYS A 25 0.58 7.47 11.33
N LEU A 26 -0.04 6.46 10.71
CA LEU A 26 -1.28 6.60 9.95
C LEU A 26 -2.36 7.30 10.79
N PRO A 27 -3.10 8.26 10.22
CA PRO A 27 -4.21 8.90 10.91
C PRO A 27 -5.39 7.92 11.04
N ILE A 28 -6.42 8.34 11.80
CA ILE A 28 -7.54 7.47 12.15
C ILE A 28 -8.80 7.79 11.37
N ASP A 29 -9.09 9.08 11.24
CA ASP A 29 -10.29 9.56 10.57
C ASP A 29 -10.24 9.38 9.05
N VAL A 30 -9.13 8.86 8.56
CA VAL A 30 -8.86 8.66 7.15
C VAL A 30 -9.50 7.34 6.71
N THR A 31 -10.05 7.36 5.49
CA THR A 31 -10.70 6.21 4.88
C THR A 31 -9.77 5.25 4.14
N GLU A 32 -10.35 4.16 3.64
CA GLU A 32 -9.59 3.15 2.93
C GLU A 32 -9.23 3.63 1.53
N GLY A 33 -9.93 4.66 1.03
CA GLY A 33 -9.69 5.18 -0.30
C GLY A 33 -8.48 6.11 -0.34
N GLU A 34 -8.13 6.73 0.79
CA GLU A 34 -7.01 7.65 0.85
C GLU A 34 -5.69 6.88 0.83
N VAL A 35 -5.65 5.73 1.49
CA VAL A 35 -4.48 4.86 1.50
C VAL A 35 -4.18 4.36 0.08
N ILE A 36 -5.22 4.29 -0.76
CA ILE A 36 -5.05 3.93 -2.16
C ILE A 36 -4.67 5.16 -2.98
N SER A 37 -5.24 6.32 -2.65
CA SER A 37 -5.08 7.54 -3.44
C SER A 37 -3.64 8.06 -3.44
N LEU A 38 -2.87 7.76 -2.39
CA LEU A 38 -1.49 8.21 -2.32
C LEU A 38 -0.56 7.32 -3.14
N GLY A 39 -1.01 6.11 -3.52
CA GLY A 39 -0.21 5.18 -4.31
C GLY A 39 -0.73 5.04 -5.74
N LEU A 40 -1.82 5.74 -6.08
CA LEU A 40 -2.43 5.62 -7.40
C LEU A 40 -1.63 6.38 -8.44
N PRO A 41 -1.23 7.64 -8.17
CA PRO A 41 -0.37 8.38 -9.08
C PRO A 41 0.98 7.70 -9.29
N PHE A 42 1.26 6.62 -8.55
CA PHE A 42 2.51 5.87 -8.67
C PHE A 42 2.44 4.54 -9.42
N GLY A 43 1.23 4.13 -9.80
CA GLY A 43 0.98 2.90 -10.52
C GLY A 43 -0.31 2.22 -10.07
N LYS A 44 -0.62 1.07 -10.67
CA LYS A 44 -1.80 0.30 -10.36
C LYS A 44 -1.66 -0.32 -8.96
N VAL A 45 -2.68 -0.11 -8.11
CA VAL A 45 -2.76 -0.71 -6.79
C VAL A 45 -3.76 -1.86 -6.83
N THR A 46 -3.37 -3.03 -6.34
CA THR A 46 -4.20 -4.23 -6.45
C THR A 46 -4.54 -4.90 -5.12
N ASN A 47 -4.01 -4.38 -4.00
CA ASN A 47 -4.43 -4.80 -2.67
C ASN A 47 -4.27 -3.68 -1.65
N LEU A 48 -4.98 -3.82 -0.53
CA LEU A 48 -5.00 -2.82 0.51
C LEU A 48 -5.36 -3.44 1.85
N LEU A 49 -4.69 -2.97 2.90
CA LEU A 49 -5.07 -3.25 4.27
C LEU A 49 -4.75 -2.05 5.16
N MET A 50 -5.60 -1.76 6.14
CA MET A 50 -5.28 -0.79 7.18
C MET A 50 -5.57 -1.42 8.54
N LEU A 51 -4.65 -1.18 9.48
CA LEU A 51 -4.66 -1.78 10.80
C LEU A 51 -5.40 -0.89 11.79
N LYS A 52 -6.71 -0.68 11.59
CA LYS A 52 -7.48 0.16 12.52
C LYS A 52 -7.28 -0.32 13.95
N GLY A 53 -7.01 0.63 14.85
CA GLY A 53 -6.57 0.36 16.22
C GLY A 53 -5.05 0.48 16.33
N LYS A 54 -4.37 0.66 15.20
CA LYS A 54 -2.92 0.90 15.11
C LYS A 54 -2.67 1.98 14.07
N ASN A 55 -1.64 2.80 14.27
CA ASN A 55 -1.29 3.87 13.35
C ASN A 55 -0.43 3.35 12.18
N GLN A 56 -0.87 2.27 11.51
CA GLN A 56 -0.12 1.70 10.40
C GLN A 56 -1.04 1.17 9.30
N ALA A 57 -0.49 1.00 8.09
CA ALA A 57 -1.24 0.53 6.93
C ALA A 57 -0.36 -0.26 5.96
N PHE A 58 -1.02 -0.96 5.03
CA PHE A 58 -0.35 -1.75 4.01
C PHE A 58 -1.03 -1.66 2.64
N ILE A 59 -0.26 -1.71 1.55
CA ILE A 59 -0.82 -1.67 0.21
C ILE A 59 0.05 -2.48 -0.75
N GLU A 60 -0.54 -2.97 -1.84
CA GLU A 60 0.20 -3.74 -2.82
C GLU A 60 0.02 -3.16 -4.21
N MET A 61 1.15 -2.98 -4.90
CA MET A 61 1.16 -2.49 -6.26
C MET A 61 1.11 -3.70 -7.19
N ASN A 62 0.51 -3.55 -8.37
CA ASN A 62 0.43 -4.65 -9.31
C ASN A 62 1.80 -4.92 -9.94
N THR A 63 2.66 -3.90 -9.97
CA THR A 63 4.01 -4.01 -10.51
C THR A 63 5.11 -3.65 -9.52
N GLU A 64 6.26 -4.29 -9.66
CA GLU A 64 7.44 -3.97 -8.86
C GLU A 64 7.93 -2.57 -9.20
N GLU A 65 7.75 -2.12 -10.45
CA GLU A 65 8.20 -0.80 -10.87
C GLU A 65 7.31 0.28 -10.28
N ALA A 66 6.02 -0.04 -10.04
CA ALA A 66 5.10 0.88 -9.40
C ALA A 66 5.47 1.05 -7.93
N ALA A 67 5.86 -0.05 -7.27
CA ALA A 67 6.29 0.01 -5.88
C ALA A 67 7.66 0.66 -5.77
N ASN A 68 8.54 0.38 -6.73
CA ASN A 68 9.88 0.92 -6.75
C ASN A 68 9.84 2.45 -6.89
N THR A 69 9.02 2.97 -7.81
CA THR A 69 8.90 4.40 -8.00
C THR A 69 8.19 5.10 -6.85
N MET A 70 7.19 4.43 -6.28
CA MET A 70 6.40 5.00 -5.19
C MET A 70 7.27 5.40 -4.01
N VAL A 71 8.07 4.46 -3.49
CA VAL A 71 8.94 4.73 -2.36
C VAL A 71 10.09 5.60 -2.80
N ASN A 72 10.59 5.45 -4.03
CA ASN A 72 11.69 6.25 -4.52
C ASN A 72 11.32 7.73 -4.61
N TYR A 73 10.03 8.06 -4.66
CA TYR A 73 9.60 9.45 -4.58
C TYR A 73 9.33 9.74 -3.10
N TYR A 74 8.61 8.84 -2.41
CA TYR A 74 8.30 9.02 -0.99
C TYR A 74 9.49 8.93 -0.04
N THR A 75 10.65 8.51 -0.56
CA THR A 75 11.89 8.50 0.21
C THR A 75 12.49 9.89 0.42
N SER A 76 11.88 10.90 -0.21
CA SER A 76 12.30 12.29 -0.10
C SER A 76 11.09 13.18 0.20
N VAL A 77 9.88 12.65 0.06
CA VAL A 77 8.66 13.39 0.34
C VAL A 77 7.68 12.62 1.23
N THR A 78 6.82 13.33 1.95
CA THR A 78 5.80 12.73 2.79
C THR A 78 4.40 12.73 2.17
N PRO A 79 3.70 11.59 2.12
CA PRO A 79 2.33 11.52 1.66
C PRO A 79 1.43 12.17 2.71
N VAL A 80 0.32 12.76 2.25
CA VAL A 80 -0.59 13.46 3.14
C VAL A 80 -1.99 12.89 2.97
N LEU A 81 -2.67 12.66 4.10
CA LEU A 81 -4.04 12.16 4.11
C LEU A 81 -4.89 13.08 4.97
N ARG A 82 -5.93 13.68 4.39
CA ARG A 82 -6.79 14.61 5.10
C ARG A 82 -6.00 15.76 5.74
N GLY A 83 -4.86 16.10 5.14
CA GLY A 83 -3.99 17.16 5.61
C GLY A 83 -2.95 16.67 6.62
N GLN A 84 -2.94 15.36 6.91
CA GLN A 84 -1.99 14.78 7.85
C GLN A 84 -0.90 14.01 7.14
N PRO A 85 0.33 14.55 7.06
CA PRO A 85 1.47 13.86 6.50
C PRO A 85 1.96 12.76 7.46
N ILE A 86 2.30 11.60 6.88
CA ILE A 86 2.80 10.46 7.65
C ILE A 86 3.87 9.70 6.89
N TYR A 87 4.65 8.89 7.63
CA TYR A 87 5.79 8.17 7.11
C TYR A 87 5.46 6.95 6.26
N ILE A 88 6.37 6.57 5.35
CA ILE A 88 6.16 5.45 4.44
C ILE A 88 7.49 4.76 4.13
N GLN A 89 7.44 3.43 3.98
CA GLN A 89 8.58 2.62 3.56
C GLN A 89 8.09 1.25 3.08
N PHE A 90 8.96 0.47 2.42
CA PHE A 90 8.61 -0.86 1.95
C PHE A 90 8.10 -1.81 3.03
N SER A 91 7.23 -2.76 2.65
CA SER A 91 6.72 -3.75 3.59
C SER A 91 7.64 -4.96 3.65
N ASN A 92 7.63 -5.67 4.78
CA ASN A 92 8.42 -6.89 4.93
C ASN A 92 7.65 -8.07 4.31
N HIS A 93 6.34 -7.90 4.10
CA HIS A 93 5.48 -8.91 3.49
C HIS A 93 5.64 -8.92 1.98
N LYS A 94 5.40 -10.08 1.35
CA LYS A 94 5.54 -10.21 -0.10
C LYS A 94 4.23 -9.87 -0.81
N GLU A 95 3.09 -10.08 -0.15
CA GLU A 95 1.77 -9.81 -0.70
C GLU A 95 0.77 -9.56 0.42
N LEU A 96 -0.32 -8.89 0.07
CA LEU A 96 -1.40 -8.57 1.00
C LEU A 96 -2.27 -9.81 1.21
N LYS A 97 -2.44 -10.19 2.48
CA LYS A 97 -3.27 -11.31 2.90
C LYS A 97 -3.65 -11.10 4.37
N THR A 98 -4.87 -11.45 4.76
CA THR A 98 -5.37 -11.18 6.12
C THR A 98 -6.03 -12.34 6.83
N ASP A 99 -6.22 -12.18 8.15
CA ASP A 99 -6.81 -13.21 8.99
C ASP A 99 -7.36 -12.54 10.26
N SER A 100 -8.20 -13.26 11.00
CA SER A 100 -8.82 -12.87 12.26
C SER A 100 -9.70 -11.62 12.19
N SER A 101 -9.12 -10.45 11.93
CA SER A 101 -9.85 -9.19 11.97
C SER A 101 -10.82 -9.06 10.79
N PRO A 102 -12.05 -8.59 11.04
CA PRO A 102 -13.05 -8.37 10.01
C PRO A 102 -12.82 -7.06 9.25
N ASN A 103 -11.83 -6.25 9.68
CA ASN A 103 -11.61 -4.93 9.09
C ASN A 103 -11.20 -4.99 7.62
N GLN A 104 -10.74 -6.15 7.14
CA GLN A 104 -10.38 -6.32 5.74
C GLN A 104 -11.62 -6.24 4.85
N ALA A 105 -12.82 -6.46 5.39
CA ALA A 105 -14.03 -6.42 4.59
C ALA A 105 -14.34 -4.99 4.14
N ARG A 106 -13.86 -3.97 4.88
CA ARG A 106 -14.05 -2.59 4.49
C ARG A 106 -12.92 -2.16 3.56
N ALA A 107 -11.72 -2.73 3.74
CA ALA A 107 -10.59 -2.46 2.88
C ALA A 107 -10.83 -3.07 1.50
N GLN A 108 -11.49 -4.23 1.45
CA GLN A 108 -11.79 -4.91 0.21
C GLN A 108 -12.93 -4.21 -0.54
N ALA A 109 -13.85 -3.57 0.18
CA ALA A 109 -14.96 -2.86 -0.43
C ALA A 109 -14.48 -1.56 -1.09
N ALA A 110 -13.45 -0.94 -0.52
CA ALA A 110 -12.90 0.30 -1.07
C ALA A 110 -12.08 0.01 -2.33
N LEU A 111 -11.45 -1.16 -2.43
CA LEU A 111 -10.68 -1.53 -3.60
C LEU A 111 -11.59 -1.70 -4.82
N GLN A 112 -12.86 -2.00 -4.59
CA GLN A 112 -13.81 -2.21 -5.68
C GLN A 112 -14.27 -0.88 -6.28
N ALA A 113 -14.12 0.22 -5.52
CA ALA A 113 -14.46 1.55 -6.01
C ALA A 113 -13.34 2.10 -6.89
N VAL A 114 -12.11 1.60 -6.70
CA VAL A 114 -10.96 2.03 -7.49
C VAL A 114 -10.63 1.13 -8.68
N ASN A 115 -11.45 0.09 -8.90
CA ASN A 115 -11.23 -0.89 -9.95
C ASN A 115 -12.51 -1.17 -10.76
N SER A 116 -13.57 -0.38 -10.56
CA SER A 116 -14.82 -0.53 -11.27
C SER A 116 -15.45 0.84 -11.54
N VAL A 117 -16.37 0.89 -12.51
CA VAL A 117 -17.06 2.12 -12.87
C VAL A 117 -17.98 2.61 -11.76
N GLN A 118 -18.16 3.92 -11.63
CA GLN A 118 -19.01 4.50 -10.60
C GLN A 118 -20.49 4.23 -10.86
N SER A 119 -20.82 3.73 -12.07
CA SER A 119 -22.18 3.45 -12.52
C SER A 119 -23.09 4.69 -12.48
N GLY A 120 -24.29 4.56 -13.04
CA GLY A 120 -25.25 5.65 -13.11
C GLY A 120 -24.91 6.66 -14.20
N ASN A 121 -23.89 6.38 -15.01
CA ASN A 121 -23.49 7.25 -16.10
C ASN A 121 -24.57 7.30 -17.19
N LEU A 122 -24.58 8.38 -17.97
CA LEU A 122 -25.53 8.55 -19.06
C LEU A 122 -25.21 7.60 -20.23
N ALA A 123 -26.19 7.38 -21.10
CA ALA A 123 -26.04 6.52 -22.26
C ALA A 123 -25.07 7.13 -23.27
N GLY A 1 25.75 -18.47 0.03
CA GLY A 1 26.40 -17.85 -1.15
C GLY A 1 25.35 -17.21 -2.05
N ASN A 2 25.69 -16.05 -2.63
CA ASN A 2 24.80 -15.29 -3.50
C ASN A 2 23.45 -14.96 -2.82
N ASP A 3 23.46 -14.90 -1.47
CA ASP A 3 22.27 -14.65 -0.68
C ASP A 3 22.47 -13.61 0.42
N SER A 4 23.61 -12.91 0.42
CA SER A 4 23.93 -11.89 1.41
C SER A 4 23.24 -10.56 1.06
N LYS A 5 22.45 -10.53 -0.02
CA LYS A 5 21.79 -9.32 -0.47
C LYS A 5 20.75 -8.85 0.55
N LYS A 6 20.50 -7.54 0.59
CA LYS A 6 19.53 -6.93 1.50
C LYS A 6 18.13 -6.90 0.89
N PHE A 7 17.94 -7.50 -0.28
CA PHE A 7 16.67 -7.51 -0.98
C PHE A 7 15.57 -8.42 -0.43
N LYS A 8 15.78 -8.96 0.77
CA LYS A 8 14.83 -9.83 1.45
C LYS A 8 15.11 -9.77 2.96
N GLY A 9 14.19 -10.30 3.77
CA GLY A 9 14.35 -10.31 5.21
C GLY A 9 13.52 -9.21 5.88
N ASP A 10 14.11 -8.50 6.83
CA ASP A 10 13.42 -7.46 7.58
C ASP A 10 12.82 -6.34 6.74
N SER A 11 11.68 -5.80 7.20
CA SER A 11 10.97 -4.72 6.53
C SER A 11 11.71 -3.38 6.67
N ARG A 12 12.70 -3.32 7.55
CA ARG A 12 13.46 -2.09 7.80
C ARG A 12 14.47 -1.82 6.68
N SER A 13 14.70 -2.79 5.78
CA SER A 13 15.62 -2.63 4.66
C SER A 13 14.96 -1.83 3.53
N ALA A 14 15.78 -1.17 2.72
CA ALA A 14 15.30 -0.47 1.53
C ALA A 14 15.06 -1.45 0.40
N GLY A 15 15.78 -2.57 0.39
CA GLY A 15 15.50 -3.66 -0.53
C GLY A 15 14.23 -4.39 -0.09
N VAL A 16 13.51 -4.99 -1.04
CA VAL A 16 12.25 -5.66 -0.73
C VAL A 16 11.98 -6.70 -1.82
N PRO A 17 11.65 -7.93 -1.41
CA PRO A 17 11.41 -9.08 -2.28
C PRO A 17 9.99 -9.09 -2.86
N SER A 18 9.24 -8.00 -2.74
CA SER A 18 7.83 -7.95 -3.14
C SER A 18 7.42 -6.54 -3.55
N ARG A 19 6.14 -6.41 -3.90
CA ARG A 19 5.54 -5.18 -4.41
C ARG A 19 4.70 -4.46 -3.37
N VAL A 20 5.10 -4.55 -2.10
CA VAL A 20 4.29 -4.09 -0.99
C VAL A 20 4.82 -2.83 -0.32
N ILE A 21 3.91 -1.92 0.05
CA ILE A 21 4.28 -0.71 0.77
C ILE A 21 3.53 -0.69 2.10
N HIS A 22 4.15 -0.02 3.09
CA HIS A 22 3.58 0.12 4.42
C HIS A 22 3.60 1.58 4.82
N ILE A 23 2.68 1.99 5.69
CA ILE A 23 2.57 3.37 6.13
C ILE A 23 2.64 3.42 7.65
N ARG A 24 3.46 4.32 8.19
CA ARG A 24 3.70 4.44 9.62
C ARG A 24 3.00 5.69 10.17
N LYS A 25 2.44 5.59 11.38
CA LYS A 25 1.73 6.69 12.05
C LYS A 25 0.49 7.17 11.28
N LEU A 26 -0.11 6.26 10.49
CA LEU A 26 -1.29 6.55 9.70
C LEU A 26 -2.42 7.16 10.56
N PRO A 27 -3.17 8.14 10.05
CA PRO A 27 -4.33 8.67 10.75
C PRO A 27 -5.42 7.59 10.80
N ILE A 28 -6.31 7.67 11.80
CA ILE A 28 -7.25 6.58 12.08
C ILE A 28 -8.65 6.83 11.53
N ASP A 29 -9.16 8.06 11.66
CA ASP A 29 -10.49 8.42 11.17
C ASP A 29 -10.44 8.55 9.64
N VAL A 30 -9.25 8.40 9.05
CA VAL A 30 -9.04 8.49 7.62
C VAL A 30 -9.69 7.37 6.81
N THR A 31 -9.97 7.64 5.53
CA THR A 31 -10.58 6.66 4.64
C THR A 31 -9.64 5.65 4.02
N GLU A 32 -10.22 4.58 3.49
CA GLU A 32 -9.47 3.51 2.84
C GLU A 32 -9.19 3.85 1.38
N GLY A 33 -9.73 4.97 0.89
CA GLY A 33 -9.52 5.41 -0.49
C GLY A 33 -8.35 6.36 -0.62
N GLU A 34 -8.02 7.10 0.45
CA GLU A 34 -6.92 8.05 0.41
C GLU A 34 -5.57 7.34 0.49
N VAL A 35 -5.50 6.25 1.26
CA VAL A 35 -4.29 5.42 1.36
C VAL A 35 -4.00 4.80 -0.02
N ILE A 36 -5.03 4.60 -0.84
CA ILE A 36 -4.85 4.12 -2.21
C ILE A 36 -4.45 5.30 -3.09
N SER A 37 -4.98 6.50 -2.78
CA SER A 37 -4.80 7.70 -3.59
C SER A 37 -3.34 8.10 -3.70
N LEU A 38 -2.55 7.93 -2.62
CA LEU A 38 -1.16 8.32 -2.62
C LEU A 38 -0.28 7.33 -3.40
N GLY A 39 -0.82 6.16 -3.77
CA GLY A 39 -0.07 5.17 -4.54
C GLY A 39 -0.55 5.09 -5.99
N LEU A 40 -1.57 5.86 -6.37
CA LEU A 40 -2.17 5.78 -7.69
C LEU A 40 -1.36 6.54 -8.72
N PRO A 41 -0.97 7.80 -8.45
CA PRO A 41 -0.13 8.54 -9.37
C PRO A 41 1.23 7.87 -9.57
N PHE A 42 1.57 6.89 -8.74
CA PHE A 42 2.82 6.14 -8.84
C PHE A 42 2.76 4.82 -9.60
N GLY A 43 1.56 4.43 -10.03
CA GLY A 43 1.34 3.20 -10.77
C GLY A 43 0.06 2.52 -10.32
N LYS A 44 -0.23 1.34 -10.89
CA LYS A 44 -1.42 0.59 -10.57
C LYS A 44 -1.32 -0.03 -9.18
N VAL A 45 -2.33 0.21 -8.35
CA VAL A 45 -2.46 -0.39 -7.03
C VAL A 45 -3.49 -1.51 -7.12
N THR A 46 -3.15 -2.71 -6.64
CA THR A 46 -4.01 -3.87 -6.77
C THR A 46 -4.42 -4.55 -5.47
N ASN A 47 -3.90 -4.08 -4.33
CA ASN A 47 -4.36 -4.52 -3.02
C ASN A 47 -4.21 -3.41 -1.98
N LEU A 48 -4.99 -3.54 -0.90
CA LEU A 48 -5.04 -2.53 0.15
C LEU A 48 -5.50 -3.18 1.46
N LEU A 49 -4.81 -2.88 2.54
CA LEU A 49 -5.23 -3.19 3.91
C LEU A 49 -5.00 -1.96 4.79
N MET A 50 -5.93 -1.73 5.70
CA MET A 50 -5.82 -0.67 6.70
C MET A 50 -5.98 -1.25 8.09
N LEU A 51 -5.09 -0.85 8.99
CA LEU A 51 -5.19 -1.25 10.38
C LEU A 51 -6.01 -0.20 11.11
N LYS A 52 -6.89 -0.64 12.01
CA LYS A 52 -7.63 0.25 12.89
C LYS A 52 -7.36 -0.18 14.34
N GLY A 53 -7.33 0.80 15.25
CA GLY A 53 -6.87 0.58 16.61
C GLY A 53 -5.34 0.65 16.66
N LYS A 54 -4.71 0.82 15.48
CA LYS A 54 -3.28 1.02 15.32
C LYS A 54 -3.06 1.96 14.13
N ASN A 55 -2.13 2.89 14.27
CA ASN A 55 -1.81 3.87 13.22
C ASN A 55 -0.91 3.26 12.15
N GLN A 56 -1.46 2.39 11.28
CA GLN A 56 -0.67 1.73 10.25
C GLN A 56 -1.52 1.33 9.04
N ALA A 57 -0.89 1.18 7.86
CA ALA A 57 -1.57 0.77 6.64
C ALA A 57 -0.65 -0.04 5.74
N PHE A 58 -1.26 -0.69 4.73
CA PHE A 58 -0.56 -1.54 3.79
C PHE A 58 -1.19 -1.51 2.40
N ILE A 59 -0.39 -1.62 1.34
CA ILE A 59 -0.89 -1.62 -0.03
C ILE A 59 0.00 -2.45 -0.93
N GLU A 60 -0.52 -2.92 -2.06
CA GLU A 60 0.27 -3.68 -3.01
C GLU A 60 0.14 -3.08 -4.41
N MET A 61 1.28 -2.98 -5.10
CA MET A 61 1.32 -2.45 -6.44
C MET A 61 1.30 -3.61 -7.43
N ASN A 62 0.71 -3.40 -8.60
CA ASN A 62 0.64 -4.44 -9.61
C ASN A 62 2.01 -4.66 -10.26
N THR A 63 2.83 -3.61 -10.27
CA THR A 63 4.18 -3.70 -10.82
C THR A 63 5.27 -3.37 -9.79
N GLU A 64 6.43 -4.01 -9.93
CA GLU A 64 7.55 -3.77 -9.05
C GLU A 64 8.12 -2.37 -9.31
N GLU A 65 7.99 -1.87 -10.54
CA GLU A 65 8.45 -0.54 -10.88
C GLU A 65 7.55 0.52 -10.26
N ALA A 66 6.27 0.19 -10.07
CA ALA A 66 5.33 1.10 -9.41
C ALA A 66 5.67 1.20 -7.92
N ALA A 67 6.05 0.09 -7.30
CA ALA A 67 6.43 0.09 -5.90
C ALA A 67 7.79 0.75 -5.72
N ASN A 68 8.71 0.49 -6.67
CA ASN A 68 10.05 1.04 -6.62
C ASN A 68 10.02 2.56 -6.75
N THR A 69 9.24 3.08 -7.70
CA THR A 69 9.13 4.53 -7.90
C THR A 69 8.38 5.23 -6.77
N MET A 70 7.36 4.58 -6.23
CA MET A 70 6.54 5.15 -5.18
C MET A 70 7.37 5.51 -3.96
N VAL A 71 8.14 4.55 -3.42
CA VAL A 71 8.97 4.80 -2.26
C VAL A 71 10.18 5.62 -2.64
N ASN A 72 10.71 5.49 -3.85
CA ASN A 72 11.86 6.27 -4.30
C ASN A 72 11.52 7.76 -4.37
N TYR A 73 10.24 8.11 -4.47
CA TYR A 73 9.84 9.51 -4.39
C TYR A 73 9.52 9.76 -2.91
N TYR A 74 8.77 8.86 -2.25
CA TYR A 74 8.43 9.02 -0.86
C TYR A 74 9.59 8.87 0.13
N THR A 75 10.76 8.50 -0.36
CA THR A 75 11.98 8.45 0.43
C THR A 75 12.63 9.82 0.64
N SER A 76 12.05 10.85 -0.02
CA SER A 76 12.52 12.22 0.08
C SER A 76 11.34 13.16 0.40
N VAL A 77 10.12 12.66 0.26
CA VAL A 77 8.91 13.41 0.55
C VAL A 77 7.97 12.65 1.48
N THR A 78 6.94 13.30 2.01
CA THR A 78 6.04 12.66 2.95
C THR A 78 4.62 12.87 2.42
N PRO A 79 3.85 11.80 2.27
CA PRO A 79 2.47 11.85 1.82
C PRO A 79 1.56 12.28 2.94
N VAL A 80 0.35 12.73 2.57
CA VAL A 80 -0.67 13.06 3.54
C VAL A 80 -2.05 12.55 3.17
N LEU A 81 -2.81 12.12 4.17
CA LEU A 81 -4.16 11.63 3.98
C LEU A 81 -5.13 12.54 4.73
N ARG A 82 -6.19 12.99 4.06
CA ARG A 82 -7.19 13.86 4.69
C ARG A 82 -6.54 15.10 5.30
N GLY A 83 -5.37 15.49 4.76
CA GLY A 83 -4.63 16.65 5.22
C GLY A 83 -3.60 16.32 6.30
N GLN A 84 -3.45 15.03 6.66
CA GLN A 84 -2.53 14.64 7.71
C GLN A 84 -1.34 13.83 7.17
N PRO A 85 -0.13 14.39 7.27
CA PRO A 85 1.08 13.81 6.75
C PRO A 85 1.62 12.69 7.64
N ILE A 86 2.10 11.62 7.00
CA ILE A 86 2.64 10.45 7.69
C ILE A 86 3.72 9.79 6.85
N TYR A 87 4.60 9.05 7.51
CA TYR A 87 5.76 8.43 6.89
C TYR A 87 5.34 7.15 6.16
N ILE A 88 6.23 6.64 5.31
CA ILE A 88 5.99 5.49 4.47
C ILE A 88 7.27 4.68 4.27
N GLN A 89 7.15 3.36 4.12
CA GLN A 89 8.31 2.52 3.85
C GLN A 89 7.87 1.16 3.29
N PHE A 90 8.78 0.43 2.64
CA PHE A 90 8.51 -0.90 2.12
C PHE A 90 8.01 -1.93 3.16
N SER A 91 7.43 -3.03 2.68
CA SER A 91 7.02 -4.14 3.54
C SER A 91 7.54 -5.45 2.98
N ASN A 92 7.90 -6.39 3.87
CA ASN A 92 8.47 -7.66 3.46
C ASN A 92 7.40 -8.73 3.20
N HIS A 93 6.11 -8.37 3.33
CA HIS A 93 5.02 -9.30 3.06
C HIS A 93 5.04 -9.72 1.60
N LYS A 94 4.64 -10.95 1.31
CA LYS A 94 4.61 -11.45 -0.06
C LYS A 94 3.36 -10.95 -0.79
N GLU A 95 2.27 -10.71 -0.06
CA GLU A 95 1.03 -10.22 -0.62
C GLU A 95 0.09 -9.75 0.48
N LEU A 96 -0.90 -8.94 0.09
CA LEU A 96 -1.92 -8.40 0.96
C LEU A 96 -2.96 -9.49 1.25
N LYS A 97 -3.06 -9.89 2.52
CA LYS A 97 -4.06 -10.84 2.99
C LYS A 97 -4.17 -10.77 4.51
N THR A 98 -5.38 -10.54 5.02
CA THR A 98 -5.61 -10.43 6.46
C THR A 98 -5.65 -11.74 7.22
N ASP A 99 -5.23 -11.71 8.49
CA ASP A 99 -5.10 -12.89 9.33
C ASP A 99 -5.48 -12.71 10.81
N SER A 100 -5.92 -11.52 11.22
CA SER A 100 -6.11 -11.22 12.63
C SER A 100 -7.36 -10.43 12.98
N SER A 101 -8.17 -10.00 11.99
CA SER A 101 -9.38 -9.25 12.29
C SER A 101 -10.36 -9.25 11.12
N PRO A 102 -11.66 -9.06 11.41
CA PRO A 102 -12.72 -8.93 10.42
C PRO A 102 -12.70 -7.55 9.76
N ASN A 103 -11.74 -6.70 10.12
CA ASN A 103 -11.66 -5.32 9.62
C ASN A 103 -11.41 -5.28 8.12
N GLN A 104 -11.19 -6.44 7.49
CA GLN A 104 -10.98 -6.54 6.05
C GLN A 104 -12.22 -6.08 5.27
N ALA A 105 -13.38 -6.02 5.94
CA ALA A 105 -14.63 -5.66 5.28
C ALA A 105 -14.59 -4.24 4.74
N ARG A 106 -13.82 -3.35 5.38
CA ARG A 106 -13.67 -1.97 4.91
C ARG A 106 -12.60 -1.85 3.84
N ALA A 107 -11.61 -2.76 3.85
CA ALA A 107 -10.54 -2.74 2.89
C ALA A 107 -11.00 -3.26 1.53
N GLN A 108 -11.81 -4.33 1.53
CA GLN A 108 -12.32 -4.90 0.30
C GLN A 108 -13.41 -4.02 -0.32
N ALA A 109 -14.16 -3.30 0.51
CA ALA A 109 -15.20 -2.41 0.01
C ALA A 109 -14.57 -1.21 -0.70
N ALA A 110 -13.42 -0.74 -0.21
CA ALA A 110 -12.72 0.37 -0.83
C ALA A 110 -12.02 -0.05 -2.12
N LEU A 111 -11.45 -1.27 -2.14
CA LEU A 111 -10.75 -1.76 -3.32
C LEU A 111 -11.71 -1.92 -4.50
N GLN A 112 -12.97 -2.26 -4.23
CA GLN A 112 -13.93 -2.47 -5.31
C GLN A 112 -14.31 -1.14 -5.97
N ALA A 113 -14.08 -0.01 -5.29
CA ALA A 113 -14.29 1.29 -5.89
C ALA A 113 -13.12 1.68 -6.80
N VAL A 114 -11.96 1.09 -6.57
CA VAL A 114 -10.78 1.35 -7.38
C VAL A 114 -10.45 0.27 -8.41
N ASN A 115 -11.32 -0.76 -8.51
CA ASN A 115 -11.12 -1.87 -9.41
C ASN A 115 -12.40 -2.24 -10.18
N SER A 116 -13.46 -1.45 -10.05
CA SER A 116 -14.71 -1.69 -10.77
C SER A 116 -15.50 -0.41 -11.00
N VAL A 117 -16.26 -0.38 -12.08
CA VAL A 117 -17.09 0.76 -12.43
C VAL A 117 -18.44 0.70 -11.73
N GLN A 118 -18.84 -0.49 -11.28
CA GLN A 118 -20.10 -0.72 -10.58
C GLN A 118 -21.33 -0.19 -11.32
N SER A 119 -21.21 0.00 -12.63
CA SER A 119 -22.26 0.55 -13.48
C SER A 119 -22.74 1.93 -12.97
N GLY A 120 -21.90 2.62 -12.21
CA GLY A 120 -22.21 3.93 -11.66
C GLY A 120 -22.03 5.05 -12.68
N ASN A 121 -21.58 4.71 -13.89
CA ASN A 121 -21.36 5.69 -14.95
C ASN A 121 -22.69 6.27 -15.44
N LEU A 122 -22.62 7.45 -16.07
CA LEU A 122 -23.80 8.13 -16.62
C LEU A 122 -24.36 7.36 -17.81
N ALA A 123 -25.63 7.62 -18.13
CA ALA A 123 -26.32 6.98 -19.24
C ALA A 123 -27.42 7.88 -19.78
N GLY A 1 28.64 -18.02 1.70
CA GLY A 1 28.48 -16.70 1.05
C GLY A 1 27.08 -16.15 1.24
N ASN A 2 26.94 -14.82 1.17
CA ASN A 2 25.65 -14.15 1.32
C ASN A 2 25.71 -12.79 0.63
N ASP A 3 24.54 -12.18 0.40
CA ASP A 3 24.42 -10.88 -0.25
C ASP A 3 25.02 -10.77 -1.66
N SER A 4 25.36 -11.90 -2.28
CA SER A 4 25.91 -11.94 -3.62
C SER A 4 24.82 -11.64 -4.66
N LYS A 5 23.57 -11.48 -4.21
CA LYS A 5 22.43 -11.14 -5.04
C LYS A 5 21.58 -10.11 -4.30
N LYS A 6 20.94 -9.20 -5.04
CA LYS A 6 20.14 -8.13 -4.47
C LYS A 6 18.64 -8.40 -4.61
N PHE A 7 18.29 -9.64 -4.97
CA PHE A 7 16.91 -10.06 -5.16
C PHE A 7 16.03 -10.17 -3.91
N LYS A 8 16.52 -9.67 -2.78
CA LYS A 8 15.81 -9.73 -1.50
C LYS A 8 16.20 -8.55 -0.62
N GLY A 9 15.38 -8.24 0.38
CA GLY A 9 15.64 -7.16 1.31
C GLY A 9 14.57 -7.06 2.39
N ASP A 10 14.93 -6.49 3.54
CA ASP A 10 14.03 -6.30 4.65
C ASP A 10 13.05 -5.14 4.48
N SER A 11 11.99 -5.10 5.28
CA SER A 11 11.01 -4.03 5.24
C SER A 11 11.62 -2.70 5.67
N ARG A 12 12.74 -2.74 6.38
CA ARG A 12 13.44 -1.55 6.86
C ARG A 12 14.54 -1.10 5.89
N SER A 13 14.48 -1.56 4.64
CA SER A 13 15.47 -1.23 3.62
C SER A 13 14.81 -1.07 2.25
N ALA A 14 15.50 -0.38 1.33
CA ALA A 14 15.01 -0.12 -0.01
C ALA A 14 15.43 -1.22 -0.98
N GLY A 15 14.88 -1.17 -2.20
CA GLY A 15 15.26 -2.11 -3.26
C GLY A 15 14.57 -3.46 -3.13
N VAL A 16 13.57 -3.57 -2.27
CA VAL A 16 12.85 -4.83 -2.07
C VAL A 16 12.20 -5.38 -3.34
N PRO A 17 12.12 -6.71 -3.47
CA PRO A 17 11.48 -7.38 -4.60
C PRO A 17 9.96 -7.36 -4.51
N SER A 18 9.41 -7.16 -3.30
CA SER A 18 7.97 -7.20 -3.08
C SER A 18 7.28 -5.93 -3.57
N ARG A 19 6.03 -6.10 -3.98
CA ARG A 19 5.17 -5.05 -4.50
C ARG A 19 4.39 -4.35 -3.38
N VAL A 20 4.88 -4.45 -2.15
CA VAL A 20 4.12 -4.04 -0.99
C VAL A 20 4.70 -2.85 -0.25
N ILE A 21 3.84 -1.96 0.23
CA ILE A 21 4.25 -0.79 0.99
C ILE A 21 3.55 -0.78 2.35
N HIS A 22 4.22 -0.18 3.33
CA HIS A 22 3.72 -0.05 4.68
C HIS A 22 3.71 1.43 5.07
N ILE A 23 2.75 1.81 5.92
CA ILE A 23 2.57 3.18 6.36
C ILE A 23 2.45 3.18 7.88
N ARG A 24 2.92 4.25 8.53
CA ARG A 24 2.80 4.37 9.98
C ARG A 24 2.56 5.81 10.38
N LYS A 25 2.08 6.01 11.62
CA LYS A 25 1.56 7.27 12.11
C LYS A 25 0.30 7.69 11.35
N LEU A 26 -0.34 6.72 10.69
CA LEU A 26 -1.55 6.90 9.87
C LEU A 26 -2.63 7.66 10.65
N PRO A 27 -3.36 8.59 10.02
CA PRO A 27 -4.48 9.27 10.63
C PRO A 27 -5.67 8.30 10.78
N ILE A 28 -6.74 8.75 11.44
CA ILE A 28 -7.87 7.89 11.79
C ILE A 28 -9.14 8.23 11.02
N ASP A 29 -9.42 9.53 10.91
CA ASP A 29 -10.60 10.06 10.25
C ASP A 29 -10.58 9.91 8.73
N VAL A 30 -9.48 9.37 8.23
CA VAL A 30 -9.22 9.19 6.81
C VAL A 30 -9.85 7.87 6.36
N THR A 31 -10.35 7.88 5.12
CA THR A 31 -11.00 6.73 4.49
C THR A 31 -10.05 5.73 3.84
N GLU A 32 -10.62 4.62 3.37
CA GLU A 32 -9.85 3.57 2.76
C GLU A 32 -9.43 3.95 1.34
N GLY A 33 -10.16 4.89 0.73
CA GLY A 33 -9.87 5.32 -0.64
C GLY A 33 -8.63 6.21 -0.69
N GLU A 34 -8.34 6.93 0.39
CA GLU A 34 -7.20 7.84 0.43
C GLU A 34 -5.89 7.08 0.52
N VAL A 35 -5.89 5.95 1.23
CA VAL A 35 -4.71 5.11 1.38
C VAL A 35 -4.31 4.50 0.03
N ILE A 36 -5.29 4.33 -0.86
CA ILE A 36 -5.02 3.81 -2.20
C ILE A 36 -4.70 4.98 -3.14
N SER A 37 -5.27 6.17 -2.87
CA SER A 37 -5.11 7.33 -3.74
C SER A 37 -3.68 7.85 -3.74
N LEU A 38 -2.94 7.65 -2.65
CA LEU A 38 -1.55 8.08 -2.58
C LEU A 38 -0.65 7.13 -3.36
N GLY A 39 -1.13 5.93 -3.71
CA GLY A 39 -0.36 4.94 -4.44
C GLY A 39 -0.81 4.81 -5.89
N LEU A 40 -1.83 5.57 -6.31
CA LEU A 40 -2.40 5.47 -7.64
C LEU A 40 -1.57 6.24 -8.67
N PRO A 41 -1.19 7.50 -8.40
CA PRO A 41 -0.35 8.25 -9.31
C PRO A 41 1.02 7.60 -9.51
N PHE A 42 1.36 6.62 -8.67
CA PHE A 42 2.62 5.89 -8.77
C PHE A 42 2.58 4.58 -9.57
N GLY A 43 1.40 4.20 -10.03
CA GLY A 43 1.18 2.97 -10.77
C GLY A 43 -0.07 2.25 -10.29
N LYS A 44 -0.42 1.13 -10.91
CA LYS A 44 -1.58 0.34 -10.54
C LYS A 44 -1.38 -0.26 -9.15
N VAL A 45 -2.46 -0.32 -8.36
CA VAL A 45 -2.45 -0.89 -7.01
C VAL A 45 -3.72 -1.72 -6.92
N THR A 46 -3.58 -2.91 -6.35
CA THR A 46 -4.64 -3.91 -6.38
C THR A 46 -4.95 -4.57 -5.03
N ASN A 47 -4.33 -4.10 -3.95
CA ASN A 47 -4.71 -4.51 -2.59
C ASN A 47 -4.50 -3.40 -1.57
N LEU A 48 -5.21 -3.54 -0.45
CA LEU A 48 -5.18 -2.58 0.63
C LEU A 48 -5.49 -3.31 1.94
N LEU A 49 -4.82 -2.91 3.01
CA LEU A 49 -5.20 -3.32 4.36
C LEU A 49 -5.14 -2.12 5.32
N MET A 50 -6.30 -1.77 5.89
CA MET A 50 -6.37 -0.81 6.98
C MET A 50 -6.03 -1.54 8.27
N LEU A 51 -5.05 -1.02 9.02
CA LEU A 51 -4.60 -1.68 10.24
C LEU A 51 -5.26 -1.08 11.49
N LYS A 52 -6.56 -0.83 11.43
CA LYS A 52 -7.26 -0.15 12.52
C LYS A 52 -7.02 -0.83 13.86
N GLY A 53 -6.97 0.01 14.90
CA GLY A 53 -6.51 -0.38 16.23
C GLY A 53 -5.04 0.00 16.36
N LYS A 54 -4.39 0.23 15.22
CA LYS A 54 -3.02 0.70 15.14
C LYS A 54 -2.96 1.83 14.12
N ASN A 55 -2.01 2.77 14.27
CA ASN A 55 -1.84 3.89 13.36
C ASN A 55 -0.98 3.48 12.17
N GLN A 56 -1.36 2.41 11.47
CA GLN A 56 -0.59 1.90 10.35
C GLN A 56 -1.49 1.43 9.21
N ALA A 57 -0.90 1.24 8.03
CA ALA A 57 -1.60 0.78 6.85
C ALA A 57 -0.68 -0.04 5.95
N PHE A 58 -1.29 -0.75 5.00
CA PHE A 58 -0.58 -1.58 4.04
C PHE A 58 -1.25 -1.55 2.67
N ILE A 59 -0.47 -1.63 1.59
CA ILE A 59 -1.04 -1.60 0.24
C ILE A 59 -0.17 -2.43 -0.69
N GLU A 60 -0.74 -2.88 -1.80
CA GLU A 60 0.00 -3.68 -2.77
C GLU A 60 -0.16 -3.13 -4.17
N MET A 61 0.97 -2.79 -4.79
CA MET A 61 1.01 -2.34 -6.17
C MET A 61 0.92 -3.57 -7.06
N ASN A 62 0.36 -3.44 -8.26
CA ASN A 62 0.27 -4.58 -9.16
C ASN A 62 1.64 -4.92 -9.75
N THR A 63 2.52 -3.91 -9.82
CA THR A 63 3.86 -4.08 -10.34
C THR A 63 4.96 -3.73 -9.33
N GLU A 64 6.09 -4.42 -9.44
CA GLU A 64 7.26 -4.14 -8.61
C GLU A 64 7.82 -2.75 -8.95
N GLU A 65 7.67 -2.32 -10.21
CA GLU A 65 8.17 -1.02 -10.64
C GLU A 65 7.30 0.10 -10.09
N ALA A 66 6.00 -0.17 -9.88
CA ALA A 66 5.10 0.79 -9.28
C ALA A 66 5.43 0.97 -7.80
N ALA A 67 5.81 -0.12 -7.14
CA ALA A 67 6.20 -0.06 -5.74
C ALA A 67 7.58 0.57 -5.60
N ASN A 68 8.47 0.25 -6.54
CA ASN A 68 9.83 0.77 -6.55
C ASN A 68 9.84 2.30 -6.70
N THR A 69 9.04 2.83 -7.63
CA THR A 69 8.97 4.27 -7.85
C THR A 69 8.26 4.99 -6.70
N MET A 70 7.22 4.37 -6.14
CA MET A 70 6.42 4.98 -5.09
C MET A 70 7.26 5.32 -3.87
N VAL A 71 8.06 4.38 -3.36
CA VAL A 71 8.89 4.63 -2.20
C VAL A 71 10.09 5.45 -2.62
N ASN A 72 10.59 5.29 -3.84
CA ASN A 72 11.74 6.07 -4.30
C ASN A 72 11.41 7.56 -4.38
N TYR A 73 10.14 7.93 -4.48
CA TYR A 73 9.75 9.32 -4.41
C TYR A 73 9.46 9.61 -2.92
N TYR A 74 8.71 8.73 -2.26
CA TYR A 74 8.37 8.91 -0.85
C TYR A 74 9.53 8.76 0.14
N THR A 75 10.70 8.32 -0.34
CA THR A 75 11.89 8.23 0.47
C THR A 75 12.53 9.60 0.73
N SER A 76 12.03 10.63 0.06
CA SER A 76 12.49 12.01 0.21
C SER A 76 11.32 12.97 0.43
N VAL A 77 10.08 12.46 0.34
CA VAL A 77 8.89 13.25 0.59
C VAL A 77 7.86 12.51 1.44
N THR A 78 7.02 13.25 2.16
CA THR A 78 5.95 12.66 2.95
C THR A 78 4.57 12.75 2.33
N PRO A 79 3.83 11.65 2.23
CA PRO A 79 2.46 11.65 1.77
C PRO A 79 1.57 12.17 2.87
N VAL A 80 0.46 12.81 2.50
CA VAL A 80 -0.49 13.30 3.46
C VAL A 80 -1.93 13.01 3.10
N LEU A 81 -2.72 12.66 4.13
CA LEU A 81 -4.13 12.33 3.96
C LEU A 81 -4.98 13.30 4.78
N ARG A 82 -5.99 13.91 4.14
CA ARG A 82 -6.80 14.94 4.78
C ARG A 82 -5.94 16.06 5.36
N GLY A 83 -4.78 16.29 4.73
CA GLY A 83 -3.85 17.33 5.16
C GLY A 83 -2.87 16.86 6.23
N GLN A 84 -2.88 15.56 6.56
CA GLN A 84 -2.03 15.02 7.62
C GLN A 84 -0.94 14.09 7.08
N PRO A 85 0.32 14.51 7.16
CA PRO A 85 1.45 13.77 6.64
C PRO A 85 1.86 12.64 7.57
N ILE A 86 2.18 11.49 6.95
CA ILE A 86 2.61 10.31 7.69
C ILE A 86 3.72 9.56 6.94
N TYR A 87 4.44 8.72 7.70
CA TYR A 87 5.60 7.98 7.20
C TYR A 87 5.25 6.78 6.32
N ILE A 88 6.17 6.44 5.40
CA ILE A 88 5.98 5.34 4.48
C ILE A 88 7.29 4.60 4.25
N GLN A 89 7.21 3.27 4.06
CA GLN A 89 8.37 2.47 3.76
C GLN A 89 7.94 1.12 3.17
N PHE A 90 8.87 0.31 2.65
CA PHE A 90 8.54 -1.00 2.13
C PHE A 90 7.98 -2.01 3.14
N SER A 91 7.38 -3.10 2.66
CA SER A 91 6.87 -4.16 3.52
C SER A 91 7.53 -5.49 3.17
N ASN A 92 7.78 -6.33 4.19
CA ASN A 92 8.40 -7.63 3.98
C ASN A 92 7.40 -8.68 3.52
N HIS A 93 6.10 -8.39 3.63
CA HIS A 93 5.06 -9.26 3.11
C HIS A 93 5.14 -9.25 1.58
N LYS A 94 4.88 -10.39 0.94
CA LYS A 94 4.97 -10.48 -0.51
C LYS A 94 3.67 -10.03 -1.18
N GLU A 95 2.55 -10.21 -0.48
CA GLU A 95 1.22 -9.83 -0.96
C GLU A 95 0.30 -9.56 0.23
N LEU A 96 -0.75 -8.79 -0.05
CA LEU A 96 -1.74 -8.42 0.94
C LEU A 96 -2.64 -9.61 1.24
N LYS A 97 -2.59 -10.08 2.50
CA LYS A 97 -3.40 -11.17 3.00
C LYS A 97 -3.41 -11.08 4.52
N THR A 98 -4.50 -11.48 5.19
CA THR A 98 -4.64 -11.31 6.63
C THR A 98 -4.91 -12.58 7.43
N ASP A 99 -4.46 -12.56 8.70
CA ASP A 99 -4.58 -13.67 9.63
C ASP A 99 -5.44 -13.38 10.85
N SER A 100 -5.85 -12.12 11.03
CA SER A 100 -6.62 -11.70 12.19
C SER A 100 -7.38 -10.41 11.90
N SER A 101 -8.39 -10.12 12.72
CA SER A 101 -9.28 -8.96 12.60
C SER A 101 -10.11 -8.96 11.30
N PRO A 102 -11.39 -8.59 11.38
CA PRO A 102 -12.30 -8.53 10.24
C PRO A 102 -12.09 -7.27 9.40
N ASN A 103 -11.07 -6.45 9.72
CA ASN A 103 -10.85 -5.19 9.04
C ASN A 103 -10.49 -5.34 7.56
N GLN A 104 -10.19 -6.56 7.10
CA GLN A 104 -9.83 -6.77 5.69
C GLN A 104 -11.08 -6.81 4.82
N ALA A 105 -12.26 -7.06 5.42
CA ALA A 105 -13.49 -7.15 4.67
C ALA A 105 -13.92 -5.79 4.12
N ARG A 106 -13.39 -4.71 4.72
CA ARG A 106 -13.67 -3.35 4.28
C ARG A 106 -12.63 -2.84 3.29
N ALA A 107 -11.36 -3.20 3.49
CA ALA A 107 -10.30 -2.70 2.65
C ALA A 107 -10.40 -3.24 1.23
N GLN A 108 -10.75 -4.52 1.07
CA GLN A 108 -10.93 -5.11 -0.26
C GLN A 108 -12.26 -4.71 -0.88
N ALA A 109 -13.16 -4.10 -0.11
CA ALA A 109 -14.44 -3.64 -0.64
C ALA A 109 -14.32 -2.19 -1.12
N ALA A 110 -13.61 -1.35 -0.37
CA ALA A 110 -13.40 0.03 -0.75
C ALA A 110 -12.49 0.14 -1.97
N LEU A 111 -11.57 -0.82 -2.12
CA LEU A 111 -10.64 -0.86 -3.24
C LEU A 111 -11.39 -1.04 -4.57
N GLN A 112 -12.62 -1.53 -4.53
CA GLN A 112 -13.40 -1.75 -5.74
C GLN A 112 -14.00 -0.45 -6.27
N ALA A 113 -14.13 0.57 -5.41
CA ALA A 113 -14.68 1.86 -5.81
C ALA A 113 -13.61 2.74 -6.45
N VAL A 114 -12.34 2.48 -6.13
CA VAL A 114 -11.23 3.26 -6.66
C VAL A 114 -10.62 2.69 -7.94
N ASN A 115 -11.20 1.61 -8.46
CA ASN A 115 -10.74 0.91 -9.65
C ASN A 115 -11.89 0.58 -10.59
N SER A 116 -11.55 0.19 -11.82
CA SER A 116 -12.50 -0.13 -12.88
C SER A 116 -13.40 1.05 -13.27
N VAL A 117 -14.15 0.89 -14.35
CA VAL A 117 -15.04 1.92 -14.86
C VAL A 117 -16.21 1.32 -15.63
N GLN A 118 -17.34 2.04 -15.69
CA GLN A 118 -18.53 1.57 -16.41
C GLN A 118 -18.33 1.63 -17.92
N SER A 119 -17.29 2.34 -18.38
CA SER A 119 -16.96 2.53 -19.79
C SER A 119 -18.11 3.18 -20.58
N GLY A 120 -17.87 3.45 -21.87
CA GLY A 120 -18.85 4.07 -22.73
C GLY A 120 -19.96 3.10 -23.14
N ASN A 121 -20.97 3.61 -23.83
CA ASN A 121 -22.10 2.81 -24.30
C ASN A 121 -21.71 1.95 -25.51
N LEU A 122 -20.48 2.11 -26.01
CA LEU A 122 -19.98 1.34 -27.15
C LEU A 122 -19.82 -0.14 -26.79
N ALA A 123 -19.78 -1.00 -27.82
CA ALA A 123 -19.62 -2.44 -27.66
C ALA A 123 -18.23 -2.78 -27.13
N GLY A 1 9.91 -19.22 12.64
CA GLY A 1 10.71 -18.75 11.50
C GLY A 1 9.83 -18.37 10.32
N ASN A 2 10.38 -18.43 9.10
CA ASN A 2 9.68 -18.08 7.88
C ASN A 2 10.31 -18.85 6.71
N ASP A 3 9.59 -18.91 5.58
CA ASP A 3 10.05 -19.62 4.40
C ASP A 3 11.29 -19.02 3.75
N SER A 4 12.09 -19.84 3.07
CA SER A 4 13.32 -19.40 2.43
C SER A 4 13.07 -18.83 1.03
N LYS A 5 11.80 -18.69 0.62
CA LYS A 5 11.45 -18.18 -0.69
C LYS A 5 11.90 -16.73 -0.87
N LYS A 6 12.27 -16.37 -2.10
CA LYS A 6 12.77 -15.05 -2.45
C LYS A 6 11.64 -14.03 -2.69
N PHE A 7 10.39 -14.44 -2.46
CA PHE A 7 9.22 -13.60 -2.70
C PHE A 7 9.05 -12.33 -1.86
N LYS A 8 10.00 -12.05 -0.95
CA LYS A 8 9.95 -10.87 -0.09
C LYS A 8 11.34 -10.51 0.42
N GLY A 9 11.44 -9.36 1.10
CA GLY A 9 12.68 -8.88 1.68
C GLY A 9 12.38 -8.06 2.93
N ASP A 10 13.42 -7.76 3.72
CA ASP A 10 13.26 -7.02 4.97
C ASP A 10 12.88 -5.55 4.79
N SER A 11 12.07 -5.02 5.71
CA SER A 11 11.67 -3.62 5.69
C SER A 11 12.73 -2.72 6.31
N ARG A 12 13.76 -3.33 6.92
CA ARG A 12 14.81 -2.60 7.61
C ARG A 12 15.73 -1.89 6.63
N SER A 13 15.51 -2.06 5.32
CA SER A 13 16.29 -1.43 4.28
C SER A 13 15.47 -1.29 3.00
N ALA A 14 15.86 -0.37 2.12
CA ALA A 14 15.19 -0.16 0.84
C ALA A 14 15.47 -1.31 -0.13
N GLY A 15 14.67 -1.38 -1.20
CA GLY A 15 14.76 -2.45 -2.18
C GLY A 15 14.07 -3.71 -1.66
N VAL A 16 13.10 -4.20 -2.44
CA VAL A 16 12.34 -5.38 -2.08
C VAL A 16 11.75 -6.01 -3.34
N PRO A 17 11.73 -7.34 -3.45
CA PRO A 17 11.21 -8.05 -4.61
C PRO A 17 9.68 -8.06 -4.65
N SER A 18 9.02 -7.85 -3.51
CA SER A 18 7.57 -7.80 -3.44
C SER A 18 7.08 -6.40 -3.82
N ARG A 19 5.78 -6.27 -4.08
CA ARG A 19 5.16 -5.06 -4.56
C ARG A 19 4.42 -4.34 -3.44
N VAL A 20 4.86 -4.56 -2.19
CA VAL A 20 4.12 -4.14 -1.02
C VAL A 20 4.67 -2.86 -0.40
N ILE A 21 3.79 -2.00 0.08
CA ILE A 21 4.20 -0.79 0.77
C ILE A 21 3.51 -0.72 2.13
N HIS A 22 4.19 -0.08 3.09
CA HIS A 22 3.68 0.08 4.44
C HIS A 22 3.67 1.57 4.80
N ILE A 23 2.67 2.00 5.56
CA ILE A 23 2.57 3.37 6.00
C ILE A 23 2.48 3.41 7.52
N ARG A 24 3.30 4.26 8.14
CA ARG A 24 3.41 4.34 9.60
C ARG A 24 2.78 5.64 10.10
N LYS A 25 2.37 5.67 11.37
CA LYS A 25 1.74 6.82 11.99
C LYS A 25 0.47 7.26 11.25
N LEU A 26 -0.19 6.31 10.57
CA LEU A 26 -1.40 6.57 9.80
C LEU A 26 -2.46 7.28 10.65
N PRO A 27 -3.13 8.31 10.10
CA PRO A 27 -4.25 8.96 10.78
C PRO A 27 -5.44 8.02 10.88
N ILE A 28 -6.38 8.36 11.77
CA ILE A 28 -7.50 7.50 12.14
C ILE A 28 -8.75 7.77 11.29
N ASP A 29 -9.15 9.04 11.23
CA ASP A 29 -10.33 9.48 10.52
C ASP A 29 -10.23 9.34 9.00
N VAL A 30 -9.07 8.88 8.53
CA VAL A 30 -8.78 8.75 7.11
C VAL A 30 -9.39 7.45 6.60
N THR A 31 -9.87 7.49 5.36
CA THR A 31 -10.55 6.38 4.71
C THR A 31 -9.66 5.46 3.88
N GLU A 32 -10.27 4.37 3.40
CA GLU A 32 -9.57 3.39 2.61
C GLU A 32 -9.20 3.92 1.23
N GLY A 33 -9.94 4.93 0.76
CA GLY A 33 -9.68 5.52 -0.55
C GLY A 33 -8.47 6.44 -0.53
N GLU A 34 -8.10 6.96 0.66
CA GLU A 34 -6.96 7.84 0.79
C GLU A 34 -5.65 7.05 0.74
N VAL A 35 -5.64 5.88 1.39
CA VAL A 35 -4.47 5.00 1.39
C VAL A 35 -4.17 4.52 -0.03
N ILE A 36 -5.21 4.43 -0.86
CA ILE A 36 -5.06 4.07 -2.27
C ILE A 36 -4.68 5.31 -3.08
N SER A 37 -5.22 6.47 -2.74
CA SER A 37 -5.06 7.69 -3.51
C SER A 37 -3.62 8.18 -3.53
N LEU A 38 -2.84 7.88 -2.48
CA LEU A 38 -1.45 8.31 -2.42
C LEU A 38 -0.55 7.37 -3.25
N GLY A 39 -1.04 6.18 -3.60
CA GLY A 39 -0.27 5.23 -4.39
C GLY A 39 -0.74 5.16 -5.84
N LEU A 40 -1.80 5.89 -6.19
CA LEU A 40 -2.39 5.84 -7.51
C LEU A 40 -1.57 6.64 -8.52
N PRO A 41 -1.15 7.88 -8.19
CA PRO A 41 -0.28 8.64 -9.06
C PRO A 41 1.08 7.95 -9.27
N PHE A 42 1.33 6.85 -8.55
CA PHE A 42 2.57 6.08 -8.67
C PHE A 42 2.47 4.76 -9.43
N GLY A 43 1.26 4.41 -9.86
CA GLY A 43 1.02 3.18 -10.61
C GLY A 43 -0.29 2.53 -10.17
N LYS A 44 -0.60 1.38 -10.76
CA LYS A 44 -1.81 0.64 -10.45
C LYS A 44 -1.71 0.01 -9.06
N VAL A 45 -2.73 0.26 -8.22
CA VAL A 45 -2.83 -0.31 -6.88
C VAL A 45 -3.88 -1.41 -6.91
N THR A 46 -3.55 -2.60 -6.40
CA THR A 46 -4.43 -3.76 -6.49
C THR A 46 -4.73 -4.49 -5.18
N ASN A 47 -4.14 -4.04 -4.07
CA ASN A 47 -4.45 -4.55 -2.74
C ASN A 47 -4.38 -3.45 -1.70
N LEU A 48 -5.02 -3.69 -0.56
CA LEU A 48 -5.11 -2.71 0.52
C LEU A 48 -5.48 -3.41 1.82
N LEU A 49 -4.81 -3.06 2.90
CA LEU A 49 -5.23 -3.45 4.24
C LEU A 49 -5.10 -2.30 5.25
N MET A 50 -6.16 -2.09 6.03
CA MET A 50 -6.17 -1.16 7.15
C MET A 50 -5.92 -1.89 8.47
N LEU A 51 -5.50 -1.15 9.49
CA LEU A 51 -5.22 -1.67 10.82
C LEU A 51 -5.87 -0.78 11.87
N LYS A 52 -7.08 -0.28 11.62
CA LYS A 52 -7.71 0.65 12.52
C LYS A 52 -7.65 0.13 13.96
N GLY A 53 -7.29 1.04 14.87
CA GLY A 53 -6.92 0.72 16.25
C GLY A 53 -5.39 0.76 16.37
N LYS A 54 -4.71 0.84 15.23
CA LYS A 54 -3.27 1.05 15.11
C LYS A 54 -3.03 2.11 14.03
N ASN A 55 -2.03 2.95 14.24
CA ASN A 55 -1.65 3.99 13.30
C ASN A 55 -0.76 3.41 12.19
N GLN A 56 -1.26 2.46 11.41
CA GLN A 56 -0.48 1.81 10.36
C GLN A 56 -1.40 1.32 9.23
N ALA A 57 -0.84 1.15 8.03
CA ALA A 57 -1.58 0.64 6.88
C ALA A 57 -0.68 -0.14 5.92
N PHE A 58 -1.33 -0.89 5.02
CA PHE A 58 -0.64 -1.67 4.00
C PHE A 58 -1.32 -1.60 2.64
N ILE A 59 -0.54 -1.69 1.56
CA ILE A 59 -1.08 -1.69 0.21
C ILE A 59 -0.16 -2.52 -0.69
N GLU A 60 -0.65 -2.90 -1.88
CA GLU A 60 0.19 -3.58 -2.84
C GLU A 60 -0.06 -3.08 -4.25
N MET A 61 1.04 -2.89 -4.98
CA MET A 61 0.98 -2.39 -6.35
C MET A 61 0.87 -3.58 -7.30
N ASN A 62 0.32 -3.36 -8.50
CA ASN A 62 0.22 -4.41 -9.50
C ASN A 62 1.58 -4.67 -10.14
N THR A 63 2.44 -3.65 -10.16
CA THR A 63 3.78 -3.76 -10.72
C THR A 63 4.89 -3.45 -9.73
N GLU A 64 6.04 -4.12 -9.89
CA GLU A 64 7.20 -3.87 -9.04
C GLU A 64 7.77 -2.48 -9.33
N GLU A 65 7.60 -2.00 -10.56
CA GLU A 65 8.09 -0.68 -10.94
C GLU A 65 7.22 0.40 -10.31
N ALA A 66 5.94 0.12 -10.08
CA ALA A 66 5.04 1.04 -9.41
C ALA A 66 5.42 1.15 -7.93
N ALA A 67 5.78 0.02 -7.31
CA ALA A 67 6.18 0.02 -5.92
C ALA A 67 7.57 0.65 -5.77
N ASN A 68 8.45 0.38 -6.74
CA ASN A 68 9.80 0.91 -6.75
C ASN A 68 9.79 2.43 -6.87
N THR A 69 9.01 2.98 -7.81
CA THR A 69 8.93 4.41 -8.00
C THR A 69 8.23 5.12 -6.85
N MET A 70 7.21 4.47 -6.28
CA MET A 70 6.43 5.03 -5.20
C MET A 70 7.30 5.38 -4.00
N VAL A 71 8.07 4.41 -3.50
CA VAL A 71 8.94 4.64 -2.36
C VAL A 71 10.15 5.46 -2.78
N ASN A 72 10.64 5.32 -4.01
CA ASN A 72 11.78 6.10 -4.48
C ASN A 72 11.44 7.59 -4.54
N TYR A 73 10.15 7.95 -4.59
CA TYR A 73 9.76 9.36 -4.49
C TYR A 73 9.49 9.61 -3.01
N TYR A 74 8.74 8.71 -2.34
CA TYR A 74 8.43 8.87 -0.93
C TYR A 74 9.61 8.72 0.04
N THR A 75 10.77 8.31 -0.48
CA THR A 75 12.01 8.24 0.29
C THR A 75 12.64 9.60 0.53
N SER A 76 12.05 10.64 -0.09
CA SER A 76 12.51 12.02 0.04
C SER A 76 11.33 12.95 0.34
N VAL A 77 10.11 12.45 0.19
CA VAL A 77 8.90 13.21 0.47
C VAL A 77 7.91 12.45 1.34
N THR A 78 6.99 13.17 1.98
CA THR A 78 5.95 12.59 2.82
C THR A 78 4.56 12.65 2.21
N PRO A 79 3.83 11.52 2.14
CA PRO A 79 2.46 11.52 1.68
C PRO A 79 1.58 12.19 2.72
N VAL A 80 0.45 12.77 2.28
CA VAL A 80 -0.46 13.48 3.16
C VAL A 80 -1.86 12.93 2.98
N LEU A 81 -2.54 12.69 4.10
CA LEU A 81 -3.92 12.23 4.09
C LEU A 81 -4.76 13.15 4.97
N ARG A 82 -5.80 13.75 4.39
CA ARG A 82 -6.66 14.69 5.11
C ARG A 82 -5.86 15.82 5.78
N GLY A 83 -4.72 16.16 5.18
CA GLY A 83 -3.85 17.22 5.65
C GLY A 83 -2.82 16.75 6.67
N GLN A 84 -2.78 15.46 6.99
CA GLN A 84 -1.82 14.91 7.94
C GLN A 84 -0.76 14.08 7.22
N PRO A 85 0.48 14.58 7.12
CA PRO A 85 1.58 13.83 6.56
C PRO A 85 2.04 12.71 7.49
N ILE A 86 2.38 11.56 6.91
CA ILE A 86 2.86 10.42 7.66
C ILE A 86 3.92 9.65 6.88
N TYR A 87 4.75 8.88 7.60
CA TYR A 87 5.87 8.16 7.05
C TYR A 87 5.45 6.95 6.22
N ILE A 88 6.32 6.52 5.31
CA ILE A 88 6.07 5.38 4.43
C ILE A 88 7.38 4.66 4.12
N GLN A 89 7.34 3.33 4.06
CA GLN A 89 8.48 2.49 3.73
C GLN A 89 8.04 1.16 3.14
N PHE A 90 8.98 0.36 2.63
CA PHE A 90 8.68 -0.98 2.15
C PHE A 90 8.19 -1.96 3.21
N SER A 91 7.40 -2.96 2.81
CA SER A 91 6.89 -3.97 3.73
C SER A 91 7.99 -4.98 4.10
N ASN A 92 7.80 -5.69 5.22
CA ASN A 92 8.74 -6.68 5.70
C ASN A 92 8.38 -8.08 5.19
N HIS A 93 7.31 -8.21 4.39
CA HIS A 93 6.85 -9.53 3.95
C HIS A 93 6.14 -9.50 2.59
N LYS A 94 5.64 -10.67 2.19
CA LYS A 94 4.96 -10.93 0.93
C LYS A 94 3.60 -10.22 0.81
N GLU A 95 2.90 -10.53 -0.29
CA GLU A 95 1.64 -9.89 -0.72
C GLU A 95 0.57 -9.78 0.36
N LEU A 96 -0.36 -8.86 0.12
CA LEU A 96 -1.47 -8.53 1.01
C LEU A 96 -2.39 -9.73 1.21
N LYS A 97 -2.52 -10.15 2.48
CA LYS A 97 -3.45 -11.19 2.92
C LYS A 97 -3.59 -11.10 4.43
N THR A 98 -4.83 -11.14 4.95
CA THR A 98 -5.07 -10.98 6.38
C THR A 98 -5.05 -12.25 7.22
N ASP A 99 -4.77 -12.08 8.52
CA ASP A 99 -4.60 -13.17 9.46
C ASP A 99 -5.16 -12.95 10.87
N SER A 100 -5.73 -11.78 11.16
CA SER A 100 -6.09 -11.45 12.54
C SER A 100 -7.44 -10.75 12.73
N SER A 101 -8.15 -10.37 11.66
CA SER A 101 -9.44 -9.71 11.82
C SER A 101 -10.29 -9.76 10.55
N PRO A 102 -11.60 -9.96 10.69
CA PRO A 102 -12.56 -9.93 9.60
C PRO A 102 -12.91 -8.49 9.20
N ASN A 103 -12.45 -7.49 9.95
CA ASN A 103 -12.75 -6.09 9.68
C ASN A 103 -12.13 -5.61 8.37
N GLN A 104 -11.29 -6.46 7.74
CA GLN A 104 -10.64 -6.14 6.48
C GLN A 104 -11.64 -6.08 5.33
N ALA A 105 -12.89 -6.49 5.55
CA ALA A 105 -13.90 -6.49 4.51
C ALA A 105 -14.18 -5.08 3.99
N ARG A 106 -13.87 -4.05 4.79
CA ARG A 106 -14.02 -2.67 4.37
C ARG A 106 -12.96 -2.29 3.35
N ALA A 107 -11.76 -2.85 3.47
CA ALA A 107 -10.68 -2.58 2.54
C ALA A 107 -10.96 -3.25 1.19
N GLN A 108 -11.62 -4.42 1.21
CA GLN A 108 -11.99 -5.11 -0.02
C GLN A 108 -13.13 -4.39 -0.72
N ALA A 109 -13.97 -3.65 0.02
CA ALA A 109 -15.07 -2.91 -0.58
C ALA A 109 -14.58 -1.63 -1.24
N ALA A 110 -13.57 -0.98 -0.64
CA ALA A 110 -13.03 0.26 -1.19
C ALA A 110 -12.21 0.02 -2.45
N LEU A 111 -11.56 -1.14 -2.55
CA LEU A 111 -10.76 -1.48 -3.72
C LEU A 111 -11.63 -1.65 -4.96
N GLN A 112 -12.91 -1.99 -4.77
CA GLN A 112 -13.81 -2.20 -5.89
C GLN A 112 -14.28 -0.87 -6.49
N ALA A 113 -14.16 0.23 -5.74
CA ALA A 113 -14.50 1.54 -6.24
C ALA A 113 -13.37 2.11 -7.10
N VAL A 114 -12.12 1.68 -6.84
CA VAL A 114 -10.95 2.15 -7.58
C VAL A 114 -10.61 1.26 -8.79
N ASN A 115 -11.33 0.15 -8.95
CA ASN A 115 -11.11 -0.79 -10.04
C ASN A 115 -12.34 -0.91 -10.95
N SER A 116 -13.42 -0.21 -10.63
CA SER A 116 -14.63 -0.21 -11.44
C SER A 116 -14.44 0.66 -12.68
N VAL A 117 -15.21 0.37 -13.73
CA VAL A 117 -15.12 1.10 -15.00
C VAL A 117 -16.50 1.38 -15.58
N GLN A 118 -16.57 2.38 -16.46
CA GLN A 118 -17.83 2.79 -17.10
C GLN A 118 -18.25 1.83 -18.20
N SER A 119 -17.36 0.91 -18.61
CA SER A 119 -17.66 -0.06 -19.65
C SER A 119 -18.66 -1.10 -19.14
N GLY A 120 -19.40 -1.72 -20.06
CA GLY A 120 -20.40 -2.72 -19.72
C GLY A 120 -21.17 -3.19 -20.96
N ASN A 121 -22.05 -4.18 -20.76
CA ASN A 121 -22.86 -4.75 -21.84
C ASN A 121 -24.12 -5.37 -21.25
N LEU A 122 -25.13 -5.61 -22.10
CA LEU A 122 -26.38 -6.20 -21.69
C LEU A 122 -26.16 -7.67 -21.27
N ALA A 123 -26.95 -8.13 -20.29
CA ALA A 123 -26.84 -9.50 -19.78
C ALA A 123 -27.28 -10.51 -20.84
N GLY A 1 24.38 -26.17 12.89
CA GLY A 1 23.27 -25.98 11.93
C GLY A 1 23.48 -24.75 11.06
N ASN A 2 22.55 -24.50 10.14
CA ASN A 2 22.62 -23.37 9.22
C ASN A 2 21.22 -22.86 8.84
N ASP A 3 20.19 -23.31 9.56
CA ASP A 3 18.82 -22.90 9.28
C ASP A 3 18.56 -21.41 9.50
N SER A 4 17.93 -20.74 8.53
CA SER A 4 17.63 -19.32 8.60
C SER A 4 16.47 -18.98 7.66
N LYS A 5 15.87 -17.80 7.85
CA LYS A 5 14.75 -17.34 7.05
C LYS A 5 15.19 -17.13 5.59
N LYS A 6 14.24 -17.25 4.67
CA LYS A 6 14.49 -17.06 3.24
C LYS A 6 13.22 -16.64 2.51
N PHE A 7 12.05 -16.79 3.15
CA PHE A 7 10.77 -16.46 2.55
C PHE A 7 10.48 -14.98 2.34
N LYS A 8 11.26 -14.12 3.03
CA LYS A 8 11.12 -12.67 2.94
C LYS A 8 12.41 -12.02 3.43
N GLY A 9 12.57 -10.72 3.18
CA GLY A 9 13.74 -9.97 3.60
C GLY A 9 13.68 -9.64 5.09
N ASP A 10 14.52 -8.70 5.53
CA ASP A 10 14.49 -8.22 6.90
C ASP A 10 13.34 -7.26 7.18
N SER A 11 12.90 -7.19 8.43
CA SER A 11 11.73 -6.40 8.82
C SER A 11 11.96 -4.88 8.72
N ARG A 12 13.17 -4.45 8.36
CA ARG A 12 13.48 -3.03 8.27
C ARG A 12 14.25 -2.70 6.98
N SER A 13 14.54 -3.71 6.16
CA SER A 13 15.27 -3.50 4.92
C SER A 13 14.37 -2.92 3.84
N ALA A 14 14.96 -2.19 2.89
CA ALA A 14 14.23 -1.62 1.76
C ALA A 14 13.96 -2.69 0.70
N GLY A 15 14.76 -3.76 0.67
CA GLY A 15 14.57 -4.85 -0.27
C GLY A 15 13.31 -5.63 0.08
N VAL A 16 12.57 -6.06 -0.94
CA VAL A 16 11.34 -6.80 -0.75
C VAL A 16 11.03 -7.61 -2.02
N PRO A 17 10.64 -8.89 -1.86
CA PRO A 17 10.34 -9.80 -2.96
C PRO A 17 9.00 -9.51 -3.64
N SER A 18 8.31 -8.45 -3.24
CA SER A 18 6.98 -8.12 -3.75
C SER A 18 6.74 -6.61 -3.71
N ARG A 19 5.85 -6.12 -4.59
CA ARG A 19 5.57 -4.69 -4.73
C ARG A 19 4.60 -4.17 -3.65
N VAL A 20 4.98 -4.39 -2.38
CA VAL A 20 4.16 -3.98 -1.25
C VAL A 20 4.70 -2.71 -0.60
N ILE A 21 3.82 -1.87 -0.06
CA ILE A 21 4.23 -0.67 0.67
C ILE A 21 3.55 -0.65 2.03
N HIS A 22 4.22 -0.06 3.02
CA HIS A 22 3.72 0.04 4.37
C HIS A 22 3.73 1.50 4.81
N ILE A 23 2.76 1.88 5.62
CA ILE A 23 2.64 3.24 6.13
C ILE A 23 2.49 3.17 7.65
N ARG A 24 3.10 4.13 8.35
CA ARG A 24 3.03 4.21 9.81
C ARG A 24 2.75 5.64 10.23
N LYS A 25 2.41 5.85 11.50
CA LYS A 25 1.88 7.12 11.99
C LYS A 25 0.58 7.44 11.25
N LEU A 26 -0.01 6.40 10.63
CA LEU A 26 -1.20 6.47 9.79
C LEU A 26 -2.37 7.06 10.59
N PRO A 27 -3.01 8.13 10.11
CA PRO A 27 -4.04 8.85 10.86
C PRO A 27 -5.36 8.06 10.88
N ILE A 28 -6.21 8.34 11.88
CA ILE A 28 -7.45 7.62 12.08
C ILE A 28 -8.56 8.08 11.13
N ASP A 29 -8.63 9.38 10.88
CA ASP A 29 -9.68 10.00 10.09
C ASP A 29 -9.54 9.59 8.62
N VAL A 30 -8.45 8.92 8.25
CA VAL A 30 -8.24 8.50 6.86
C VAL A 30 -8.97 7.21 6.50
N THR A 31 -9.25 7.02 5.21
CA THR A 31 -9.99 5.87 4.70
C THR A 31 -9.19 4.98 3.78
N GLU A 32 -9.83 3.89 3.36
CA GLU A 32 -9.18 2.91 2.51
C GLU A 32 -8.79 3.54 1.17
N GLY A 33 -9.62 4.47 0.68
CA GLY A 33 -9.39 5.11 -0.60
C GLY A 33 -8.27 6.16 -0.51
N GLU A 34 -7.96 6.62 0.70
CA GLU A 34 -6.93 7.64 0.89
C GLU A 34 -5.55 6.98 0.80
N VAL A 35 -5.42 5.79 1.38
CA VAL A 35 -4.18 5.02 1.34
C VAL A 35 -3.91 4.52 -0.07
N ILE A 36 -4.98 4.30 -0.85
CA ILE A 36 -4.85 3.93 -2.25
C ILE A 36 -4.52 5.17 -3.09
N SER A 37 -5.11 6.32 -2.72
CA SER A 37 -4.98 7.56 -3.48
C SER A 37 -3.54 8.10 -3.49
N LEU A 38 -2.77 7.88 -2.42
CA LEU A 38 -1.40 8.37 -2.36
C LEU A 38 -0.46 7.52 -3.21
N GLY A 39 -0.89 6.32 -3.60
CA GLY A 39 -0.05 5.42 -4.42
C GLY A 39 -0.56 5.29 -5.85
N LEU A 40 -1.66 5.97 -6.19
CA LEU A 40 -2.29 5.85 -7.51
C LEU A 40 -1.50 6.65 -8.54
N PRO A 41 -1.13 7.90 -8.27
CA PRO A 41 -0.30 8.68 -9.17
C PRO A 41 1.08 8.03 -9.38
N PHE A 42 1.37 6.93 -8.69
CA PHE A 42 2.62 6.20 -8.82
C PHE A 42 2.56 4.87 -9.59
N GLY A 43 1.35 4.51 -10.03
CA GLY A 43 1.13 3.28 -10.78
C GLY A 43 -0.16 2.60 -10.33
N LYS A 44 -0.48 1.46 -10.94
CA LYS A 44 -1.67 0.71 -10.61
C LYS A 44 -1.56 0.12 -9.20
N VAL A 45 -2.59 0.31 -8.39
CA VAL A 45 -2.69 -0.24 -7.04
C VAL A 45 -3.76 -1.32 -7.05
N THR A 46 -3.44 -2.51 -6.55
CA THR A 46 -4.32 -3.66 -6.67
C THR A 46 -4.62 -4.41 -5.36
N ASN A 47 -4.05 -3.94 -4.24
CA ASN A 47 -4.38 -4.45 -2.92
C ASN A 47 -4.28 -3.34 -1.87
N LEU A 48 -4.95 -3.56 -0.74
CA LEU A 48 -5.07 -2.55 0.30
C LEU A 48 -5.55 -3.23 1.59
N LEU A 49 -4.88 -2.92 2.69
CA LEU A 49 -5.34 -3.27 4.03
C LEU A 49 -5.15 -2.09 4.98
N MET A 50 -6.24 -1.61 5.57
CA MET A 50 -6.15 -0.64 6.65
C MET A 50 -5.92 -1.39 7.96
N LEU A 51 -5.01 -0.88 8.79
CA LEU A 51 -4.65 -1.55 10.02
C LEU A 51 -5.27 -0.87 11.24
N LYS A 52 -6.53 -0.42 11.12
CA LYS A 52 -7.20 0.26 12.22
C LYS A 52 -7.15 -0.58 13.48
N GLY A 53 -6.83 0.10 14.59
CA GLY A 53 -6.50 -0.52 15.86
C GLY A 53 -5.09 -0.10 16.26
N LYS A 54 -4.32 0.36 15.25
CA LYS A 54 -3.03 1.01 15.45
C LYS A 54 -2.87 2.05 14.34
N ASN A 55 -1.69 2.68 14.28
CA ASN A 55 -1.42 3.77 13.34
C ASN A 55 -0.63 3.28 12.13
N GLN A 56 -1.13 2.25 11.43
CA GLN A 56 -0.45 1.71 10.26
C GLN A 56 -1.42 1.31 9.15
N ALA A 57 -0.88 1.09 7.94
CA ALA A 57 -1.64 0.61 6.79
C ALA A 57 -0.72 -0.13 5.81
N PHE A 58 -1.35 -0.89 4.91
CA PHE A 58 -0.64 -1.66 3.90
C PHE A 58 -1.30 -1.58 2.52
N ILE A 59 -0.50 -1.65 1.45
CA ILE A 59 -1.01 -1.63 0.08
C ILE A 59 -0.09 -2.41 -0.83
N GLU A 60 -0.58 -2.83 -1.99
CA GLU A 60 0.27 -3.50 -2.96
C GLU A 60 0.02 -2.95 -4.34
N MET A 61 1.10 -2.73 -5.09
CA MET A 61 1.03 -2.23 -6.44
C MET A 61 0.83 -3.42 -7.37
N ASN A 62 0.47 -3.18 -8.63
CA ASN A 62 0.40 -4.26 -9.60
C ASN A 62 1.78 -4.57 -10.16
N THR A 63 2.67 -3.58 -10.14
CA THR A 63 4.03 -3.73 -10.66
C THR A 63 5.13 -3.34 -9.68
N GLU A 64 6.30 -3.95 -9.83
CA GLU A 64 7.46 -3.63 -9.01
C GLU A 64 7.99 -2.25 -9.38
N GLU A 65 7.81 -1.81 -10.64
CA GLU A 65 8.26 -0.51 -11.07
C GLU A 65 7.37 0.58 -10.49
N ALA A 66 6.10 0.26 -10.23
CA ALA A 66 5.19 1.19 -9.58
C ALA A 66 5.57 1.38 -8.12
N ALA A 67 5.95 0.30 -7.43
CA ALA A 67 6.36 0.37 -6.04
C ALA A 67 7.74 1.00 -5.93
N ASN A 68 8.61 0.73 -6.90
CA ASN A 68 9.96 1.27 -6.93
C ASN A 68 9.92 2.78 -7.05
N THR A 69 9.09 3.32 -7.96
CA THR A 69 8.97 4.75 -8.13
C THR A 69 8.27 5.44 -6.97
N MET A 70 7.26 4.77 -6.40
CA MET A 70 6.48 5.31 -5.30
C MET A 70 7.35 5.66 -4.09
N VAL A 71 8.15 4.70 -3.63
CA VAL A 71 9.02 4.92 -2.48
C VAL A 71 10.20 5.77 -2.91
N ASN A 72 10.69 5.64 -4.14
CA ASN A 72 11.81 6.46 -4.60
C ASN A 72 11.44 7.94 -4.57
N TYR A 73 10.14 8.25 -4.65
CA TYR A 73 9.66 9.61 -4.41
C TYR A 73 9.40 9.87 -2.93
N TYR A 74 8.70 8.94 -2.27
CA TYR A 74 8.40 9.06 -0.86
C TYR A 74 9.59 8.90 0.11
N THR A 75 10.74 8.49 -0.43
CA THR A 75 11.96 8.38 0.35
C THR A 75 12.58 9.73 0.73
N SER A 76 12.05 10.80 0.10
CA SER A 76 12.47 12.17 0.35
C SER A 76 11.25 13.09 0.42
N VAL A 77 10.05 12.52 0.46
CA VAL A 77 8.81 13.27 0.49
C VAL A 77 7.83 12.52 1.40
N THR A 78 6.98 13.26 2.11
CA THR A 78 5.95 12.68 2.94
C THR A 78 4.55 12.72 2.34
N PRO A 79 3.83 11.59 2.26
CA PRO A 79 2.46 11.57 1.80
C PRO A 79 1.57 12.23 2.85
N VAL A 80 0.46 12.81 2.42
CA VAL A 80 -0.44 13.52 3.32
C VAL A 80 -1.83 12.94 3.20
N LEU A 81 -2.46 12.70 4.36
CA LEU A 81 -3.82 12.17 4.42
C LEU A 81 -4.65 12.99 5.40
N ARG A 82 -5.83 13.44 4.99
CA ARG A 82 -6.66 14.33 5.81
C ARG A 82 -5.88 15.57 6.25
N GLY A 83 -4.82 15.91 5.52
CA GLY A 83 -3.97 17.05 5.83
C GLY A 83 -2.85 16.69 6.81
N GLN A 84 -2.73 15.43 7.21
CA GLN A 84 -1.67 15.00 8.11
C GLN A 84 -0.64 14.15 7.36
N PRO A 85 0.60 14.64 7.24
CA PRO A 85 1.70 13.88 6.67
C PRO A 85 2.14 12.76 7.59
N ILE A 86 2.44 11.59 7.01
CA ILE A 86 2.84 10.42 7.78
C ILE A 86 3.89 9.61 7.02
N TYR A 87 4.63 8.78 7.76
CA TYR A 87 5.76 8.02 7.23
C TYR A 87 5.41 6.81 6.37
N ILE A 88 6.26 6.50 5.39
CA ILE A 88 6.07 5.39 4.47
C ILE A 88 7.38 4.67 4.21
N GLN A 89 7.31 3.35 4.02
CA GLN A 89 8.49 2.54 3.71
C GLN A 89 8.05 1.21 3.08
N PHE A 90 8.97 0.48 2.45
CA PHE A 90 8.67 -0.84 1.93
C PHE A 90 8.19 -1.84 2.97
N SER A 91 7.24 -2.71 2.61
CA SER A 91 6.73 -3.71 3.53
C SER A 91 7.60 -4.97 3.49
N ASN A 92 7.34 -5.91 4.40
CA ASN A 92 8.05 -7.18 4.46
C ASN A 92 7.09 -8.32 4.80
N HIS A 93 5.79 -8.01 4.91
CA HIS A 93 4.77 -9.00 5.25
C HIS A 93 4.32 -9.78 4.01
N LYS A 94 5.09 -9.70 2.91
CA LYS A 94 4.73 -10.28 1.62
C LYS A 94 3.42 -9.70 1.11
N GLU A 95 2.86 -10.31 0.06
CA GLU A 95 1.65 -9.83 -0.59
C GLU A 95 0.51 -9.64 0.40
N LEU A 96 -0.39 -8.70 0.06
CA LEU A 96 -1.48 -8.30 0.92
C LEU A 96 -2.40 -9.49 1.22
N LYS A 97 -2.80 -9.57 2.49
CA LYS A 97 -3.63 -10.64 3.04
C LYS A 97 -4.36 -10.07 4.25
N THR A 98 -5.31 -10.82 4.82
CA THR A 98 -6.07 -10.36 5.99
C THR A 98 -6.56 -11.62 6.69
N ASP A 99 -6.61 -11.59 8.03
CA ASP A 99 -7.07 -12.71 8.83
C ASP A 99 -7.40 -12.35 10.29
N SER A 100 -6.54 -11.54 10.91
CA SER A 100 -6.59 -11.28 12.34
C SER A 100 -7.72 -10.32 12.75
N SER A 101 -8.42 -9.70 11.80
CA SER A 101 -9.47 -8.74 12.15
C SER A 101 -10.60 -8.69 11.11
N PRO A 102 -11.84 -8.47 11.55
CA PRO A 102 -13.00 -8.30 10.68
C PRO A 102 -12.89 -7.09 9.74
N ASN A 103 -11.85 -6.26 9.91
CA ASN A 103 -11.63 -5.10 9.06
C ASN A 103 -11.43 -5.47 7.60
N GLN A 104 -11.30 -6.78 7.31
CA GLN A 104 -11.20 -7.29 5.95
C GLN A 104 -12.45 -6.96 5.14
N ALA A 105 -13.61 -6.88 5.81
CA ALA A 105 -14.88 -6.62 5.13
C ALA A 105 -14.96 -5.20 4.59
N ARG A 106 -14.11 -4.29 5.09
CA ARG A 106 -14.07 -2.91 4.63
C ARG A 106 -12.94 -2.70 3.63
N ALA A 107 -11.79 -3.34 3.84
CA ALA A 107 -10.65 -3.18 2.97
C ALA A 107 -10.92 -3.82 1.60
N GLN A 108 -11.60 -4.97 1.58
CA GLN A 108 -11.92 -5.65 0.33
C GLN A 108 -13.08 -4.96 -0.39
N ALA A 109 -13.89 -4.19 0.33
CA ALA A 109 -15.00 -3.46 -0.28
C ALA A 109 -14.51 -2.19 -0.97
N ALA A 110 -13.48 -1.55 -0.40
CA ALA A 110 -12.92 -0.34 -0.97
C ALA A 110 -12.13 -0.65 -2.25
N LEU A 111 -11.43 -1.77 -2.28
CA LEU A 111 -10.67 -2.19 -3.44
C LEU A 111 -11.58 -2.42 -4.65
N GLN A 112 -12.85 -2.75 -4.42
CA GLN A 112 -13.78 -2.99 -5.50
C GLN A 112 -14.29 -1.69 -6.12
N ALA A 113 -14.06 -0.55 -5.45
CA ALA A 113 -14.36 0.75 -6.03
C ALA A 113 -13.21 1.24 -6.90
N VAL A 114 -12.00 0.71 -6.67
CA VAL A 114 -10.82 1.10 -7.44
C VAL A 114 -10.40 0.12 -8.53
N ASN A 115 -11.19 -0.95 -8.71
CA ASN A 115 -10.93 -2.00 -9.69
C ASN A 115 -12.22 -2.44 -10.37
N SER A 116 -12.09 -3.16 -11.49
CA SER A 116 -13.21 -3.62 -12.30
C SER A 116 -14.07 -2.46 -12.84
N VAL A 117 -15.06 -2.79 -13.67
CA VAL A 117 -15.94 -1.79 -14.28
C VAL A 117 -17.40 -2.23 -14.25
N GLN A 118 -18.31 -1.27 -14.19
CA GLN A 118 -19.74 -1.55 -14.15
C GLN A 118 -20.31 -1.89 -15.53
N SER A 119 -19.50 -1.81 -16.58
CA SER A 119 -19.94 -2.08 -17.94
C SER A 119 -18.74 -2.46 -18.82
N GLY A 120 -19.01 -2.98 -20.02
CA GLY A 120 -17.97 -3.38 -20.97
C GLY A 120 -17.38 -4.76 -20.64
N ASN A 121 -17.89 -5.43 -19.60
CA ASN A 121 -17.39 -6.73 -19.19
C ASN A 121 -17.79 -7.83 -20.16
N LEU A 122 -18.65 -7.52 -21.15
CA LEU A 122 -19.07 -8.47 -22.15
C LEU A 122 -18.02 -8.69 -23.25
N ALA A 123 -16.90 -7.95 -23.17
CA ALA A 123 -15.82 -8.04 -24.14
C ALA A 123 -15.13 -9.39 -24.07
N GLY A 1 15.64 -24.09 4.19
CA GLY A 1 16.51 -23.69 3.07
C GLY A 1 15.88 -22.54 2.28
N ASN A 2 15.90 -22.63 0.95
CA ASN A 2 15.33 -21.60 0.09
C ASN A 2 13.80 -21.57 0.18
N ASP A 3 13.21 -22.54 0.88
CA ASP A 3 11.78 -22.58 1.13
C ASP A 3 11.31 -21.64 2.24
N SER A 4 12.26 -21.02 2.93
CA SER A 4 11.98 -20.05 3.98
C SER A 4 11.53 -18.72 3.40
N LYS A 5 11.11 -17.79 4.25
CA LYS A 5 10.66 -16.47 3.84
C LYS A 5 11.83 -15.55 3.45
N LYS A 6 12.95 -16.14 3.04
CA LYS A 6 14.15 -15.41 2.62
C LYS A 6 13.91 -14.62 1.33
N PHE A 7 12.70 -14.68 0.78
CA PHE A 7 12.32 -14.02 -0.46
C PHE A 7 12.40 -12.50 -0.51
N LYS A 8 12.82 -11.86 0.59
CA LYS A 8 12.95 -10.42 0.68
C LYS A 8 13.90 -10.04 1.81
N GLY A 9 14.41 -8.82 1.77
CA GLY A 9 15.32 -8.31 2.80
C GLY A 9 14.58 -7.90 4.07
N ASP A 10 15.30 -7.33 5.03
CA ASP A 10 14.71 -6.87 6.28
C ASP A 10 13.70 -5.73 6.11
N SER A 11 12.82 -5.54 7.09
CA SER A 11 11.81 -4.50 7.02
C SER A 11 12.42 -3.09 7.01
N ARG A 12 13.64 -2.96 7.54
CA ARG A 12 14.35 -1.68 7.53
C ARG A 12 15.04 -1.42 6.18
N SER A 13 15.00 -2.39 5.27
CA SER A 13 15.68 -2.29 3.98
C SER A 13 14.94 -1.35 3.03
N ALA A 14 15.51 -1.14 1.84
CA ALA A 14 14.95 -0.30 0.79
C ALA A 14 15.32 -0.88 -0.58
N GLY A 15 14.59 -0.49 -1.63
CA GLY A 15 14.80 -1.02 -2.96
C GLY A 15 14.37 -2.49 -3.04
N VAL A 16 13.45 -2.89 -2.15
CA VAL A 16 13.02 -4.28 -2.04
C VAL A 16 12.46 -4.88 -3.33
N PRO A 17 12.58 -6.21 -3.50
CA PRO A 17 12.05 -6.93 -4.63
C PRO A 17 10.53 -7.09 -4.55
N SER A 18 9.95 -6.97 -3.35
CA SER A 18 8.52 -7.15 -3.16
C SER A 18 7.74 -5.95 -3.70
N ARG A 19 6.46 -6.18 -3.99
CA ARG A 19 5.58 -5.20 -4.60
C ARG A 19 4.63 -4.58 -3.57
N VAL A 20 5.12 -4.34 -2.36
CA VAL A 20 4.29 -3.90 -1.25
C VAL A 20 4.82 -2.66 -0.56
N ILE A 21 3.93 -1.77 -0.10
CA ILE A 21 4.32 -0.57 0.62
C ILE A 21 3.66 -0.56 1.99
N HIS A 22 4.31 0.09 2.96
CA HIS A 22 3.84 0.16 4.33
C HIS A 22 3.85 1.61 4.80
N ILE A 23 2.90 1.98 5.66
CA ILE A 23 2.77 3.34 6.15
C ILE A 23 2.68 3.34 7.67
N ARG A 24 3.32 4.31 8.32
CA ARG A 24 3.38 4.42 9.77
C ARG A 24 2.67 5.70 10.23
N LYS A 25 2.35 5.78 11.53
CA LYS A 25 1.71 6.96 12.12
C LYS A 25 0.42 7.34 11.40
N LEU A 26 -0.23 6.35 10.77
CA LEU A 26 -1.43 6.55 9.98
C LEU A 26 -2.52 7.30 10.77
N PRO A 27 -3.20 8.28 10.18
CA PRO A 27 -4.32 8.96 10.82
C PRO A 27 -5.53 8.03 10.91
N ILE A 28 -6.48 8.36 11.79
CA ILE A 28 -7.57 7.46 12.14
C ILE A 28 -8.83 7.66 11.28
N ASP A 29 -9.31 8.90 11.21
CA ASP A 29 -10.52 9.25 10.48
C ASP A 29 -10.36 9.20 8.96
N VAL A 30 -9.19 8.77 8.50
CA VAL A 30 -8.85 8.71 7.08
C VAL A 30 -9.38 7.40 6.52
N THR A 31 -9.90 7.45 5.29
CA THR A 31 -10.53 6.32 4.62
C THR A 31 -9.61 5.41 3.84
N GLU A 32 -10.19 4.31 3.33
CA GLU A 32 -9.46 3.32 2.58
C GLU A 32 -9.05 3.85 1.21
N GLY A 33 -9.79 4.82 0.68
CA GLY A 33 -9.50 5.37 -0.64
C GLY A 33 -8.29 6.28 -0.60
N GLU A 34 -7.96 6.84 0.56
CA GLU A 34 -6.83 7.75 0.70
C GLU A 34 -5.51 6.99 0.68
N VAL A 35 -5.46 5.84 1.38
CA VAL A 35 -4.27 4.99 1.42
C VAL A 35 -3.99 4.48 0.00
N ILE A 36 -5.03 4.30 -0.80
CA ILE A 36 -4.88 3.91 -2.18
C ILE A 36 -4.43 5.11 -3.02
N SER A 37 -5.05 6.27 -2.81
CA SER A 37 -4.83 7.45 -3.63
C SER A 37 -3.40 8.00 -3.56
N LEU A 38 -2.65 7.72 -2.50
CA LEU A 38 -1.29 8.22 -2.38
C LEU A 38 -0.30 7.33 -3.14
N GLY A 39 -0.74 6.18 -3.65
CA GLY A 39 0.14 5.25 -4.34
C GLY A 39 -0.48 4.81 -5.67
N LEU A 40 -1.63 5.40 -5.97
CA LEU A 40 -2.40 5.08 -7.14
C LEU A 40 -1.86 5.87 -8.34
N PRO A 41 -1.50 7.15 -8.19
CA PRO A 41 -0.88 7.88 -9.29
C PRO A 41 0.51 7.32 -9.62
N PHE A 42 1.08 6.50 -8.73
CA PHE A 42 2.37 5.87 -8.96
C PHE A 42 2.34 4.57 -9.76
N GLY A 43 1.17 3.92 -9.81
CA GLY A 43 0.91 2.72 -10.56
C GLY A 43 -0.34 2.02 -10.07
N LYS A 44 -0.69 0.89 -10.72
CA LYS A 44 -1.86 0.12 -10.37
C LYS A 44 -1.70 -0.52 -8.99
N VAL A 45 -2.64 -0.23 -8.08
CA VAL A 45 -2.69 -0.83 -6.76
C VAL A 45 -3.67 -1.99 -6.81
N THR A 46 -3.30 -3.15 -6.27
CA THR A 46 -4.09 -4.36 -6.40
C THR A 46 -4.49 -5.04 -5.09
N ASN A 47 -4.02 -4.51 -3.95
CA ASN A 47 -4.50 -4.94 -2.63
C ASN A 47 -4.35 -3.81 -1.61
N LEU A 48 -5.05 -3.95 -0.48
CA LEU A 48 -5.05 -2.95 0.57
C LEU A 48 -5.44 -3.59 1.89
N LEU A 49 -4.66 -3.34 2.94
CA LEU A 49 -5.06 -3.68 4.29
C LEU A 49 -4.93 -2.45 5.21
N MET A 50 -6.08 -1.99 5.72
CA MET A 50 -6.12 -0.99 6.78
C MET A 50 -5.85 -1.66 8.11
N LEU A 51 -4.86 -1.17 8.85
CA LEU A 51 -4.45 -1.77 10.11
C LEU A 51 -4.99 -0.98 11.30
N LYS A 52 -6.26 -0.57 11.24
CA LYS A 52 -6.84 0.37 12.20
C LYS A 52 -6.85 -0.09 13.66
N GLY A 53 -6.34 -1.28 13.97
CA GLY A 53 -6.12 -1.65 15.36
C GLY A 53 -4.93 -0.84 15.91
N LYS A 54 -4.15 -0.23 15.01
CA LYS A 54 -3.03 0.64 15.33
C LYS A 54 -2.84 1.67 14.21
N ASN A 55 -1.76 2.44 14.27
CA ASN A 55 -1.50 3.53 13.34
C ASN A 55 -0.62 3.08 12.17
N GLN A 56 -1.02 2.00 11.48
CA GLN A 56 -0.27 1.49 10.34
C GLN A 56 -1.20 1.11 9.19
N ALA A 57 -0.62 0.97 7.99
CA ALA A 57 -1.35 0.56 6.79
C ALA A 57 -0.43 -0.18 5.82
N PHE A 58 -1.04 -0.97 4.94
CA PHE A 58 -0.32 -1.72 3.92
C PHE A 58 -1.08 -1.70 2.61
N ILE A 59 -0.37 -1.71 1.48
CA ILE A 59 -0.98 -1.79 0.16
C ILE A 59 -0.09 -2.58 -0.77
N GLU A 60 -0.67 -3.41 -1.63
CA GLU A 60 0.12 -4.12 -2.62
C GLU A 60 0.00 -3.39 -3.95
N MET A 61 1.12 -3.08 -4.60
CA MET A 61 1.11 -2.51 -5.92
C MET A 61 1.32 -3.64 -6.93
N ASN A 62 0.75 -3.51 -8.12
CA ASN A 62 0.74 -4.60 -9.08
C ASN A 62 2.12 -4.86 -9.69
N THR A 63 2.92 -3.80 -9.85
CA THR A 63 4.28 -3.94 -10.38
C THR A 63 5.37 -3.51 -9.41
N GLU A 64 6.54 -4.17 -9.52
CA GLU A 64 7.71 -3.81 -8.74
C GLU A 64 8.22 -2.44 -9.15
N GLU A 65 8.05 -2.08 -10.43
CA GLU A 65 8.51 -0.78 -10.93
C GLU A 65 7.59 0.33 -10.44
N ALA A 66 6.30 0.03 -10.26
CA ALA A 66 5.35 0.97 -9.71
C ALA A 66 5.65 1.20 -8.23
N ALA A 67 5.92 0.12 -7.49
CA ALA A 67 6.25 0.20 -6.07
C ALA A 67 7.61 0.88 -5.90
N ASN A 68 8.54 0.61 -6.82
CA ASN A 68 9.86 1.20 -6.80
C ASN A 68 9.78 2.71 -6.96
N THR A 69 8.93 3.19 -7.87
CA THR A 69 8.75 4.62 -8.09
C THR A 69 8.07 5.31 -6.91
N MET A 70 7.10 4.62 -6.29
CA MET A 70 6.34 5.18 -5.20
C MET A 70 7.24 5.58 -4.03
N VAL A 71 8.07 4.64 -3.55
CA VAL A 71 8.97 4.92 -2.44
C VAL A 71 10.11 5.81 -2.91
N ASN A 72 10.56 5.68 -4.16
CA ASN A 72 11.63 6.52 -4.68
C ASN A 72 11.22 8.00 -4.73
N TYR A 73 9.91 8.29 -4.73
CA TYR A 73 9.46 9.68 -4.61
C TYR A 73 9.27 9.91 -3.11
N TYR A 74 8.62 8.99 -2.39
CA TYR A 74 8.38 9.15 -0.96
C TYR A 74 9.62 9.07 -0.05
N THR A 75 10.76 8.66 -0.62
CA THR A 75 12.01 8.62 0.10
C THR A 75 12.61 10.01 0.36
N SER A 76 11.98 11.04 -0.22
CA SER A 76 12.39 12.42 -0.05
C SER A 76 11.18 13.32 0.24
N VAL A 77 9.96 12.76 0.19
CA VAL A 77 8.75 13.49 0.51
C VAL A 77 7.80 12.70 1.40
N THR A 78 6.94 13.39 2.15
CA THR A 78 5.94 12.77 2.99
C THR A 78 4.53 12.82 2.40
N PRO A 79 3.84 11.68 2.31
CA PRO A 79 2.45 11.64 1.88
C PRO A 79 1.59 12.16 3.00
N VAL A 80 0.44 12.77 2.66
CA VAL A 80 -0.51 13.21 3.65
C VAL A 80 -1.93 12.82 3.34
N LEU A 81 -2.65 12.41 4.40
CA LEU A 81 -4.04 12.01 4.29
C LEU A 81 -4.86 12.87 5.23
N ARG A 82 -6.02 13.36 4.77
CA ARG A 82 -6.85 14.25 5.57
C ARG A 82 -6.07 15.49 6.02
N GLY A 83 -5.02 15.83 5.27
CA GLY A 83 -4.17 16.98 5.57
C GLY A 83 -3.08 16.65 6.57
N GLN A 84 -2.92 15.37 6.92
CA GLN A 84 -1.93 14.94 7.91
C GLN A 84 -0.85 14.06 7.32
N PRO A 85 0.39 14.53 7.31
CA PRO A 85 1.53 13.83 6.74
C PRO A 85 2.04 12.73 7.65
N ILE A 86 2.40 11.60 7.05
CA ILE A 86 2.89 10.45 7.79
C ILE A 86 3.97 9.72 7.00
N TYR A 87 4.79 8.94 7.70
CA TYR A 87 5.94 8.26 7.14
C TYR A 87 5.56 7.02 6.33
N ILE A 88 6.44 6.64 5.39
CA ILE A 88 6.21 5.52 4.49
C ILE A 88 7.52 4.80 4.19
N GLN A 89 7.44 3.48 4.00
CA GLN A 89 8.59 2.66 3.64
C GLN A 89 8.10 1.34 3.04
N PHE A 90 8.98 0.57 2.41
CA PHE A 90 8.64 -0.75 1.91
C PHE A 90 8.14 -1.73 2.98
N SER A 91 7.23 -2.62 2.61
CA SER A 91 6.69 -3.60 3.56
C SER A 91 7.58 -4.83 3.66
N ASN A 92 7.48 -5.55 4.79
CA ASN A 92 8.21 -6.78 5.01
C ASN A 92 7.51 -7.96 4.32
N HIS A 93 6.25 -7.79 3.93
CA HIS A 93 5.48 -8.83 3.28
C HIS A 93 5.74 -8.89 1.77
N LYS A 94 5.57 -10.07 1.17
CA LYS A 94 5.71 -10.24 -0.28
C LYS A 94 4.44 -9.83 -1.01
N GLU A 95 3.29 -9.94 -0.34
CA GLU A 95 1.99 -9.62 -0.89
C GLU A 95 0.98 -9.46 0.23
N LEU A 96 -0.15 -8.81 -0.06
CA LEU A 96 -1.17 -8.55 0.94
C LEU A 96 -2.14 -9.72 1.06
N LYS A 97 -2.68 -9.88 2.28
CA LYS A 97 -3.68 -10.87 2.64
C LYS A 97 -4.37 -10.39 3.90
N THR A 98 -5.48 -11.01 4.29
CA THR A 98 -6.21 -10.62 5.49
C THR A 98 -6.76 -11.75 6.34
N ASP A 99 -6.83 -11.55 7.65
CA ASP A 99 -7.29 -12.57 8.59
C ASP A 99 -7.64 -11.91 9.91
N SER A 100 -8.31 -12.66 10.79
CA SER A 100 -8.68 -12.30 12.15
C SER A 100 -9.57 -11.06 12.28
N SER A 101 -9.01 -9.86 12.08
CA SER A 101 -9.72 -8.62 12.36
C SER A 101 -10.89 -8.40 11.39
N PRO A 102 -12.01 -7.86 11.88
CA PRO A 102 -13.20 -7.59 11.09
C PRO A 102 -13.03 -6.35 10.21
N ASN A 103 -11.94 -5.58 10.41
CA ASN A 103 -11.69 -4.36 9.68
C ASN A 103 -11.46 -4.66 8.19
N GLN A 104 -11.27 -5.94 7.84
CA GLN A 104 -11.04 -6.37 6.47
C GLN A 104 -12.30 -6.16 5.61
N ALA A 105 -13.46 -6.00 6.23
CA ALA A 105 -14.72 -5.88 5.50
C ALA A 105 -14.83 -4.56 4.75
N ARG A 106 -14.08 -3.54 5.14
CA ARG A 106 -14.12 -2.24 4.48
C ARG A 106 -12.92 -2.08 3.54
N ALA A 107 -11.79 -2.71 3.88
CA ALA A 107 -10.59 -2.61 3.06
C ALA A 107 -10.75 -3.39 1.76
N GLN A 108 -11.48 -4.51 1.80
CA GLN A 108 -11.71 -5.32 0.62
C GLN A 108 -12.78 -4.67 -0.28
N ALA A 109 -13.71 -3.93 0.33
CA ALA A 109 -14.79 -3.30 -0.41
C ALA A 109 -14.34 -2.01 -1.09
N ALA A 110 -13.42 -1.27 -0.46
CA ALA A 110 -12.93 -0.01 -1.00
C ALA A 110 -12.11 -0.22 -2.27
N LEU A 111 -11.45 -1.38 -2.39
CA LEU A 111 -10.65 -1.70 -3.56
C LEU A 111 -11.55 -1.87 -4.78
N GLN A 112 -12.84 -2.14 -4.58
CA GLN A 112 -13.75 -2.38 -5.69
C GLN A 112 -14.16 -1.04 -6.32
N ALA A 113 -14.14 0.04 -5.54
CA ALA A 113 -14.48 1.36 -6.06
C ALA A 113 -13.33 1.91 -6.92
N VAL A 114 -12.10 1.45 -6.67
CA VAL A 114 -10.94 1.87 -7.44
C VAL A 114 -10.62 0.97 -8.62
N ASN A 115 -11.47 -0.05 -8.87
CA ASN A 115 -11.27 -1.03 -9.93
C ASN A 115 -12.55 -1.28 -10.73
N SER A 116 -13.55 -0.41 -10.59
CA SER A 116 -14.80 -0.52 -11.33
C SER A 116 -15.46 0.86 -11.46
N VAL A 117 -16.57 0.92 -12.19
CA VAL A 117 -17.33 2.16 -12.36
C VAL A 117 -18.06 2.62 -11.10
N GLN A 118 -17.92 1.85 -10.00
CA GLN A 118 -18.49 2.15 -8.70
C GLN A 118 -19.98 2.55 -8.73
N SER A 119 -20.74 1.99 -9.69
CA SER A 119 -22.16 2.28 -9.82
C SER A 119 -22.94 1.70 -8.65
N GLY A 120 -24.21 2.11 -8.52
CA GLY A 120 -25.09 1.63 -7.46
C GLY A 120 -25.58 0.21 -7.71
N ASN A 121 -25.18 -0.41 -8.82
CA ASN A 121 -25.59 -1.76 -9.17
C ASN A 121 -25.00 -2.79 -8.21
N LEU A 122 -25.61 -3.98 -8.17
CA LEU A 122 -25.18 -5.07 -7.30
C LEU A 122 -25.58 -6.42 -7.89
N ALA A 123 -24.99 -7.49 -7.36
CA ALA A 123 -25.26 -8.85 -7.81
C ALA A 123 -25.00 -9.85 -6.68
N GLY A 1 26.92 -25.36 3.56
CA GLY A 1 25.84 -24.37 3.66
C GLY A 1 24.50 -24.98 3.27
N ASN A 2 23.41 -24.51 3.90
CA ASN A 2 22.07 -25.00 3.63
C ASN A 2 21.53 -24.46 2.30
N ASP A 3 22.21 -23.46 1.73
CA ASP A 3 21.84 -22.81 0.48
C ASP A 3 20.49 -22.07 0.49
N SER A 4 20.52 -20.79 0.14
CA SER A 4 19.33 -19.95 0.07
C SER A 4 19.51 -18.84 -0.96
N LYS A 5 18.39 -18.24 -1.36
CA LYS A 5 18.32 -17.31 -2.48
C LYS A 5 18.07 -15.88 -1.98
N LYS A 6 18.13 -15.66 -0.66
CA LYS A 6 17.86 -14.37 -0.05
C LYS A 6 16.52 -13.83 -0.56
N PHE A 7 15.51 -14.70 -0.60
CA PHE A 7 14.19 -14.39 -1.14
C PHE A 7 13.34 -13.40 -0.33
N LYS A 8 13.87 -12.90 0.78
CA LYS A 8 13.18 -11.96 1.65
C LYS A 8 14.19 -11.14 2.45
N GLY A 9 13.72 -10.08 3.11
CA GLY A 9 14.56 -9.22 3.93
C GLY A 9 13.71 -8.29 4.79
N ASP A 10 14.34 -7.64 5.77
CA ASP A 10 13.65 -6.74 6.69
C ASP A 10 13.18 -5.44 6.04
N SER A 11 12.11 -4.86 6.58
CA SER A 11 11.54 -3.61 6.09
C SER A 11 12.41 -2.40 6.43
N ARG A 12 13.45 -2.60 7.26
CA ARG A 12 14.32 -1.52 7.72
C ARG A 12 15.33 -1.11 6.66
N SER A 13 15.11 -1.50 5.40
CA SER A 13 16.00 -1.18 4.28
C SER A 13 15.20 -0.95 3.01
N ALA A 14 15.78 -0.24 2.04
CA ALA A 14 15.12 0.05 0.77
C ALA A 14 15.01 -1.19 -0.10
N GLY A 15 15.86 -2.20 0.13
CA GLY A 15 15.74 -3.47 -0.56
C GLY A 15 14.43 -4.14 -0.17
N VAL A 16 13.75 -4.75 -1.14
CA VAL A 16 12.45 -5.37 -0.90
C VAL A 16 12.19 -6.50 -1.90
N PRO A 17 11.67 -7.64 -1.42
CA PRO A 17 11.37 -8.80 -2.22
C PRO A 17 10.04 -8.68 -2.98
N SER A 18 9.33 -7.55 -2.83
CA SER A 18 7.99 -7.41 -3.37
C SER A 18 7.58 -5.95 -3.58
N ARG A 19 6.46 -5.78 -4.27
CA ARG A 19 5.83 -4.48 -4.57
C ARG A 19 4.85 -4.06 -3.49
N VAL A 20 5.23 -4.26 -2.24
CA VAL A 20 4.37 -3.98 -1.10
C VAL A 20 4.88 -2.80 -0.29
N ILE A 21 3.98 -1.86 0.04
CA ILE A 21 4.34 -0.68 0.82
C ILE A 21 3.64 -0.74 2.17
N HIS A 22 4.23 -0.07 3.16
CA HIS A 22 3.72 -0.04 4.51
C HIS A 22 3.75 1.40 5.02
N ILE A 23 2.81 1.74 5.92
CA ILE A 23 2.66 3.10 6.43
C ILE A 23 2.59 3.08 7.95
N ARG A 24 3.05 4.16 8.60
CA ARG A 24 3.05 4.27 10.05
C ARG A 24 2.48 5.62 10.46
N LYS A 25 2.01 5.72 11.71
CA LYS A 25 1.35 6.91 12.24
C LYS A 25 0.16 7.33 11.39
N LEU A 26 -0.44 6.38 10.67
CA LEU A 26 -1.59 6.59 9.81
C LEU A 26 -2.70 7.34 10.56
N PRO A 27 -3.36 8.32 9.94
CA PRO A 27 -4.48 9.01 10.54
C PRO A 27 -5.70 8.09 10.62
N ILE A 28 -6.64 8.43 11.52
CA ILE A 28 -7.78 7.58 11.84
C ILE A 28 -9.03 7.92 11.03
N ASP A 29 -9.32 9.22 10.94
CA ASP A 29 -10.49 9.74 10.26
C ASP A 29 -10.40 9.61 8.72
N VAL A 30 -9.27 9.09 8.25
CA VAL A 30 -8.95 8.93 6.84
C VAL A 30 -9.56 7.61 6.36
N THR A 31 -9.95 7.58 5.09
CA THR A 31 -10.61 6.45 4.46
C THR A 31 -9.70 5.40 3.84
N GLU A 32 -10.30 4.29 3.43
CA GLU A 32 -9.59 3.18 2.84
C GLU A 32 -9.36 3.45 1.36
N GLY A 33 -9.88 4.56 0.83
CA GLY A 33 -9.67 4.98 -0.55
C GLY A 33 -8.55 6.01 -0.66
N GLU A 34 -8.33 6.78 0.41
CA GLU A 34 -7.30 7.80 0.44
C GLU A 34 -5.90 7.17 0.58
N VAL A 35 -5.83 6.05 1.32
CA VAL A 35 -4.59 5.29 1.48
C VAL A 35 -4.21 4.69 0.13
N ILE A 36 -5.19 4.45 -0.74
CA ILE A 36 -4.93 3.97 -2.09
C ILE A 36 -4.55 5.15 -2.98
N SER A 37 -5.15 6.31 -2.73
CA SER A 37 -4.97 7.50 -3.56
C SER A 37 -3.53 8.00 -3.57
N LEU A 38 -2.80 7.85 -2.46
CA LEU A 38 -1.41 8.31 -2.38
C LEU A 38 -0.46 7.42 -3.20
N GLY A 39 -0.89 6.21 -3.57
CA GLY A 39 -0.05 5.27 -4.31
C GLY A 39 -0.49 5.08 -5.75
N LEU A 40 -1.57 5.76 -6.17
CA LEU A 40 -2.14 5.58 -7.49
C LEU A 40 -1.41 6.38 -8.55
N PRO A 41 -1.06 7.66 -8.31
CA PRO A 41 -0.28 8.42 -9.26
C PRO A 41 1.09 7.81 -9.51
N PHE A 42 1.49 6.82 -8.69
CA PHE A 42 2.76 6.12 -8.85
C PHE A 42 2.71 4.81 -9.62
N GLY A 43 1.50 4.40 -10.02
CA GLY A 43 1.26 3.18 -10.78
C GLY A 43 -0.02 2.50 -10.30
N LYS A 44 -0.43 1.44 -10.99
CA LYS A 44 -1.64 0.71 -10.68
C LYS A 44 -1.53 0.04 -9.30
N VAL A 45 -2.54 0.26 -8.45
CA VAL A 45 -2.62 -0.36 -7.13
C VAL A 45 -3.70 -1.44 -7.19
N THR A 46 -3.40 -2.63 -6.69
CA THR A 46 -4.28 -3.78 -6.83
C THR A 46 -4.56 -4.55 -5.54
N ASN A 47 -3.99 -4.11 -4.41
CA ASN A 47 -4.34 -4.61 -3.09
C ASN A 47 -4.18 -3.51 -2.05
N LEU A 48 -4.88 -3.68 -0.93
CA LEU A 48 -4.95 -2.67 0.12
C LEU A 48 -5.40 -3.34 1.40
N LEU A 49 -4.68 -3.05 2.49
CA LEU A 49 -5.09 -3.40 3.84
C LEU A 49 -4.93 -2.19 4.75
N MET A 50 -6.02 -1.81 5.44
CA MET A 50 -5.97 -0.79 6.48
C MET A 50 -6.06 -1.48 7.84
N LEU A 51 -5.20 -1.05 8.76
CA LEU A 51 -5.05 -1.69 10.05
C LEU A 51 -5.86 -1.00 11.14
N LYS A 52 -7.07 -0.50 10.81
CA LYS A 52 -7.89 0.23 11.78
C LYS A 52 -7.89 -0.48 13.14
N GLY A 53 -7.52 0.29 14.17
CA GLY A 53 -7.23 -0.21 15.51
C GLY A 53 -5.73 -0.04 15.80
N LYS A 54 -4.95 0.21 14.75
CA LYS A 54 -3.53 0.53 14.81
C LYS A 54 -3.22 1.57 13.73
N ASN A 55 -2.29 2.48 14.01
CA ASN A 55 -1.94 3.57 13.12
C ASN A 55 -1.01 3.11 11.99
N GLN A 56 -1.42 2.07 11.26
CA GLN A 56 -0.61 1.53 10.17
C GLN A 56 -1.47 1.14 8.97
N ALA A 57 -0.84 1.00 7.80
CA ALA A 57 -1.52 0.60 6.58
C ALA A 57 -0.57 -0.17 5.66
N PHE A 58 -1.16 -0.87 4.68
CA PHE A 58 -0.41 -1.67 3.72
C PHE A 58 -1.08 -1.63 2.35
N ILE A 59 -0.30 -1.73 1.27
CA ILE A 59 -0.84 -1.70 -0.08
C ILE A 59 0.05 -2.51 -1.01
N GLU A 60 -0.48 -2.96 -2.15
CA GLU A 60 0.31 -3.66 -3.14
C GLU A 60 0.05 -3.10 -4.53
N MET A 61 1.12 -2.95 -5.28
CA MET A 61 1.07 -2.35 -6.59
C MET A 61 1.17 -3.44 -7.64
N ASN A 62 0.59 -3.21 -8.82
CA ASN A 62 0.53 -4.24 -9.85
C ASN A 62 1.89 -4.47 -10.50
N THR A 63 2.73 -3.44 -10.52
CA THR A 63 4.08 -3.53 -11.06
C THR A 63 5.18 -3.31 -10.04
N GLU A 64 6.29 -4.03 -10.18
CA GLU A 64 7.42 -3.90 -9.29
C GLU A 64 8.05 -2.50 -9.45
N GLU A 65 7.91 -1.93 -10.65
CA GLU A 65 8.45 -0.61 -10.95
C GLU A 65 7.57 0.48 -10.35
N ALA A 66 6.27 0.23 -10.21
CA ALA A 66 5.35 1.17 -9.60
C ALA A 66 5.68 1.34 -8.12
N ALA A 67 5.98 0.23 -7.43
CA ALA A 67 6.33 0.28 -6.03
C ALA A 67 7.74 0.84 -5.85
N ASN A 68 8.63 0.53 -6.78
CA ASN A 68 9.99 1.03 -6.76
C ASN A 68 10.00 2.56 -6.87
N THR A 69 9.18 3.11 -7.76
CA THR A 69 9.08 4.55 -7.94
C THR A 69 8.37 5.25 -6.79
N MET A 70 7.35 4.61 -6.23
CA MET A 70 6.55 5.18 -5.15
C MET A 70 7.41 5.51 -3.94
N VAL A 71 8.22 4.55 -3.47
CA VAL A 71 9.07 4.77 -2.32
C VAL A 71 10.26 5.63 -2.74
N ASN A 72 10.78 5.47 -3.96
CA ASN A 72 11.90 6.27 -4.42
C ASN A 72 11.55 7.75 -4.42
N TYR A 73 10.26 8.09 -4.51
CA TYR A 73 9.82 9.46 -4.31
C TYR A 73 9.53 9.76 -2.84
N TYR A 74 8.80 8.86 -2.18
CA TYR A 74 8.48 9.00 -0.78
C TYR A 74 9.63 8.83 0.21
N THR A 75 10.79 8.38 -0.29
CA THR A 75 12.00 8.26 0.52
C THR A 75 12.61 9.60 0.91
N SER A 76 12.11 10.67 0.28
CA SER A 76 12.53 12.04 0.51
C SER A 76 11.33 12.98 0.54
N VAL A 77 10.12 12.42 0.58
CA VAL A 77 8.88 13.20 0.59
C VAL A 77 7.90 12.47 1.50
N THR A 78 7.09 13.23 2.23
CA THR A 78 6.04 12.68 3.08
C THR A 78 4.64 12.78 2.47
N PRO A 79 3.91 11.68 2.35
CA PRO A 79 2.54 11.69 1.89
C PRO A 79 1.64 12.19 3.00
N VAL A 80 0.55 12.84 2.63
CA VAL A 80 -0.42 13.31 3.60
C VAL A 80 -1.86 13.01 3.23
N LEU A 81 -2.64 12.64 4.23
CA LEU A 81 -4.05 12.31 4.04
C LEU A 81 -4.92 13.24 4.90
N ARG A 82 -5.93 13.85 4.28
CA ARG A 82 -6.76 14.84 4.95
C ARG A 82 -5.93 15.94 5.59
N GLY A 83 -4.77 16.23 4.97
CA GLY A 83 -3.87 17.27 5.43
C GLY A 83 -2.88 16.79 6.48
N GLN A 84 -2.85 15.48 6.76
CA GLN A 84 -2.00 14.92 7.81
C GLN A 84 -0.90 14.01 7.25
N PRO A 85 0.36 14.45 7.34
CA PRO A 85 1.50 13.74 6.80
C PRO A 85 1.93 12.59 7.70
N ILE A 86 2.27 11.46 7.08
CA ILE A 86 2.74 10.28 7.79
C ILE A 86 3.84 9.59 7.00
N TYR A 87 4.63 8.78 7.72
CA TYR A 87 5.82 8.13 7.17
C TYR A 87 5.39 6.93 6.35
N ILE A 88 6.28 6.48 5.47
CA ILE A 88 6.06 5.36 4.56
C ILE A 88 7.35 4.58 4.37
N GLN A 89 7.24 3.26 4.19
CA GLN A 89 8.40 2.41 3.94
C GLN A 89 7.96 1.08 3.31
N PHE A 90 8.89 0.36 2.68
CA PHE A 90 8.59 -0.97 2.15
C PHE A 90 8.08 -1.99 3.17
N SER A 91 7.42 -3.06 2.70
CA SER A 91 6.94 -4.13 3.55
C SER A 91 7.66 -5.43 3.26
N ASN A 92 7.84 -6.28 4.28
CA ASN A 92 8.50 -7.57 4.13
C ASN A 92 7.53 -8.65 3.65
N HIS A 93 6.22 -8.34 3.61
CA HIS A 93 5.22 -9.28 3.11
C HIS A 93 5.39 -9.50 1.61
N LYS A 94 5.13 -10.72 1.13
CA LYS A 94 5.22 -11.03 -0.28
C LYS A 94 4.02 -10.49 -1.03
N GLU A 95 2.86 -10.44 -0.36
CA GLU A 95 1.62 -9.96 -0.94
C GLU A 95 0.61 -9.65 0.17
N LEU A 96 -0.41 -8.86 -0.19
CA LEU A 96 -1.48 -8.48 0.72
C LEU A 96 -2.41 -9.66 0.95
N LYS A 97 -2.55 -10.07 2.22
CA LYS A 97 -3.46 -11.14 2.62
C LYS A 97 -3.75 -11.03 4.12
N THR A 98 -5.00 -10.76 4.49
CA THR A 98 -5.42 -10.65 5.88
C THR A 98 -5.63 -11.99 6.59
N ASP A 99 -5.77 -11.94 7.92
CA ASP A 99 -5.92 -13.15 8.72
C ASP A 99 -6.87 -13.01 9.90
N SER A 100 -6.80 -11.91 10.65
CA SER A 100 -7.66 -11.71 11.80
C SER A 100 -7.85 -10.23 12.13
N SER A 101 -9.07 -9.73 11.95
CA SER A 101 -9.46 -8.39 12.34
C SER A 101 -10.97 -8.20 12.13
N PRO A 102 -11.63 -7.40 12.98
CA PRO A 102 -13.03 -7.03 12.81
C PRO A 102 -13.20 -5.97 11.74
N ASN A 103 -12.10 -5.38 11.25
CA ASN A 103 -12.14 -4.27 10.30
C ASN A 103 -11.59 -4.62 8.92
N GLN A 104 -11.03 -5.83 8.75
CA GLN A 104 -10.43 -6.22 7.48
C GLN A 104 -11.50 -6.37 6.38
N ALA A 105 -12.78 -6.47 6.76
CA ALA A 105 -13.85 -6.61 5.79
C ALA A 105 -14.08 -5.30 5.03
N ARG A 106 -13.66 -4.17 5.59
CA ARG A 106 -13.82 -2.87 4.95
C ARG A 106 -12.73 -2.70 3.89
N ALA A 107 -11.51 -3.18 4.17
CA ALA A 107 -10.40 -3.05 3.25
C ALA A 107 -10.65 -3.84 1.97
N GLN A 108 -11.38 -4.96 2.07
CA GLN A 108 -11.70 -5.78 0.91
C GLN A 108 -12.84 -5.17 0.10
N ALA A 109 -13.57 -4.21 0.68
CA ALA A 109 -14.67 -3.56 -0.01
C ALA A 109 -14.21 -2.25 -0.66
N ALA A 110 -13.25 -1.55 -0.05
CA ALA A 110 -12.76 -0.29 -0.59
C ALA A 110 -12.02 -0.50 -1.91
N LEU A 111 -11.37 -1.65 -2.07
CA LEU A 111 -10.68 -2.00 -3.30
C LEU A 111 -11.64 -2.12 -4.48
N GLN A 112 -12.92 -2.37 -4.21
CA GLN A 112 -13.89 -2.57 -5.26
C GLN A 112 -14.30 -1.23 -5.88
N ALA A 113 -14.17 -0.13 -5.12
CA ALA A 113 -14.48 1.19 -5.63
C ALA A 113 -13.36 1.71 -6.53
N VAL A 114 -12.14 1.22 -6.32
CA VAL A 114 -10.98 1.63 -7.12
C VAL A 114 -10.69 0.74 -8.32
N ASN A 115 -11.53 -0.26 -8.56
CA ASN A 115 -11.33 -1.22 -9.64
C ASN A 115 -12.61 -1.48 -10.46
N SER A 116 -13.75 -0.94 -10.02
CA SER A 116 -15.01 -1.12 -10.74
C SER A 116 -14.99 -0.31 -12.03
N VAL A 117 -15.84 -0.71 -13.00
CA VAL A 117 -15.92 -0.07 -14.30
C VAL A 117 -14.62 0.02 -15.09
N GLN A 118 -13.55 -0.61 -14.59
CA GLN A 118 -12.21 -0.59 -15.19
C GLN A 118 -11.77 0.82 -15.57
N SER A 119 -12.15 1.82 -14.76
CA SER A 119 -11.82 3.22 -15.00
C SER A 119 -10.32 3.49 -14.89
N GLY A 120 -9.52 2.50 -14.49
CA GLY A 120 -8.08 2.65 -14.35
C GLY A 120 -7.71 3.49 -13.13
N ASN A 121 -6.51 4.07 -13.13
CA ASN A 121 -6.00 4.86 -12.02
C ASN A 121 -6.72 6.20 -11.88
N LEU A 122 -7.66 6.49 -12.79
CA LEU A 122 -8.44 7.72 -12.76
C LEU A 122 -9.56 7.64 -11.71
N ALA A 123 -9.68 6.51 -11.03
CA ALA A 123 -10.68 6.29 -10.00
C ALA A 123 -10.51 7.27 -8.84
N GLY A 1 27.13 -9.24 -13.03
CA GLY A 1 26.47 -9.66 -14.27
C GLY A 1 24.99 -9.91 -14.04
N ASN A 2 24.50 -11.08 -14.46
CA ASN A 2 23.10 -11.47 -14.27
C ASN A 2 22.85 -11.95 -12.83
N ASP A 3 23.91 -12.07 -12.02
CA ASP A 3 23.82 -12.47 -10.62
C ASP A 3 23.27 -11.40 -9.68
N SER A 4 22.76 -11.84 -8.52
CA SER A 4 22.20 -10.96 -7.51
C SER A 4 22.25 -11.62 -6.15
N LYS A 5 21.82 -10.91 -5.11
CA LYS A 5 21.85 -11.37 -3.73
C LYS A 5 20.97 -12.60 -3.55
N LYS A 6 21.34 -13.48 -2.61
CA LYS A 6 20.61 -14.70 -2.30
C LYS A 6 19.50 -14.42 -1.29
N PHE A 7 19.17 -13.15 -1.07
CA PHE A 7 18.22 -12.74 -0.04
C PHE A 7 17.19 -11.69 -0.48
N LYS A 8 15.99 -11.75 0.10
CA LYS A 8 14.91 -10.83 -0.20
C LYS A 8 14.99 -9.60 0.69
N GLY A 9 14.37 -8.50 0.26
CA GLY A 9 14.32 -7.26 1.03
C GLY A 9 13.36 -7.39 2.20
N ASP A 10 13.36 -6.40 3.10
CA ASP A 10 12.53 -6.43 4.31
C ASP A 10 12.07 -5.07 4.80
N SER A 11 11.24 -5.10 5.85
CA SER A 11 10.69 -3.92 6.49
C SER A 11 11.73 -3.12 7.28
N ARG A 12 13.03 -3.37 7.03
CA ARG A 12 14.10 -2.76 7.81
C ARG A 12 15.28 -2.37 6.92
N SER A 13 15.09 -2.33 5.60
CA SER A 13 16.14 -1.97 4.66
C SER A 13 15.55 -1.30 3.42
N ALA A 14 16.33 -0.47 2.75
CA ALA A 14 15.89 0.26 1.57
C ALA A 14 15.89 -0.65 0.33
N GLY A 15 14.85 -0.50 -0.49
CA GLY A 15 14.70 -1.27 -1.72
C GLY A 15 14.32 -2.72 -1.44
N VAL A 16 13.31 -3.22 -2.18
CA VAL A 16 12.84 -4.59 -2.03
C VAL A 16 12.35 -5.18 -3.35
N PRO A 17 12.43 -6.51 -3.51
CA PRO A 17 11.90 -7.22 -4.67
C PRO A 17 10.37 -7.33 -4.62
N SER A 18 9.77 -7.20 -3.43
CA SER A 18 8.33 -7.32 -3.26
C SER A 18 7.61 -6.08 -3.78
N ARG A 19 6.30 -6.23 -4.02
CA ARG A 19 5.46 -5.17 -4.57
C ARG A 19 4.56 -4.54 -3.50
N VAL A 20 5.05 -4.52 -2.26
CA VAL A 20 4.25 -4.09 -1.12
C VAL A 20 4.79 -2.82 -0.45
N ILE A 21 3.89 -1.94 0.00
CA ILE A 21 4.27 -0.73 0.71
C ILE A 21 3.52 -0.70 2.05
N HIS A 22 4.13 -0.05 3.04
CA HIS A 22 3.56 0.09 4.36
C HIS A 22 3.58 1.57 4.76
N ILE A 23 2.59 1.97 5.54
CA ILE A 23 2.48 3.35 6.01
C ILE A 23 2.41 3.34 7.53
N ARG A 24 3.02 4.35 8.17
CA ARG A 24 3.17 4.40 9.62
C ARG A 24 2.66 5.74 10.14
N LYS A 25 2.25 5.78 11.41
CA LYS A 25 1.61 6.95 12.03
C LYS A 25 0.34 7.37 11.27
N LEU A 26 -0.30 6.41 10.60
CA LEU A 26 -1.52 6.62 9.80
C LEU A 26 -2.59 7.30 10.64
N PRO A 27 -3.28 8.33 10.09
CA PRO A 27 -4.41 8.95 10.78
C PRO A 27 -5.59 7.99 10.88
N ILE A 28 -6.44 8.20 11.89
CA ILE A 28 -7.51 7.26 12.25
C ILE A 28 -8.82 7.54 11.50
N ASP A 29 -9.26 8.79 11.52
CA ASP A 29 -10.49 9.23 10.88
C ASP A 29 -10.43 9.26 9.36
N VAL A 30 -9.31 8.81 8.79
CA VAL A 30 -9.05 8.80 7.37
C VAL A 30 -9.58 7.49 6.82
N THR A 31 -10.07 7.54 5.57
CA THR A 31 -10.64 6.39 4.90
C THR A 31 -9.62 5.42 4.31
N GLU A 32 -10.12 4.27 3.86
CA GLU A 32 -9.27 3.23 3.33
C GLU A 32 -9.03 3.46 1.83
N GLY A 33 -9.79 4.39 1.23
CA GLY A 33 -9.64 4.71 -0.18
C GLY A 33 -8.50 5.71 -0.41
N GLU A 34 -8.23 6.56 0.57
CA GLU A 34 -7.16 7.55 0.46
C GLU A 34 -5.79 6.90 0.58
N VAL A 35 -5.70 5.78 1.33
CA VAL A 35 -4.48 4.99 1.45
C VAL A 35 -4.09 4.45 0.09
N ILE A 36 -5.07 4.28 -0.80
CA ILE A 36 -4.83 3.80 -2.16
C ILE A 36 -4.53 4.98 -3.09
N SER A 37 -5.16 6.12 -2.81
CA SER A 37 -5.04 7.32 -3.64
C SER A 37 -3.62 7.88 -3.65
N LEU A 38 -2.87 7.71 -2.56
CA LEU A 38 -1.50 8.19 -2.48
C LEU A 38 -0.54 7.29 -3.25
N GLY A 39 -0.98 6.09 -3.65
CA GLY A 39 -0.14 5.14 -4.37
C GLY A 39 -0.61 4.90 -5.80
N LEU A 40 -1.68 5.58 -6.22
CA LEU A 40 -2.27 5.38 -7.54
C LEU A 40 -1.51 6.15 -8.62
N PRO A 41 -1.19 7.44 -8.40
CA PRO A 41 -0.42 8.20 -9.37
C PRO A 41 0.97 7.60 -9.62
N PHE A 42 1.40 6.65 -8.77
CA PHE A 42 2.68 5.97 -8.92
C PHE A 42 2.66 4.68 -9.73
N GLY A 43 1.45 4.22 -10.07
CA GLY A 43 1.22 3.00 -10.84
C GLY A 43 -0.03 2.29 -10.34
N LYS A 44 -0.41 1.19 -11.00
CA LYS A 44 -1.57 0.41 -10.60
C LYS A 44 -1.30 -0.23 -9.24
N VAL A 45 -2.26 -0.14 -8.32
CA VAL A 45 -2.21 -0.77 -7.00
C VAL A 45 -3.53 -1.51 -6.88
N THR A 46 -3.49 -2.76 -6.44
CA THR A 46 -4.65 -3.65 -6.48
C THR A 46 -5.07 -4.30 -5.17
N ASN A 47 -4.27 -4.12 -4.10
CA ASN A 47 -4.64 -4.60 -2.77
C ASN A 47 -4.42 -3.53 -1.73
N LEU A 48 -5.10 -3.71 -0.58
CA LEU A 48 -5.12 -2.71 0.47
C LEU A 48 -5.49 -3.34 1.80
N LEU A 49 -4.83 -2.85 2.85
CA LEU A 49 -5.20 -3.12 4.23
C LEU A 49 -4.85 -1.91 5.11
N MET A 50 -5.66 -1.66 6.13
CA MET A 50 -5.31 -0.70 7.17
C MET A 50 -5.52 -1.31 8.56
N LEU A 51 -4.52 -1.10 9.41
CA LEU A 51 -4.52 -1.60 10.78
C LEU A 51 -5.24 -0.58 11.66
N LYS A 52 -6.58 -0.54 11.62
CA LYS A 52 -7.33 0.43 12.41
C LYS A 52 -7.31 0.15 13.91
N GLY A 53 -6.60 -0.90 14.33
CA GLY A 53 -6.34 -1.15 15.74
C GLY A 53 -5.13 -0.36 16.21
N LYS A 54 -4.44 0.31 15.27
CA LYS A 54 -3.28 1.16 15.54
C LYS A 54 -3.22 2.23 14.46
N ASN A 55 -2.03 2.82 14.26
CA ASN A 55 -1.83 3.88 13.27
C ASN A 55 -0.92 3.40 12.13
N GLN A 56 -1.33 2.39 11.38
CA GLN A 56 -0.53 1.86 10.28
C GLN A 56 -1.38 1.32 9.13
N ALA A 57 -0.76 1.08 7.97
CA ALA A 57 -1.45 0.59 6.78
C ALA A 57 -0.54 -0.20 5.84
N PHE A 58 -1.16 -0.91 4.90
CA PHE A 58 -0.45 -1.70 3.89
C PHE A 58 -1.15 -1.64 2.53
N ILE A 59 -0.40 -1.72 1.45
CA ILE A 59 -0.97 -1.73 0.10
C ILE A 59 -0.09 -2.57 -0.83
N GLU A 60 -0.68 -3.16 -1.88
CA GLU A 60 0.10 -3.92 -2.84
C GLU A 60 -0.01 -3.30 -4.23
N MET A 61 1.14 -2.92 -4.78
CA MET A 61 1.23 -2.35 -6.11
C MET A 61 1.21 -3.51 -7.12
N ASN A 62 0.77 -3.25 -8.36
CA ASN A 62 0.72 -4.28 -9.38
C ASN A 62 2.11 -4.60 -9.92
N THR A 63 2.95 -3.57 -10.07
CA THR A 63 4.30 -3.74 -10.59
C THR A 63 5.39 -3.37 -9.59
N GLU A 64 6.54 -4.03 -9.71
CA GLU A 64 7.70 -3.74 -8.87
C GLU A 64 8.27 -2.36 -9.23
N GLU A 65 8.11 -1.93 -10.48
CA GLU A 65 8.61 -0.64 -10.92
C GLU A 65 7.70 0.49 -10.39
N ALA A 66 6.41 0.21 -10.22
CA ALA A 66 5.47 1.14 -9.64
C ALA A 66 5.71 1.27 -8.14
N ALA A 67 6.07 0.17 -7.48
CA ALA A 67 6.39 0.19 -6.05
C ALA A 67 7.76 0.83 -5.84
N ASN A 68 8.68 0.58 -6.76
CA ASN A 68 10.02 1.15 -6.71
C ASN A 68 9.97 2.66 -6.83
N THR A 69 9.18 3.18 -7.79
CA THR A 69 9.05 4.63 -7.98
C THR A 69 8.31 5.29 -6.84
N MET A 70 7.30 4.61 -6.28
CA MET A 70 6.48 5.15 -5.22
C MET A 70 7.32 5.52 -4.00
N VAL A 71 8.12 4.57 -3.50
CA VAL A 71 8.96 4.82 -2.34
C VAL A 71 10.14 5.70 -2.75
N ASN A 72 10.66 5.57 -3.97
CA ASN A 72 11.77 6.39 -4.42
C ASN A 72 11.37 7.87 -4.49
N TYR A 73 10.07 8.18 -4.56
CA TYR A 73 9.61 9.56 -4.48
C TYR A 73 9.31 9.82 -3.00
N TYR A 74 8.61 8.90 -2.33
CA TYR A 74 8.28 9.06 -0.92
C TYR A 74 9.47 8.96 0.05
N THR A 75 10.63 8.57 -0.46
CA THR A 75 11.86 8.56 0.32
C THR A 75 12.45 9.96 0.53
N SER A 76 11.84 10.96 -0.11
CA SER A 76 12.24 12.35 0.00
C SER A 76 11.03 13.25 0.30
N VAL A 77 9.82 12.69 0.12
CA VAL A 77 8.58 13.42 0.40
C VAL A 77 7.62 12.63 1.28
N THR A 78 6.71 13.33 1.96
CA THR A 78 5.70 12.70 2.79
C THR A 78 4.30 12.70 2.19
N PRO A 79 3.62 11.54 2.15
CA PRO A 79 2.24 11.49 1.70
C PRO A 79 1.36 12.11 2.76
N VAL A 80 0.20 12.65 2.35
CA VAL A 80 -0.70 13.35 3.26
C VAL A 80 -2.09 12.75 3.17
N LEU A 81 -2.72 12.58 4.34
CA LEU A 81 -4.09 12.12 4.43
C LEU A 81 -4.84 12.99 5.43
N ARG A 82 -6.00 13.54 5.05
CA ARG A 82 -6.79 14.41 5.92
C ARG A 82 -5.96 15.62 6.38
N GLY A 83 -4.96 16.01 5.58
CA GLY A 83 -4.08 17.13 5.89
C GLY A 83 -2.95 16.72 6.84
N GLN A 84 -2.86 15.42 7.17
CA GLN A 84 -1.83 14.91 8.07
C GLN A 84 -0.80 14.09 7.30
N PRO A 85 0.42 14.60 7.14
CA PRO A 85 1.52 13.85 6.55
C PRO A 85 1.99 12.74 7.47
N ILE A 86 2.30 11.57 6.90
CA ILE A 86 2.76 10.42 7.66
C ILE A 86 3.81 9.62 6.89
N TYR A 87 4.59 8.83 7.63
CA TYR A 87 5.73 8.10 7.10
C TYR A 87 5.33 6.89 6.24
N ILE A 88 6.24 6.48 5.34
CA ILE A 88 6.01 5.36 4.44
C ILE A 88 7.32 4.63 4.15
N GLN A 89 7.24 3.30 4.05
CA GLN A 89 8.39 2.44 3.72
C GLN A 89 7.94 1.16 3.03
N PHE A 90 8.89 0.35 2.56
CA PHE A 90 8.60 -0.96 2.01
C PHE A 90 8.09 -1.99 3.03
N SER A 91 7.60 -3.15 2.56
CA SER A 91 7.14 -4.21 3.45
C SER A 91 7.69 -5.58 3.04
N ASN A 92 7.91 -6.46 4.02
CA ASN A 92 8.46 -7.78 3.77
C ASN A 92 7.36 -8.79 3.39
N HIS A 93 6.08 -8.40 3.53
CA HIS A 93 4.98 -9.29 3.19
C HIS A 93 5.00 -9.62 1.70
N LYS A 94 4.53 -10.81 1.32
CA LYS A 94 4.50 -11.23 -0.07
C LYS A 94 3.25 -10.69 -0.77
N GLU A 95 2.12 -10.70 -0.07
CA GLU A 95 0.84 -10.25 -0.60
C GLU A 95 -0.07 -9.77 0.53
N LEU A 96 -1.03 -8.93 0.15
CA LEU A 96 -2.01 -8.35 1.05
C LEU A 96 -3.11 -9.37 1.35
N LYS A 97 -3.22 -9.78 2.61
CA LYS A 97 -4.30 -10.64 3.09
C LYS A 97 -4.37 -10.59 4.61
N THR A 98 -5.57 -10.41 5.17
CA THR A 98 -5.75 -10.34 6.61
C THR A 98 -5.79 -11.68 7.32
N ASP A 99 -5.60 -11.67 8.65
CA ASP A 99 -5.56 -12.89 9.44
C ASP A 99 -5.88 -12.61 10.91
N SER A 100 -6.32 -11.40 11.26
CA SER A 100 -6.51 -11.06 12.67
C SER A 100 -7.56 -9.99 12.94
N SER A 101 -8.31 -9.52 11.93
CA SER A 101 -9.32 -8.49 12.19
C SER A 101 -10.44 -8.48 11.14
N PRO A 102 -11.70 -8.27 11.57
CA PRO A 102 -12.84 -8.11 10.69
C PRO A 102 -12.77 -6.87 9.81
N ASN A 103 -11.77 -6.01 10.01
CA ASN A 103 -11.65 -4.77 9.24
C ASN A 103 -11.38 -5.06 7.76
N GLN A 104 -11.19 -6.35 7.41
CA GLN A 104 -10.96 -6.78 6.04
C GLN A 104 -12.12 -6.39 5.13
N ALA A 105 -13.33 -6.33 5.68
CA ALA A 105 -14.53 -6.06 4.90
C ALA A 105 -14.55 -4.63 4.36
N ARG A 106 -13.87 -3.70 5.02
CA ARG A 106 -13.80 -2.31 4.56
C ARG A 106 -12.72 -2.16 3.50
N ALA A 107 -11.56 -2.78 3.72
CA ALA A 107 -10.44 -2.68 2.80
C ALA A 107 -10.71 -3.45 1.51
N GLN A 108 -11.49 -4.53 1.60
CA GLN A 108 -11.81 -5.34 0.43
C GLN A 108 -12.88 -4.68 -0.44
N ALA A 109 -13.73 -3.84 0.15
CA ALA A 109 -14.80 -3.19 -0.58
C ALA A 109 -14.33 -1.91 -1.26
N ALA A 110 -13.38 -1.19 -0.65
CA ALA A 110 -12.87 0.06 -1.19
C ALA A 110 -12.08 -0.17 -2.47
N LEU A 111 -11.44 -1.33 -2.60
CA LEU A 111 -10.66 -1.65 -3.79
C LEU A 111 -11.55 -1.82 -5.01
N GLN A 112 -12.85 -2.04 -4.80
CA GLN A 112 -13.78 -2.26 -5.90
C GLN A 112 -14.18 -0.94 -6.54
N ALA A 113 -13.92 0.18 -5.86
CA ALA A 113 -14.15 1.51 -6.42
C ALA A 113 -12.94 1.97 -7.23
N VAL A 114 -11.75 1.42 -6.92
CA VAL A 114 -10.52 1.79 -7.61
C VAL A 114 -10.06 0.79 -8.67
N ASN A 115 -10.87 -0.24 -8.92
CA ASN A 115 -10.58 -1.28 -9.90
C ASN A 115 -11.87 -1.73 -10.59
N SER A 116 -11.73 -2.37 -11.75
CA SER A 116 -12.86 -2.90 -12.50
C SER A 116 -12.40 -4.04 -13.42
N VAL A 117 -13.23 -5.07 -13.55
CA VAL A 117 -12.93 -6.23 -14.40
C VAL A 117 -14.16 -6.70 -15.17
N GLN A 118 -13.93 -7.43 -16.26
CA GLN A 118 -15.00 -7.93 -17.11
C GLN A 118 -15.76 -9.11 -16.49
N SER A 119 -15.21 -9.67 -15.41
CA SER A 119 -15.82 -10.74 -14.61
C SER A 119 -16.34 -11.91 -15.45
N GLY A 120 -15.76 -12.14 -16.63
CA GLY A 120 -16.17 -13.22 -17.51
C GLY A 120 -15.31 -13.25 -18.78
N ASN A 121 -15.54 -14.25 -19.63
CA ASN A 121 -14.79 -14.38 -20.89
C ASN A 121 -15.24 -13.36 -21.93
N LEU A 122 -16.31 -12.61 -21.65
CA LEU A 122 -16.84 -11.61 -22.56
C LEU A 122 -17.66 -10.58 -21.77
N ALA A 123 -17.66 -9.32 -22.24
CA ALA A 123 -18.41 -8.24 -21.63
C ALA A 123 -18.71 -7.15 -22.67
N GLY A 1 22.89 -22.00 5.14
CA GLY A 1 22.85 -20.67 4.52
C GLY A 1 21.53 -19.98 4.77
N ASN A 2 21.20 -18.97 3.96
CA ASN A 2 19.95 -18.23 4.08
C ASN A 2 18.76 -19.09 3.69
N ASP A 3 17.58 -18.74 4.18
CA ASP A 3 16.34 -19.48 3.90
C ASP A 3 15.88 -19.17 2.47
N SER A 4 16.45 -18.15 1.84
CA SER A 4 16.09 -17.75 0.48
C SER A 4 17.25 -17.00 -0.18
N LYS A 5 17.06 -16.58 -1.43
CA LYS A 5 18.07 -15.90 -2.23
C LYS A 5 18.42 -14.54 -1.60
N LYS A 6 19.58 -14.00 -1.98
CA LYS A 6 20.05 -12.71 -1.48
C LYS A 6 19.18 -11.56 -1.98
N PHE A 7 18.26 -11.84 -2.91
CA PHE A 7 17.39 -10.84 -3.49
C PHE A 7 16.22 -10.35 -2.62
N LYS A 8 16.04 -10.97 -1.45
CA LYS A 8 14.97 -10.63 -0.54
C LYS A 8 15.46 -9.60 0.49
N GLY A 9 14.55 -9.04 1.27
CA GLY A 9 14.90 -8.06 2.28
C GLY A 9 13.75 -7.78 3.25
N ASP A 10 14.08 -7.24 4.43
CA ASP A 10 13.10 -6.90 5.45
C ASP A 10 12.25 -5.67 5.08
N SER A 11 11.21 -5.40 5.87
CA SER A 11 10.33 -4.27 5.61
C SER A 11 11.09 -2.95 5.73
N ARG A 12 12.17 -2.94 6.51
CA ARG A 12 13.00 -1.75 6.71
C ARG A 12 14.14 -1.65 5.69
N SER A 13 14.21 -2.60 4.76
CA SER A 13 15.20 -2.61 3.69
C SER A 13 14.74 -1.67 2.56
N ALA A 14 15.51 -1.62 1.48
CA ALA A 14 15.20 -0.78 0.32
C ALA A 14 15.49 -1.55 -0.97
N GLY A 15 14.83 -1.16 -2.07
CA GLY A 15 14.98 -1.86 -3.34
C GLY A 15 14.33 -3.25 -3.30
N VAL A 16 13.42 -3.46 -2.34
CA VAL A 16 12.77 -4.75 -2.16
C VAL A 16 12.08 -5.30 -3.40
N PRO A 17 12.05 -6.64 -3.55
CA PRO A 17 11.41 -7.32 -4.66
C PRO A 17 9.88 -7.31 -4.52
N SER A 18 9.38 -7.10 -3.30
CA SER A 18 7.95 -7.12 -3.03
C SER A 18 7.26 -5.84 -3.49
N ARG A 19 6.00 -6.00 -3.91
CA ARG A 19 5.15 -4.93 -4.43
C ARG A 19 4.44 -4.19 -3.31
N VAL A 20 4.89 -4.34 -2.07
CA VAL A 20 4.16 -3.90 -0.90
C VAL A 20 4.75 -2.67 -0.23
N ILE A 21 3.89 -1.78 0.25
CA ILE A 21 4.33 -0.61 0.98
C ILE A 21 3.63 -0.56 2.34
N HIS A 22 4.40 -0.17 3.36
CA HIS A 22 3.90 0.01 4.71
C HIS A 22 3.81 1.50 5.03
N ILE A 23 2.86 1.86 5.91
CA ILE A 23 2.68 3.23 6.36
C ILE A 23 2.56 3.22 7.88
N ARG A 24 3.02 4.29 8.54
CA ARG A 24 2.94 4.41 9.99
C ARG A 24 2.63 5.86 10.35
N LYS A 25 2.20 6.10 11.60
CA LYS A 25 1.65 7.38 12.04
C LYS A 25 0.36 7.73 11.26
N LEU A 26 -0.23 6.74 10.58
CA LEU A 26 -1.42 6.90 9.75
C LEU A 26 -2.55 7.59 10.53
N PRO A 27 -3.27 8.55 9.92
CA PRO A 27 -4.44 9.15 10.54
C PRO A 27 -5.59 8.13 10.60
N ILE A 28 -6.49 8.32 11.58
CA ILE A 28 -7.56 7.37 11.88
C ILE A 28 -8.85 7.69 11.14
N ASP A 29 -9.25 8.95 11.19
CA ASP A 29 -10.48 9.42 10.57
C ASP A 29 -10.42 9.46 9.04
N VAL A 30 -9.27 9.09 8.49
CA VAL A 30 -9.01 9.06 7.06
C VAL A 30 -9.62 7.76 6.53
N THR A 31 -10.15 7.81 5.30
CA THR A 31 -10.77 6.67 4.66
C THR A 31 -9.82 5.72 3.94
N GLU A 32 -10.37 4.58 3.53
CA GLU A 32 -9.60 3.56 2.86
C GLU A 32 -9.34 3.96 1.40
N GLY A 33 -10.07 4.97 0.90
CA GLY A 33 -9.90 5.47 -0.45
C GLY A 33 -8.71 6.43 -0.52
N GLU A 34 -8.33 7.04 0.60
CA GLU A 34 -7.19 7.95 0.64
C GLU A 34 -5.90 7.13 0.62
N VAL A 35 -5.93 5.94 1.22
CA VAL A 35 -4.79 5.03 1.23
C VAL A 35 -4.50 4.51 -0.18
N ILE A 36 -5.53 4.45 -1.03
CA ILE A 36 -5.36 4.07 -2.43
C ILE A 36 -4.93 5.30 -3.24
N SER A 37 -5.42 6.48 -2.86
CA SER A 37 -5.19 7.71 -3.61
C SER A 37 -3.72 8.10 -3.63
N LEU A 38 -2.98 7.82 -2.55
CA LEU A 38 -1.56 8.15 -2.49
C LEU A 38 -0.70 7.20 -3.31
N GLY A 39 -1.24 6.05 -3.70
CA GLY A 39 -0.49 5.05 -4.47
C GLY A 39 -0.92 5.03 -5.95
N LEU A 40 -1.91 5.85 -6.32
CA LEU A 40 -2.45 5.84 -7.66
C LEU A 40 -1.53 6.60 -8.62
N PRO A 41 -1.08 7.82 -8.27
CA PRO A 41 -0.15 8.57 -9.09
C PRO A 41 1.21 7.87 -9.23
N PHE A 42 1.39 6.71 -8.60
CA PHE A 42 2.63 5.95 -8.65
C PHE A 42 2.61 4.60 -9.38
N GLY A 43 1.44 4.25 -9.92
CA GLY A 43 1.26 3.01 -10.66
C GLY A 43 -0.07 2.35 -10.32
N LYS A 44 -0.31 1.17 -10.88
CA LYS A 44 -1.52 0.41 -10.63
C LYS A 44 -1.48 -0.22 -9.24
N VAL A 45 -2.50 0.07 -8.42
CA VAL A 45 -2.64 -0.50 -7.08
C VAL A 45 -3.67 -1.63 -7.18
N THR A 46 -3.33 -2.81 -6.65
CA THR A 46 -4.18 -3.99 -6.77
C THR A 46 -4.60 -4.63 -5.45
N ASN A 47 -4.11 -4.10 -4.31
CA ASN A 47 -4.57 -4.52 -3.00
C ASN A 47 -4.41 -3.43 -1.96
N LEU A 48 -5.11 -3.61 -0.82
CA LEU A 48 -5.13 -2.62 0.24
C LEU A 48 -5.55 -3.25 1.56
N LEU A 49 -4.86 -2.85 2.64
CA LEU A 49 -5.30 -3.16 4.00
C LEU A 49 -4.80 -2.06 4.94
N MET A 50 -5.72 -1.29 5.51
CA MET A 50 -5.36 -0.39 6.60
C MET A 50 -5.60 -1.11 7.92
N LEU A 51 -4.63 -1.00 8.82
CA LEU A 51 -4.76 -1.57 10.15
C LEU A 51 -5.56 -0.59 11.01
N LYS A 52 -6.27 -1.11 12.01
CA LYS A 52 -6.91 -0.29 13.02
C LYS A 52 -6.51 -0.75 14.41
N GLY A 53 -6.78 0.08 15.43
CA GLY A 53 -6.28 -0.15 16.78
C GLY A 53 -4.86 0.39 16.94
N LYS A 54 -4.23 0.78 15.83
CA LYS A 54 -2.96 1.48 15.81
C LYS A 54 -2.91 2.37 14.56
N ASN A 55 -1.79 3.05 14.33
CA ASN A 55 -1.66 4.03 13.26
C ASN A 55 -0.78 3.51 12.12
N GLN A 56 -1.23 2.47 11.41
CA GLN A 56 -0.45 1.88 10.32
C GLN A 56 -1.34 1.44 9.16
N ALA A 57 -0.75 1.26 7.97
CA ALA A 57 -1.46 0.81 6.79
C ALA A 57 -0.56 0.01 5.85
N PHE A 58 -1.20 -0.67 4.89
CA PHE A 58 -0.53 -1.51 3.92
C PHE A 58 -1.22 -1.46 2.55
N ILE A 59 -0.44 -1.54 1.46
CA ILE A 59 -0.99 -1.53 0.11
C ILE A 59 -0.10 -2.35 -0.82
N GLU A 60 -0.64 -2.79 -1.96
CA GLU A 60 0.13 -3.56 -2.92
C GLU A 60 -0.02 -3.00 -4.32
N MET A 61 1.11 -2.81 -5.00
CA MET A 61 1.12 -2.45 -6.40
C MET A 61 0.97 -3.70 -7.27
N ASN A 62 0.48 -3.52 -8.49
CA ASN A 62 0.44 -4.62 -9.44
C ASN A 62 1.84 -4.89 -9.99
N THR A 63 2.70 -3.86 -9.99
CA THR A 63 4.07 -3.98 -10.46
C THR A 63 5.12 -3.63 -9.40
N GLU A 64 6.27 -4.30 -9.47
CA GLU A 64 7.39 -4.00 -8.58
C GLU A 64 7.95 -2.62 -8.89
N GLU A 65 7.85 -2.18 -10.15
CA GLU A 65 8.36 -0.88 -10.56
C GLU A 65 7.46 0.24 -10.03
N ALA A 66 6.16 -0.05 -9.88
CA ALA A 66 5.23 0.90 -9.30
C ALA A 66 5.53 1.08 -7.81
N ALA A 67 5.88 -0.01 -7.12
CA ALA A 67 6.22 0.06 -5.72
C ALA A 67 7.60 0.69 -5.53
N ASN A 68 8.53 0.37 -6.44
CA ASN A 68 9.87 0.90 -6.40
C ASN A 68 9.88 2.42 -6.57
N THR A 69 9.10 2.92 -7.54
CA THR A 69 9.01 4.36 -7.78
C THR A 69 8.31 5.11 -6.66
N MET A 70 7.29 4.48 -6.07
CA MET A 70 6.52 5.10 -5.00
C MET A 70 7.39 5.45 -3.80
N VAL A 71 8.19 4.51 -3.31
CA VAL A 71 9.06 4.77 -2.18
C VAL A 71 10.24 5.61 -2.64
N ASN A 72 10.76 5.40 -3.85
CA ASN A 72 11.87 6.18 -4.36
C ASN A 72 11.54 7.67 -4.42
N TYR A 73 10.25 8.01 -4.50
CA TYR A 73 9.81 9.38 -4.35
C TYR A 73 9.53 9.73 -2.89
N TYR A 74 8.79 8.86 -2.20
CA TYR A 74 8.46 9.05 -0.79
C TYR A 74 9.63 8.90 0.20
N THR A 75 10.79 8.45 -0.28
CA THR A 75 12.00 8.35 0.51
C THR A 75 12.61 9.71 0.86
N SER A 76 12.09 10.76 0.23
CA SER A 76 12.52 12.13 0.43
C SER A 76 11.33 13.08 0.43
N VAL A 77 10.12 12.51 0.47
CA VAL A 77 8.89 13.27 0.44
C VAL A 77 7.89 12.58 1.37
N THR A 78 7.07 13.36 2.07
CA THR A 78 6.02 12.82 2.92
C THR A 78 4.62 12.89 2.32
N PRO A 79 3.89 11.78 2.23
CA PRO A 79 2.53 11.77 1.75
C PRO A 79 1.63 12.42 2.79
N VAL A 80 0.49 12.98 2.35
CA VAL A 80 -0.45 13.65 3.24
C VAL A 80 -1.83 13.08 3.02
N LEU A 81 -2.53 12.80 4.13
CA LEU A 81 -3.91 12.37 4.09
C LEU A 81 -4.72 13.24 5.05
N ARG A 82 -5.83 13.80 4.57
CA ARG A 82 -6.71 14.63 5.40
C ARG A 82 -5.95 15.78 6.06
N GLY A 83 -4.87 16.23 5.41
CA GLY A 83 -4.04 17.31 5.88
C GLY A 83 -2.97 16.87 6.88
N GLN A 84 -2.85 15.56 7.11
CA GLN A 84 -1.87 15.00 8.04
C GLN A 84 -0.81 14.18 7.29
N PRO A 85 0.43 14.68 7.23
CA PRO A 85 1.54 13.93 6.66
C PRO A 85 1.95 12.79 7.57
N ILE A 86 2.31 11.65 6.96
CA ILE A 86 2.73 10.48 7.71
C ILE A 86 3.85 9.72 6.97
N TYR A 87 4.56 8.88 7.73
CA TYR A 87 5.70 8.13 7.25
C TYR A 87 5.36 6.94 6.37
N ILE A 88 6.30 6.53 5.51
CA ILE A 88 6.11 5.43 4.57
C ILE A 88 7.41 4.67 4.37
N GLN A 89 7.30 3.36 4.14
CA GLN A 89 8.46 2.52 3.86
C GLN A 89 8.02 1.22 3.18
N PHE A 90 8.97 0.37 2.76
CA PHE A 90 8.65 -0.92 2.19
C PHE A 90 8.02 -1.94 3.16
N SER A 91 7.57 -3.10 2.64
CA SER A 91 7.09 -4.18 3.50
C SER A 91 7.62 -5.53 3.04
N ASN A 92 7.88 -6.43 3.99
CA ASN A 92 8.40 -7.76 3.74
C ASN A 92 7.29 -8.71 3.28
N HIS A 93 6.02 -8.35 3.44
CA HIS A 93 4.93 -9.18 2.96
C HIS A 93 5.06 -9.38 1.45
N LYS A 94 4.76 -10.58 0.95
CA LYS A 94 4.86 -10.86 -0.47
C LYS A 94 3.61 -10.39 -1.20
N GLU A 95 2.48 -10.33 -0.50
CA GLU A 95 1.22 -9.88 -1.06
C GLU A 95 0.23 -9.58 0.06
N LEU A 96 -0.78 -8.79 -0.27
CA LEU A 96 -1.82 -8.39 0.66
C LEU A 96 -2.80 -9.54 0.87
N LYS A 97 -2.88 -10.01 2.11
CA LYS A 97 -3.81 -11.06 2.52
C LYS A 97 -3.99 -11.04 4.03
N THR A 98 -5.22 -11.16 4.51
CA THR A 98 -5.51 -11.15 5.94
C THR A 98 -5.64 -12.53 6.57
N ASP A 99 -5.26 -12.66 7.84
CA ASP A 99 -5.18 -13.96 8.50
C ASP A 99 -6.14 -14.19 9.67
N SER A 100 -6.77 -13.15 10.21
CA SER A 100 -7.68 -13.33 11.34
C SER A 100 -8.60 -12.13 11.59
N SER A 101 -8.08 -10.91 11.47
CA SER A 101 -8.84 -9.71 11.81
C SER A 101 -9.93 -9.42 10.79
N PRO A 102 -11.14 -9.08 11.24
CA PRO A 102 -12.26 -8.67 10.40
C PRO A 102 -12.19 -7.20 9.99
N ASN A 103 -11.16 -6.47 10.44
CA ASN A 103 -11.06 -5.04 10.19
C ASN A 103 -10.88 -4.69 8.73
N GLN A 104 -10.58 -5.67 7.87
CA GLN A 104 -10.33 -5.41 6.46
C GLN A 104 -11.64 -5.22 5.68
N ALA A 105 -12.79 -5.47 6.33
CA ALA A 105 -14.07 -5.45 5.63
C ALA A 105 -14.39 -4.09 5.04
N ARG A 106 -13.83 -3.00 5.58
CA ARG A 106 -14.08 -1.67 5.05
C ARG A 106 -13.14 -1.38 3.89
N ALA A 107 -11.90 -1.88 3.96
CA ALA A 107 -10.92 -1.68 2.91
C ALA A 107 -11.21 -2.61 1.71
N GLN A 108 -11.78 -3.78 2.00
CA GLN A 108 -12.11 -4.76 0.98
C GLN A 108 -13.29 -4.29 0.12
N ALA A 109 -14.10 -3.38 0.64
CA ALA A 109 -15.24 -2.85 -0.10
C ALA A 109 -14.81 -1.74 -1.06
N ALA A 110 -13.80 -0.94 -0.68
CA ALA A 110 -13.33 0.15 -1.51
C ALA A 110 -12.50 -0.31 -2.69
N LEU A 111 -11.81 -1.45 -2.55
CA LEU A 111 -11.00 -1.99 -3.63
C LEU A 111 -11.88 -2.35 -4.83
N GLN A 112 -13.16 -2.60 -4.59
CA GLN A 112 -14.07 -3.01 -5.66
C GLN A 112 -14.42 -1.84 -6.57
N ALA A 113 -14.14 -0.62 -6.12
CA ALA A 113 -14.35 0.57 -6.94
C ALA A 113 -13.08 0.91 -7.72
N VAL A 114 -11.94 0.36 -7.30
CA VAL A 114 -10.65 0.64 -7.94
C VAL A 114 -10.07 -0.54 -8.74
N ASN A 115 -10.84 -1.63 -8.84
CA ASN A 115 -10.42 -2.85 -9.53
C ASN A 115 -11.59 -3.44 -10.32
N SER A 116 -11.31 -4.50 -11.08
CA SER A 116 -12.30 -5.18 -11.91
C SER A 116 -11.93 -6.66 -12.03
N VAL A 117 -12.81 -7.45 -12.68
CA VAL A 117 -12.62 -8.88 -12.80
C VAL A 117 -11.37 -9.24 -13.62
N GLN A 118 -10.72 -10.34 -13.26
CA GLN A 118 -9.49 -10.78 -13.93
C GLN A 118 -9.75 -11.37 -15.32
N SER A 119 -11.02 -11.47 -15.73
CA SER A 119 -11.40 -12.02 -17.02
C SER A 119 -12.77 -11.50 -17.45
N GLY A 120 -13.05 -11.55 -18.75
CA GLY A 120 -14.31 -11.09 -19.30
C GLY A 120 -14.34 -11.24 -20.82
N ASN A 121 -15.50 -10.96 -21.42
CA ASN A 121 -15.76 -11.02 -22.85
C ASN A 121 -15.31 -12.33 -23.51
N LEU A 122 -15.13 -13.39 -22.72
CA LEU A 122 -14.71 -14.69 -23.21
C LEU A 122 -15.82 -15.34 -24.03
N ALA A 123 -15.46 -16.34 -24.85
CA ALA A 123 -16.39 -17.07 -25.69
C ALA A 123 -15.85 -18.48 -25.99
N GLY A 1 23.60 -21.99 -9.67
CA GLY A 1 22.57 -21.12 -9.09
C GLY A 1 21.50 -20.78 -10.11
N ASN A 2 20.84 -19.62 -9.94
CA ASN A 2 19.79 -19.16 -10.82
C ASN A 2 19.69 -17.63 -10.76
N ASP A 3 19.06 -17.02 -11.75
CA ASP A 3 18.90 -15.57 -11.82
C ASP A 3 17.98 -15.01 -10.73
N SER A 4 18.14 -13.72 -10.42
CA SER A 4 17.33 -13.04 -9.41
C SER A 4 17.29 -11.54 -9.68
N LYS A 5 16.45 -10.82 -8.94
CA LYS A 5 16.27 -9.38 -9.08
C LYS A 5 17.56 -8.63 -8.75
N LYS A 6 17.63 -7.37 -9.16
CA LYS A 6 18.77 -6.49 -8.86
C LYS A 6 18.46 -5.61 -7.65
N PHE A 7 17.40 -5.94 -6.89
CA PHE A 7 16.89 -5.10 -5.81
C PHE A 7 16.63 -5.74 -4.46
N LYS A 8 17.20 -6.93 -4.20
CA LYS A 8 16.97 -7.62 -2.92
C LYS A 8 17.36 -6.74 -1.74
N GLY A 9 16.64 -6.87 -0.63
CA GLY A 9 16.88 -6.10 0.57
C GLY A 9 15.80 -6.32 1.62
N ASP A 10 16.04 -5.84 2.83
CA ASP A 10 15.11 -5.95 3.94
C ASP A 10 13.97 -4.93 3.89
N SER A 11 12.99 -5.08 4.79
CA SER A 11 11.85 -4.16 4.85
C SER A 11 12.31 -2.76 5.28
N ARG A 12 13.53 -2.65 5.82
CA ARG A 12 14.11 -1.37 6.22
C ARG A 12 15.08 -0.83 5.15
N SER A 13 15.33 -1.59 4.09
CA SER A 13 16.20 -1.15 3.00
C SER A 13 15.50 -0.11 2.12
N ALA A 14 16.28 0.74 1.45
CA ALA A 14 15.73 1.80 0.63
C ALA A 14 15.16 1.26 -0.69
N GLY A 15 15.43 0.00 -1.02
CA GLY A 15 14.87 -0.63 -2.21
C GLY A 15 14.61 -2.10 -1.92
N VAL A 16 13.54 -2.64 -2.51
CA VAL A 16 13.13 -4.02 -2.28
C VAL A 16 12.56 -4.69 -3.54
N PRO A 17 12.64 -6.02 -3.64
CA PRO A 17 12.10 -6.78 -4.74
C PRO A 17 10.59 -6.98 -4.61
N SER A 18 10.05 -6.77 -3.41
CA SER A 18 8.63 -6.93 -3.11
C SER A 18 7.81 -5.77 -3.65
N ARG A 19 6.50 -6.01 -3.84
CA ARG A 19 5.58 -5.04 -4.41
C ARG A 19 4.68 -4.42 -3.34
N VAL A 20 5.14 -4.45 -2.09
CA VAL A 20 4.33 -4.04 -0.95
C VAL A 20 4.86 -2.76 -0.31
N ILE A 21 3.96 -1.84 0.05
CA ILE A 21 4.34 -0.63 0.77
C ILE A 21 3.66 -0.64 2.14
N HIS A 22 4.33 -0.03 3.11
CA HIS A 22 3.85 0.04 4.48
C HIS A 22 3.85 1.49 4.92
N ILE A 23 2.87 1.88 5.76
CA ILE A 23 2.74 3.25 6.21
C ILE A 23 2.71 3.28 7.73
N ARG A 24 3.28 4.34 8.32
CA ARG A 24 3.37 4.53 9.77
C ARG A 24 2.71 5.82 10.19
N LYS A 25 2.41 5.97 11.48
CA LYS A 25 1.76 7.15 12.04
C LYS A 25 0.42 7.43 11.35
N LEU A 26 -0.19 6.39 10.77
CA LEU A 26 -1.44 6.50 10.02
C LEU A 26 -2.51 7.24 10.83
N PRO A 27 -3.24 8.18 10.22
CA PRO A 27 -4.34 8.87 10.87
C PRO A 27 -5.51 7.89 11.10
N ILE A 28 -6.36 8.20 12.08
CA ILE A 28 -7.41 7.32 12.54
C ILE A 28 -8.73 7.49 11.78
N ASP A 29 -9.24 8.72 11.79
CA ASP A 29 -10.51 9.07 11.14
C ASP A 29 -10.43 9.10 9.61
N VAL A 30 -9.30 8.67 9.06
CA VAL A 30 -9.03 8.66 7.64
C VAL A 30 -9.82 7.61 6.86
N THR A 31 -10.04 7.87 5.56
CA THR A 31 -10.69 6.91 4.67
C THR A 31 -9.76 5.88 4.05
N GLU A 32 -10.38 4.84 3.49
CA GLU A 32 -9.64 3.78 2.84
C GLU A 32 -9.17 4.22 1.46
N GLY A 33 -9.76 5.30 0.93
CA GLY A 33 -9.41 5.82 -0.38
C GLY A 33 -8.13 6.64 -0.33
N GLU A 34 -7.78 7.21 0.82
CA GLU A 34 -6.56 8.00 0.95
C GLU A 34 -5.33 7.10 0.89
N VAL A 35 -5.42 5.93 1.53
CA VAL A 35 -4.35 4.93 1.52
C VAL A 35 -4.11 4.40 0.12
N ILE A 36 -5.12 4.49 -0.75
CA ILE A 36 -5.00 4.08 -2.13
C ILE A 36 -4.54 5.26 -3.00
N SER A 37 -5.03 6.47 -2.70
CA SER A 37 -4.77 7.65 -3.53
C SER A 37 -3.29 8.02 -3.56
N LEU A 38 -2.55 7.69 -2.50
CA LEU A 38 -1.12 7.95 -2.45
C LEU A 38 -0.34 6.94 -3.28
N GLY A 39 -0.96 5.83 -3.69
CA GLY A 39 -0.27 4.79 -4.46
C GLY A 39 -0.75 4.70 -5.90
N LEU A 40 -1.70 5.56 -6.29
CA LEU A 40 -2.29 5.51 -7.62
C LEU A 40 -1.46 6.27 -8.65
N PRO A 41 -1.03 7.52 -8.36
CA PRO A 41 -0.24 8.30 -9.29
C PRO A 41 1.12 7.65 -9.58
N PHE A 42 1.49 6.60 -8.83
CA PHE A 42 2.76 5.91 -9.02
C PHE A 42 2.68 4.62 -9.85
N GLY A 43 1.46 4.20 -10.19
CA GLY A 43 1.20 3.00 -10.96
C GLY A 43 -0.07 2.31 -10.45
N LYS A 44 -0.44 1.18 -11.07
CA LYS A 44 -1.60 0.41 -10.64
C LYS A 44 -1.32 -0.21 -9.28
N VAL A 45 -2.25 -0.05 -8.33
CA VAL A 45 -2.20 -0.69 -7.02
C VAL A 45 -3.55 -1.38 -6.89
N THR A 46 -3.53 -2.63 -6.43
CA THR A 46 -4.72 -3.47 -6.44
C THR A 46 -5.15 -4.06 -5.11
N ASN A 47 -4.33 -3.89 -4.07
CA ASN A 47 -4.64 -4.39 -2.73
C ASN A 47 -4.51 -3.31 -1.68
N LEU A 48 -5.13 -3.55 -0.52
CA LEU A 48 -5.19 -2.58 0.56
C LEU A 48 -5.57 -3.24 1.88
N LEU A 49 -4.84 -2.91 2.94
CA LEU A 49 -5.22 -3.21 4.30
C LEU A 49 -4.69 -2.13 5.23
N MET A 50 -5.57 -1.25 5.69
CA MET A 50 -5.22 -0.32 6.76
C MET A 50 -5.52 -1.00 8.09
N LEU A 51 -4.66 -0.78 9.09
CA LEU A 51 -4.86 -1.34 10.41
C LEU A 51 -5.61 -0.34 11.28
N LYS A 52 -6.37 -0.86 12.25
CA LYS A 52 -6.97 -0.06 13.30
C LYS A 52 -6.58 -0.64 14.64
N GLY A 53 -6.51 0.21 15.68
CA GLY A 53 -5.97 -0.18 16.97
C GLY A 53 -4.47 0.12 17.02
N LYS A 54 -3.84 0.32 15.85
CA LYS A 54 -2.48 0.81 15.76
C LYS A 54 -2.34 1.61 14.46
N ASN A 55 -1.42 2.58 14.47
CA ASN A 55 -1.30 3.58 13.42
C ASN A 55 -0.43 3.11 12.24
N GLN A 56 -0.84 2.05 11.55
CA GLN A 56 -0.11 1.53 10.41
C GLN A 56 -1.04 1.09 9.28
N ALA A 57 -0.51 0.95 8.06
CA ALA A 57 -1.28 0.47 6.92
C ALA A 57 -0.39 -0.25 5.92
N PHE A 58 -1.03 -1.01 5.02
CA PHE A 58 -0.34 -1.75 3.97
C PHE A 58 -1.10 -1.68 2.66
N ILE A 59 -0.39 -1.79 1.55
CA ILE A 59 -0.98 -1.80 0.21
C ILE A 59 -0.08 -2.65 -0.70
N GLU A 60 -0.63 -3.18 -1.80
CA GLU A 60 0.17 -3.95 -2.74
C GLU A 60 0.00 -3.38 -4.15
N MET A 61 1.12 -2.91 -4.69
CA MET A 61 1.18 -2.34 -6.02
C MET A 61 1.17 -3.49 -7.05
N ASN A 62 0.73 -3.24 -8.27
CA ASN A 62 0.67 -4.27 -9.29
C ASN A 62 2.08 -4.60 -9.80
N THR A 63 2.92 -3.58 -9.95
CA THR A 63 4.28 -3.75 -10.46
C THR A 63 5.38 -3.37 -9.47
N GLU A 64 6.53 -4.02 -9.61
CA GLU A 64 7.70 -3.71 -8.79
C GLU A 64 8.27 -2.35 -9.18
N GLU A 65 8.09 -1.95 -10.44
CA GLU A 65 8.58 -0.66 -10.91
C GLU A 65 7.69 0.47 -10.40
N ALA A 66 6.40 0.19 -10.22
CA ALA A 66 5.45 1.14 -9.66
C ALA A 66 5.71 1.32 -8.17
N ALA A 67 6.07 0.23 -7.48
CA ALA A 67 6.40 0.29 -6.06
C ALA A 67 7.77 0.94 -5.87
N ASN A 68 8.71 0.64 -6.77
CA ASN A 68 10.04 1.20 -6.72
C ASN A 68 9.99 2.72 -6.87
N THR A 69 9.22 3.22 -7.85
CA THR A 69 9.08 4.64 -8.05
C THR A 69 8.32 5.34 -6.93
N MET A 70 7.34 4.63 -6.35
CA MET A 70 6.53 5.18 -5.28
C MET A 70 7.36 5.64 -4.10
N VAL A 71 8.19 4.76 -3.53
CA VAL A 71 9.04 5.21 -2.44
C VAL A 71 10.21 6.07 -2.88
N ASN A 72 10.64 5.95 -4.13
CA ASN A 72 11.74 6.74 -4.65
C ASN A 72 11.32 8.21 -4.75
N TYR A 73 10.03 8.50 -4.73
CA TYR A 73 9.56 9.87 -4.60
C TYR A 73 9.31 10.06 -3.09
N TYR A 74 8.63 9.11 -2.43
CA TYR A 74 8.35 9.20 -1.00
C TYR A 74 9.58 9.07 -0.08
N THR A 75 10.76 8.95 -0.65
CA THR A 75 11.99 8.74 0.10
C THR A 75 12.46 10.08 0.70
N SER A 76 11.94 11.18 0.16
CA SER A 76 12.29 12.53 0.58
C SER A 76 11.05 13.41 0.75
N VAL A 77 9.86 12.83 0.48
CA VAL A 77 8.60 13.52 0.69
C VAL A 77 7.59 12.68 1.45
N THR A 78 6.56 13.33 1.99
CA THR A 78 5.53 12.67 2.76
C THR A 78 4.18 12.57 2.06
N PRO A 79 3.55 11.39 2.01
CA PRO A 79 2.21 11.23 1.49
C PRO A 79 1.22 11.86 2.46
N VAL A 80 0.21 12.56 1.93
CA VAL A 80 -0.80 13.20 2.77
C VAL A 80 -2.09 12.40 2.70
N LEU A 81 -2.69 12.18 3.88
CA LEU A 81 -3.91 11.42 4.01
C LEU A 81 -4.97 12.30 4.63
N ARG A 82 -6.02 12.62 3.87
CA ARG A 82 -7.11 13.45 4.34
C ARG A 82 -6.59 14.82 4.83
N GLY A 83 -5.40 15.21 4.38
CA GLY A 83 -4.74 16.44 4.80
C GLY A 83 -3.71 16.21 5.90
N GLN A 84 -3.49 14.96 6.31
CA GLN A 84 -2.53 14.62 7.34
C GLN A 84 -1.37 13.79 6.79
N PRO A 85 -0.16 14.36 6.67
CA PRO A 85 1.01 13.67 6.19
C PRO A 85 1.55 12.65 7.20
N ILE A 86 2.04 11.51 6.70
CA ILE A 86 2.61 10.46 7.53
C ILE A 86 3.70 9.69 6.79
N TYR A 87 4.54 9.00 7.56
CA TYR A 87 5.71 8.29 7.07
C TYR A 87 5.40 7.05 6.23
N ILE A 88 6.34 6.66 5.35
CA ILE A 88 6.17 5.50 4.47
C ILE A 88 7.48 4.73 4.33
N GLN A 89 7.37 3.40 4.14
CA GLN A 89 8.53 2.54 3.91
C GLN A 89 8.08 1.22 3.28
N PHE A 90 9.02 0.48 2.66
CA PHE A 90 8.72 -0.83 2.09
C PHE A 90 8.28 -1.91 3.08
N SER A 91 7.80 -3.04 2.55
CA SER A 91 7.45 -4.20 3.36
C SER A 91 7.85 -5.48 2.63
N ASN A 92 8.04 -6.58 3.38
CA ASN A 92 8.53 -7.83 2.81
C ASN A 92 7.63 -9.03 3.13
N HIS A 93 6.56 -8.84 3.92
CA HIS A 93 5.69 -9.96 4.26
C HIS A 93 4.82 -10.36 3.07
N LYS A 94 4.00 -11.41 3.27
CA LYS A 94 3.16 -11.98 2.21
C LYS A 94 2.17 -10.97 1.62
N GLU A 95 1.58 -11.33 0.48
CA GLU A 95 0.62 -10.52 -0.23
C GLU A 95 -0.56 -10.14 0.67
N LEU A 96 -1.23 -9.05 0.29
CA LEU A 96 -2.32 -8.46 1.06
C LEU A 96 -3.50 -9.42 1.18
N LYS A 97 -3.70 -9.94 2.39
CA LYS A 97 -4.84 -10.75 2.77
C LYS A 97 -4.90 -10.82 4.29
N THR A 98 -6.03 -10.47 4.89
CA THR A 98 -6.15 -10.46 6.35
C THR A 98 -6.09 -11.84 7.01
N ASP A 99 -5.42 -11.90 8.16
CA ASP A 99 -5.19 -13.14 8.90
C ASP A 99 -5.53 -13.10 10.39
N SER A 100 -6.03 -11.97 10.89
CA SER A 100 -6.30 -11.82 12.32
C SER A 100 -7.43 -10.83 12.62
N SER A 101 -8.09 -10.26 11.60
CA SER A 101 -9.14 -9.29 11.83
C SER A 101 -10.12 -9.23 10.65
N PRO A 102 -11.42 -9.09 10.93
CA PRO A 102 -12.47 -8.97 9.93
C PRO A 102 -12.51 -7.58 9.29
N ASN A 103 -11.47 -6.76 9.49
CA ASN A 103 -11.45 -5.40 8.97
C ASN A 103 -11.48 -5.37 7.44
N GLN A 104 -11.39 -6.54 6.79
CA GLN A 104 -11.50 -6.65 5.34
C GLN A 104 -12.92 -6.29 4.88
N ALA A 105 -13.87 -6.15 5.80
CA ALA A 105 -15.24 -5.81 5.49
C ALA A 105 -15.38 -4.38 4.96
N ARG A 106 -14.27 -3.63 4.89
CA ARG A 106 -14.27 -2.27 4.38
C ARG A 106 -13.04 -1.99 3.52
N ALA A 107 -11.90 -2.59 3.86
CA ALA A 107 -10.68 -2.41 3.07
C ALA A 107 -10.82 -3.09 1.70
N GLN A 108 -11.58 -4.19 1.63
CA GLN A 108 -11.81 -4.89 0.38
C GLN A 108 -12.89 -4.17 -0.45
N ALA A 109 -13.84 -3.51 0.21
CA ALA A 109 -14.91 -2.81 -0.47
C ALA A 109 -14.43 -1.51 -1.10
N ALA A 110 -13.42 -0.88 -0.51
CA ALA A 110 -12.84 0.34 -1.04
C ALA A 110 -12.06 0.08 -2.35
N LEU A 111 -11.46 -1.10 -2.47
CA LEU A 111 -10.68 -1.44 -3.64
C LEU A 111 -11.58 -1.63 -4.86
N GLN A 112 -12.84 -1.98 -4.64
CA GLN A 112 -13.77 -2.23 -5.74
C GLN A 112 -14.18 -0.92 -6.41
N ALA A 113 -14.03 0.21 -5.71
CA ALA A 113 -14.33 1.52 -6.29
C ALA A 113 -13.16 2.04 -7.11
N VAL A 114 -11.94 1.59 -6.81
CA VAL A 114 -10.75 2.02 -7.55
C VAL A 114 -10.34 1.06 -8.68
N ASN A 115 -11.15 0.03 -8.91
CA ASN A 115 -10.87 -0.99 -9.92
C ASN A 115 -12.12 -1.30 -10.77
N SER A 116 -13.09 -0.38 -10.78
CA SER A 116 -14.33 -0.54 -11.53
C SER A 116 -14.88 0.84 -11.92
N VAL A 117 -15.93 0.87 -12.74
CA VAL A 117 -16.53 2.12 -13.20
C VAL A 117 -17.08 2.96 -12.05
N GLN A 118 -16.99 4.28 -12.17
CA GLN A 118 -17.42 5.20 -11.13
C GLN A 118 -18.93 5.39 -11.08
N SER A 119 -19.67 4.66 -11.93
CA SER A 119 -21.14 4.73 -11.95
C SER A 119 -21.74 4.07 -10.70
N GLY A 120 -20.93 3.31 -9.96
CA GLY A 120 -21.36 2.66 -8.73
C GLY A 120 -20.36 1.58 -8.32
N ASN A 121 -20.22 1.35 -7.01
CA ASN A 121 -19.32 0.33 -6.49
C ASN A 121 -19.94 -1.06 -6.69
N LEU A 122 -19.10 -2.09 -6.68
CA LEU A 122 -19.55 -3.47 -6.83
C LEU A 122 -20.32 -3.94 -5.59
N ALA A 123 -21.12 -5.00 -5.75
CA ALA A 123 -21.91 -5.57 -4.67
C ALA A 123 -22.19 -7.05 -4.94
N GLY A 1 19.55 -26.81 -7.89
CA GLY A 1 18.13 -26.52 -7.60
C GLY A 1 17.77 -25.09 -7.99
N ASN A 2 16.77 -24.52 -7.32
CA ASN A 2 16.32 -23.16 -7.58
C ASN A 2 17.36 -22.14 -7.11
N ASP A 3 17.30 -20.93 -7.65
CA ASP A 3 18.22 -19.85 -7.30
C ASP A 3 17.52 -18.54 -7.65
N SER A 4 18.04 -17.42 -7.15
CA SER A 4 17.48 -16.10 -7.38
C SER A 4 18.55 -15.02 -7.26
N LYS A 5 18.23 -13.81 -7.72
CA LYS A 5 19.13 -12.67 -7.65
C LYS A 5 19.31 -12.22 -6.20
N LYS A 6 20.41 -11.53 -5.92
CA LYS A 6 20.74 -11.03 -4.59
C LYS A 6 19.95 -9.77 -4.22
N PHE A 7 18.99 -9.37 -5.07
CA PHE A 7 18.22 -8.16 -4.88
C PHE A 7 17.21 -8.12 -3.73
N LYS A 8 17.16 -9.18 -2.91
CA LYS A 8 16.27 -9.25 -1.76
C LYS A 8 16.67 -8.25 -0.68
N GLY A 9 15.76 -7.95 0.24
CA GLY A 9 16.01 -7.00 1.31
C GLY A 9 14.89 -7.02 2.36
N ASP A 10 15.20 -6.52 3.56
CA ASP A 10 14.25 -6.47 4.66
C ASP A 10 13.19 -5.38 4.51
N SER A 11 12.17 -5.39 5.38
CA SER A 11 11.09 -4.41 5.35
C SER A 11 11.62 -3.00 5.63
N ARG A 12 12.82 -2.88 6.18
CA ARG A 12 13.44 -1.61 6.50
C ARG A 12 14.56 -1.25 5.51
N SER A 13 14.68 -2.02 4.42
CA SER A 13 15.64 -1.71 3.37
C SER A 13 15.12 -0.53 2.53
N ALA A 14 16.03 0.16 1.85
CA ALA A 14 15.67 1.30 1.01
C ALA A 14 15.18 0.85 -0.37
N GLY A 15 15.39 -0.41 -0.73
CA GLY A 15 14.90 -0.96 -1.98
C GLY A 15 14.56 -2.43 -1.82
N VAL A 16 13.51 -2.88 -2.52
CA VAL A 16 13.00 -4.24 -2.39
C VAL A 16 12.48 -4.80 -3.71
N PRO A 17 12.51 -6.12 -3.88
CA PRO A 17 12.00 -6.81 -5.06
C PRO A 17 10.47 -6.93 -5.01
N SER A 18 9.86 -6.76 -3.83
CA SER A 18 8.44 -6.94 -3.64
C SER A 18 7.65 -5.71 -4.08
N ARG A 19 6.32 -5.85 -4.13
CA ARG A 19 5.39 -4.81 -4.51
C ARG A 19 4.69 -4.17 -3.31
N VAL A 20 5.24 -4.38 -2.12
CA VAL A 20 4.58 -4.03 -0.89
C VAL A 20 5.10 -2.74 -0.28
N ILE A 21 4.18 -1.93 0.24
CA ILE A 21 4.54 -0.71 0.93
C ILE A 21 3.83 -0.68 2.28
N HIS A 22 4.48 -0.06 3.26
CA HIS A 22 3.95 0.05 4.62
C HIS A 22 3.92 1.51 5.02
N ILE A 23 2.92 1.87 5.82
CA ILE A 23 2.75 3.24 6.30
C ILE A 23 2.58 3.18 7.82
N ARG A 24 3.10 4.20 8.51
CA ARG A 24 3.01 4.28 9.98
C ARG A 24 2.71 5.70 10.40
N LYS A 25 2.33 5.87 11.67
CA LYS A 25 1.77 7.13 12.17
C LYS A 25 0.49 7.49 11.43
N LEU A 26 -0.13 6.49 10.80
CA LEU A 26 -1.35 6.63 10.01
C LEU A 26 -2.43 7.37 10.80
N PRO A 27 -3.17 8.29 10.17
CA PRO A 27 -4.28 8.97 10.82
C PRO A 27 -5.43 7.98 11.04
N ILE A 28 -6.24 8.22 12.07
CA ILE A 28 -7.22 7.24 12.53
C ILE A 28 -8.60 7.37 11.85
N ASP A 29 -9.12 8.59 11.74
CA ASP A 29 -10.45 8.82 11.18
C ASP A 29 -10.38 8.78 9.65
N VAL A 30 -9.20 8.45 9.09
CA VAL A 30 -8.97 8.46 7.66
C VAL A 30 -9.65 7.33 6.89
N THR A 31 -9.99 7.58 5.63
CA THR A 31 -10.63 6.60 4.78
C THR A 31 -9.70 5.59 4.13
N GLU A 32 -10.30 4.55 3.57
CA GLU A 32 -9.57 3.49 2.90
C GLU A 32 -9.11 3.94 1.52
N GLY A 33 -9.74 4.98 0.98
CA GLY A 33 -9.46 5.49 -0.35
C GLY A 33 -8.20 6.36 -0.36
N GLU A 34 -7.83 6.94 0.78
CA GLU A 34 -6.62 7.76 0.86
C GLU A 34 -5.39 6.87 0.80
N VAL A 35 -5.43 5.73 1.50
CA VAL A 35 -4.34 4.75 1.49
C VAL A 35 -4.11 4.22 0.08
N ILE A 36 -5.15 4.27 -0.77
CA ILE A 36 -5.04 3.88 -2.16
C ILE A 36 -4.56 5.06 -3.01
N SER A 37 -5.04 6.26 -2.70
CA SER A 37 -4.78 7.46 -3.49
C SER A 37 -3.29 7.81 -3.53
N LEU A 38 -2.54 7.46 -2.49
CA LEU A 38 -1.11 7.74 -2.44
C LEU A 38 -0.31 6.78 -3.34
N GLY A 39 -0.90 5.65 -3.74
CA GLY A 39 -0.22 4.66 -4.57
C GLY A 39 -0.70 4.67 -6.02
N LEU A 40 -1.63 5.57 -6.35
CA LEU A 40 -2.23 5.59 -7.68
C LEU A 40 -1.41 6.44 -8.66
N PRO A 41 -1.00 7.67 -8.29
CA PRO A 41 -0.23 8.51 -9.18
C PRO A 41 1.13 7.91 -9.53
N PHE A 42 1.53 6.83 -8.84
CA PHE A 42 2.81 6.16 -9.08
C PHE A 42 2.75 4.90 -9.95
N GLY A 43 1.53 4.48 -10.27
CA GLY A 43 1.27 3.29 -11.08
C GLY A 43 0.01 2.60 -10.60
N LYS A 44 -0.33 1.46 -11.23
CA LYS A 44 -1.52 0.71 -10.85
C LYS A 44 -1.29 -0.01 -9.52
N VAL A 45 -2.26 0.10 -8.62
CA VAL A 45 -2.24 -0.57 -7.32
C VAL A 45 -3.60 -1.24 -7.17
N THR A 46 -3.63 -2.43 -6.58
CA THR A 46 -4.83 -3.26 -6.58
C THR A 46 -5.10 -3.94 -5.23
N ASN A 47 -4.20 -3.80 -4.25
CA ASN A 47 -4.42 -4.35 -2.93
C ASN A 47 -4.39 -3.27 -1.85
N LEU A 48 -4.96 -3.58 -0.68
CA LEU A 48 -5.09 -2.63 0.40
C LEU A 48 -5.42 -3.30 1.73
N LEU A 49 -4.77 -2.83 2.79
CA LEU A 49 -5.14 -3.12 4.17
C LEU A 49 -4.80 -1.94 5.06
N MET A 50 -5.60 -1.71 6.11
CA MET A 50 -5.26 -0.74 7.15
C MET A 50 -5.54 -1.35 8.52
N LEU A 51 -4.60 -1.14 9.44
CA LEU A 51 -4.59 -1.70 10.77
C LEU A 51 -5.22 -0.73 11.75
N LYS A 52 -6.54 -0.52 11.64
CA LYS A 52 -7.21 0.52 12.42
C LYS A 52 -7.22 0.30 13.92
N GLY A 53 -6.67 -0.82 14.41
CA GLY A 53 -6.44 -0.99 15.83
C GLY A 53 -5.22 -0.17 16.27
N LYS A 54 -4.43 0.31 15.31
CA LYS A 54 -3.22 1.09 15.53
C LYS A 54 -3.03 2.11 14.40
N ASN A 55 -1.86 2.74 14.36
CA ASN A 55 -1.54 3.77 13.39
C ASN A 55 -0.66 3.27 12.25
N GLN A 56 -1.01 2.15 11.61
CA GLN A 56 -0.23 1.61 10.50
C GLN A 56 -1.13 1.10 9.38
N ALA A 57 -0.56 0.95 8.17
CA ALA A 57 -1.30 0.48 7.00
C ALA A 57 -0.41 -0.29 6.02
N PHE A 58 -1.07 -0.98 5.07
CA PHE A 58 -0.41 -1.79 4.06
C PHE A 58 -1.04 -1.68 2.67
N ILE A 59 -0.25 -1.79 1.61
CA ILE A 59 -0.76 -1.78 0.24
C ILE A 59 0.12 -2.64 -0.65
N GLU A 60 -0.40 -3.06 -1.81
CA GLU A 60 0.41 -3.79 -2.78
C GLU A 60 0.12 -3.26 -4.18
N MET A 61 1.20 -2.79 -4.82
CA MET A 61 1.14 -2.25 -6.17
C MET A 61 1.01 -3.40 -7.16
N ASN A 62 0.61 -3.13 -8.40
CA ASN A 62 0.51 -4.17 -9.42
C ASN A 62 1.85 -4.45 -10.08
N THR A 63 2.73 -3.45 -10.14
CA THR A 63 4.07 -3.62 -10.69
C THR A 63 5.18 -3.24 -9.73
N GLU A 64 6.32 -3.94 -9.82
CA GLU A 64 7.47 -3.64 -8.99
C GLU A 64 8.08 -2.31 -9.40
N GLU A 65 7.91 -1.91 -10.67
CA GLU A 65 8.44 -0.64 -11.15
C GLU A 65 7.58 0.51 -10.65
N ALA A 66 6.29 0.26 -10.43
CA ALA A 66 5.38 1.23 -9.85
C ALA A 66 5.64 1.38 -8.36
N ALA A 67 5.98 0.29 -7.66
CA ALA A 67 6.31 0.35 -6.25
C ALA A 67 7.71 0.96 -6.07
N ASN A 68 8.62 0.64 -7.00
CA ASN A 68 9.97 1.17 -6.97
C ASN A 68 9.99 2.69 -7.08
N THR A 69 9.19 3.25 -8.00
CA THR A 69 9.12 4.69 -8.18
C THR A 69 8.41 5.39 -7.02
N MET A 70 7.38 4.73 -6.46
CA MET A 70 6.58 5.32 -5.41
C MET A 70 7.40 5.64 -4.17
N VAL A 71 8.21 4.69 -3.71
CA VAL A 71 9.04 4.91 -2.53
C VAL A 71 10.24 5.76 -2.93
N ASN A 72 10.74 5.64 -4.15
CA ASN A 72 11.85 6.45 -4.61
C ASN A 72 11.47 7.95 -4.64
N TYR A 73 10.17 8.26 -4.67
CA TYR A 73 9.75 9.64 -4.52
C TYR A 73 9.49 9.87 -3.02
N TYR A 74 8.78 8.95 -2.35
CA TYR A 74 8.50 9.08 -0.93
C TYR A 74 9.71 8.98 0.01
N THR A 75 10.85 8.56 -0.54
CA THR A 75 12.10 8.52 0.21
C THR A 75 12.68 9.90 0.49
N SER A 76 12.04 10.94 -0.03
CA SER A 76 12.45 12.33 0.15
C SER A 76 11.24 13.21 0.46
N VAL A 77 10.03 12.67 0.33
CA VAL A 77 8.81 13.41 0.62
C VAL A 77 7.83 12.63 1.50
N THR A 78 6.92 13.35 2.16
CA THR A 78 5.88 12.75 2.98
C THR A 78 4.51 12.70 2.31
N PRO A 79 3.87 11.51 2.23
CA PRO A 79 2.51 11.41 1.74
C PRO A 79 1.57 11.91 2.81
N VAL A 80 0.39 12.38 2.40
CA VAL A 80 -0.63 12.81 3.33
C VAL A 80 -2.02 12.29 3.00
N LEU A 81 -2.73 11.89 4.05
CA LEU A 81 -4.07 11.35 3.92
C LEU A 81 -5.06 12.30 4.58
N ARG A 82 -6.12 12.67 3.87
CA ARG A 82 -7.15 13.57 4.42
C ARG A 82 -6.53 14.87 4.91
N GLY A 83 -5.33 15.21 4.39
CA GLY A 83 -4.60 16.41 4.76
C GLY A 83 -3.58 16.18 5.86
N GLN A 84 -3.38 14.93 6.30
CA GLN A 84 -2.45 14.62 7.37
C GLN A 84 -1.27 13.77 6.92
N PRO A 85 -0.05 14.32 6.96
CA PRO A 85 1.16 13.67 6.50
C PRO A 85 1.68 12.64 7.49
N ILE A 86 2.20 11.52 6.96
CA ILE A 86 2.74 10.44 7.76
C ILE A 86 3.87 9.72 7.02
N TYR A 87 4.66 8.95 7.78
CA TYR A 87 5.82 8.24 7.27
C TYR A 87 5.48 7.02 6.42
N ILE A 88 6.38 6.65 5.50
CA ILE A 88 6.15 5.55 4.58
C ILE A 88 7.47 4.86 4.24
N GLN A 89 7.42 3.56 3.95
CA GLN A 89 8.59 2.79 3.55
C GLN A 89 8.17 1.47 2.89
N PHE A 90 9.11 0.76 2.27
CA PHE A 90 8.87 -0.57 1.75
C PHE A 90 8.44 -1.61 2.79
N SER A 91 8.10 -2.82 2.33
CA SER A 91 7.83 -3.94 3.22
C SER A 91 8.20 -5.26 2.55
N ASN A 92 8.69 -6.22 3.35
CA ASN A 92 9.03 -7.55 2.89
C ASN A 92 7.99 -8.55 3.42
N HIS A 93 6.89 -8.04 3.98
CA HIS A 93 5.81 -8.84 4.52
C HIS A 93 5.09 -9.60 3.41
N LYS A 94 4.23 -10.54 3.80
CA LYS A 94 3.44 -11.34 2.89
C LYS A 94 2.55 -10.44 2.02
N GLU A 95 2.16 -10.91 0.83
CA GLU A 95 1.26 -10.18 -0.04
C GLU A 95 -0.06 -9.90 0.67
N LEU A 96 -0.76 -8.86 0.22
CA LEU A 96 -1.94 -8.34 0.88
C LEU A 96 -3.05 -9.38 0.94
N LYS A 97 -3.24 -9.92 2.15
CA LYS A 97 -4.31 -10.86 2.50
C LYS A 97 -4.42 -10.87 4.02
N THR A 98 -5.64 -10.99 4.55
CA THR A 98 -5.88 -10.91 5.99
C THR A 98 -6.21 -12.22 6.69
N ASP A 99 -5.89 -12.28 7.98
CA ASP A 99 -6.10 -13.45 8.82
C ASP A 99 -6.98 -13.21 10.04
N SER A 100 -7.35 -11.96 10.32
CA SER A 100 -8.11 -11.61 11.51
C SER A 100 -8.76 -10.23 11.36
N SER A 101 -9.59 -9.86 12.35
CA SER A 101 -10.33 -8.61 12.44
C SER A 101 -11.35 -8.37 11.33
N PRO A 102 -12.59 -7.96 11.67
CA PRO A 102 -13.62 -7.63 10.71
C PRO A 102 -13.26 -6.44 9.82
N ASN A 103 -12.21 -5.69 10.17
CA ASN A 103 -11.81 -4.50 9.42
C ASN A 103 -11.40 -4.83 7.99
N GLN A 104 -11.13 -6.11 7.70
CA GLN A 104 -10.74 -6.54 6.36
C GLN A 104 -11.90 -6.38 5.38
N ALA A 105 -13.14 -6.42 5.87
CA ALA A 105 -14.31 -6.34 5.01
C ALA A 105 -14.46 -4.96 4.40
N ARG A 106 -13.97 -3.93 5.10
CA ARG A 106 -14.03 -2.55 4.62
C ARG A 106 -12.86 -2.25 3.69
N ALA A 107 -11.68 -2.80 3.98
CA ALA A 107 -10.51 -2.60 3.13
C ALA A 107 -10.67 -3.36 1.82
N GLN A 108 -11.37 -4.50 1.84
CA GLN A 108 -11.61 -5.28 0.64
C GLN A 108 -12.72 -4.66 -0.21
N ALA A 109 -13.66 -3.94 0.43
CA ALA A 109 -14.76 -3.32 -0.28
C ALA A 109 -14.34 -2.01 -0.94
N ALA A 110 -13.40 -1.27 -0.34
CA ALA A 110 -12.93 -0.01 -0.89
C ALA A 110 -12.19 -0.23 -2.22
N LEU A 111 -11.56 -1.38 -2.39
CA LEU A 111 -10.83 -1.70 -3.61
C LEU A 111 -11.79 -1.90 -4.78
N GLN A 112 -13.06 -2.17 -4.50
CA GLN A 112 -14.04 -2.43 -5.54
C GLN A 112 -14.53 -1.13 -6.17
N ALA A 113 -14.30 -0.01 -5.48
CA ALA A 113 -14.63 1.31 -6.02
C ALA A 113 -13.50 1.83 -6.91
N VAL A 114 -12.27 1.36 -6.68
CA VAL A 114 -11.11 1.77 -7.46
C VAL A 114 -10.71 0.83 -8.59
N ASN A 115 -11.46 -0.27 -8.77
CA ASN A 115 -11.18 -1.27 -9.79
C ASN A 115 -12.45 -1.71 -10.50
N SER A 116 -12.31 -2.31 -11.69
CA SER A 116 -13.41 -2.79 -12.52
C SER A 116 -14.39 -1.68 -12.90
N VAL A 117 -13.99 -0.41 -12.71
CA VAL A 117 -14.85 0.73 -13.04
C VAL A 117 -15.21 0.80 -14.53
N GLN A 118 -16.40 1.32 -14.84
CA GLN A 118 -16.90 1.41 -16.20
C GLN A 118 -16.06 2.36 -17.06
N SER A 119 -15.11 3.09 -16.45
CA SER A 119 -14.21 3.97 -17.18
C SER A 119 -13.16 3.18 -17.97
N GLY A 120 -13.02 1.88 -17.67
CA GLY A 120 -12.08 1.02 -18.35
C GLY A 120 -12.55 0.66 -19.76
N ASN A 121 -11.67 0.02 -20.53
CA ASN A 121 -11.97 -0.39 -21.89
C ASN A 121 -13.00 -1.51 -21.92
N LEU A 122 -13.64 -1.72 -23.08
CA LEU A 122 -14.62 -2.78 -23.27
C LEU A 122 -13.92 -4.15 -23.23
N ALA A 123 -14.63 -5.17 -22.76
CA ALA A 123 -14.10 -6.52 -22.65
C ALA A 123 -13.84 -7.11 -24.03
N GLY A 1 23.16 -2.81 6.16
CA GLY A 1 21.74 -2.97 5.81
C GLY A 1 21.52 -4.21 4.96
N ASN A 2 20.64 -4.10 3.96
CA ASN A 2 20.34 -5.19 3.04
C ASN A 2 21.52 -5.45 2.10
N ASP A 3 21.54 -6.64 1.50
CA ASP A 3 22.57 -7.01 0.53
C ASP A 3 22.50 -6.20 -0.76
N SER A 4 23.58 -6.24 -1.55
CA SER A 4 23.63 -5.55 -2.83
C SER A 4 22.73 -6.23 -3.85
N LYS A 5 22.36 -7.49 -3.59
CA LYS A 5 21.47 -8.25 -4.47
C LYS A 5 20.02 -7.83 -4.25
N LYS A 6 19.21 -7.88 -5.31
CA LYS A 6 17.81 -7.48 -5.27
C LYS A 6 16.91 -8.63 -4.81
N PHE A 7 17.46 -9.83 -4.68
CA PHE A 7 16.68 -11.02 -4.35
C PHE A 7 15.92 -11.03 -3.02
N LYS A 8 16.30 -10.15 -2.09
CA LYS A 8 15.62 -10.01 -0.81
C LYS A 8 16.01 -8.67 -0.17
N GLY A 9 15.23 -8.23 0.81
CA GLY A 9 15.55 -7.01 1.55
C GLY A 9 14.48 -6.69 2.60
N ASP A 10 14.92 -6.17 3.75
CA ASP A 10 14.05 -5.76 4.84
C ASP A 10 13.70 -4.28 4.81
N SER A 11 12.59 -3.92 5.47
CA SER A 11 12.12 -2.54 5.54
C SER A 11 13.09 -1.64 6.31
N ARG A 12 14.01 -2.24 7.06
CA ARG A 12 14.96 -1.51 7.90
C ARG A 12 16.10 -0.91 7.08
N SER A 13 16.12 -1.15 5.77
CA SER A 13 17.19 -0.66 4.90
C SER A 13 16.68 -0.38 3.48
N ALA A 14 15.36 -0.47 3.26
CA ALA A 14 14.71 -0.25 1.98
C ALA A 14 15.21 -1.17 0.87
N GLY A 15 14.55 -1.10 -0.29
CA GLY A 15 14.81 -2.00 -1.40
C GLY A 15 14.20 -3.37 -1.13
N VAL A 16 13.29 -3.80 -2.01
CA VAL A 16 12.58 -5.06 -1.84
C VAL A 16 12.10 -5.61 -3.19
N PRO A 17 12.17 -6.93 -3.38
CA PRO A 17 11.69 -7.61 -4.59
C PRO A 17 10.17 -7.64 -4.66
N SER A 18 9.46 -7.46 -3.54
CA SER A 18 8.00 -7.49 -3.50
C SER A 18 7.44 -6.14 -3.93
N ARG A 19 6.11 -6.12 -4.14
CA ARG A 19 5.38 -4.96 -4.62
C ARG A 19 4.62 -4.26 -3.50
N VAL A 20 5.10 -4.42 -2.26
CA VAL A 20 4.37 -4.00 -1.09
C VAL A 20 4.89 -2.73 -0.44
N ILE A 21 3.99 -1.87 0.04
CA ILE A 21 4.37 -0.67 0.76
C ILE A 21 3.72 -0.68 2.13
N HIS A 22 4.41 -0.07 3.09
CA HIS A 22 3.94 0.05 4.47
C HIS A 22 3.88 1.53 4.83
N ILE A 23 2.90 1.89 5.67
CA ILE A 23 2.74 3.26 6.14
C ILE A 23 2.70 3.26 7.66
N ARG A 24 3.17 4.35 8.28
CA ARG A 24 3.25 4.48 9.73
C ARG A 24 2.63 5.83 10.14
N LYS A 25 2.32 6.00 11.42
CA LYS A 25 1.67 7.19 11.94
C LYS A 25 0.31 7.43 11.27
N LEU A 26 -0.28 6.37 10.71
CA LEU A 26 -1.54 6.45 9.97
C LEU A 26 -2.62 7.14 10.80
N PRO A 27 -3.39 8.07 10.21
CA PRO A 27 -4.52 8.70 10.88
C PRO A 27 -5.68 7.71 10.96
N ILE A 28 -6.51 7.83 11.99
CA ILE A 28 -7.51 6.82 12.32
C ILE A 28 -8.85 7.02 11.61
N ASP A 29 -9.37 8.25 11.60
CA ASP A 29 -10.68 8.54 11.02
C ASP A 29 -10.58 8.57 9.49
N VAL A 30 -9.38 8.35 8.95
CA VAL A 30 -9.13 8.43 7.52
C VAL A 30 -9.71 7.29 6.70
N THR A 31 -10.03 7.56 5.44
CA THR A 31 -10.59 6.56 4.53
C THR A 31 -9.60 5.56 3.97
N GLU A 32 -10.11 4.49 3.38
CA GLU A 32 -9.28 3.44 2.82
C GLU A 32 -8.86 3.80 1.41
N GLY A 33 -9.59 4.75 0.79
CA GLY A 33 -9.28 5.24 -0.54
C GLY A 33 -8.12 6.22 -0.50
N GLU A 34 -7.81 6.76 0.69
CA GLU A 34 -6.70 7.68 0.86
C GLU A 34 -5.39 6.88 0.78
N VAL A 35 -5.39 5.70 1.40
CA VAL A 35 -4.27 4.76 1.33
C VAL A 35 -3.97 4.32 -0.10
N ILE A 36 -5.01 4.25 -0.94
CA ILE A 36 -4.86 3.88 -2.35
C ILE A 36 -4.49 5.11 -3.18
N SER A 37 -5.05 6.27 -2.84
CA SER A 37 -4.89 7.49 -3.62
C SER A 37 -3.44 7.96 -3.64
N LEU A 38 -2.68 7.70 -2.58
CA LEU A 38 -1.28 8.08 -2.52
C LEU A 38 -0.39 7.16 -3.38
N GLY A 39 -0.90 6.00 -3.79
CA GLY A 39 -0.13 5.07 -4.61
C GLY A 39 -0.62 5.02 -6.06
N LEU A 40 -1.67 5.76 -6.39
CA LEU A 40 -2.29 5.71 -7.70
C LEU A 40 -1.49 6.52 -8.72
N PRO A 41 -1.08 7.76 -8.41
CA PRO A 41 -0.24 8.53 -9.29
C PRO A 41 1.13 7.88 -9.54
N PHE A 42 1.39 6.74 -8.90
CA PHE A 42 2.64 6.00 -9.06
C PHE A 42 2.55 4.66 -9.80
N GLY A 43 1.34 4.29 -10.21
CA GLY A 43 1.10 3.04 -10.92
C GLY A 43 -0.19 2.39 -10.46
N LYS A 44 -0.49 1.21 -11.00
CA LYS A 44 -1.68 0.46 -10.65
C LYS A 44 -1.57 -0.09 -9.23
N VAL A 45 -2.59 0.15 -8.41
CA VAL A 45 -2.70 -0.39 -7.06
C VAL A 45 -3.79 -1.45 -7.05
N THR A 46 -3.49 -2.63 -6.49
CA THR A 46 -4.41 -3.76 -6.54
C THR A 46 -4.63 -4.51 -5.22
N ASN A 47 -4.04 -4.00 -4.13
CA ASN A 47 -4.28 -4.55 -2.79
C ASN A 47 -4.32 -3.45 -1.74
N LEU A 48 -4.89 -3.78 -0.57
CA LEU A 48 -5.03 -2.84 0.52
C LEU A 48 -5.38 -3.55 1.82
N LEU A 49 -4.69 -3.18 2.90
CA LEU A 49 -5.07 -3.58 4.25
C LEU A 49 -4.89 -2.41 5.21
N MET A 50 -5.97 -1.99 5.85
CA MET A 50 -5.92 -1.04 6.96
C MET A 50 -5.58 -1.78 8.24
N LEU A 51 -4.71 -1.20 9.06
CA LEU A 51 -4.27 -1.84 10.29
C LEU A 51 -4.84 -1.15 11.53
N LYS A 52 -6.11 -0.74 11.48
CA LYS A 52 -6.72 -0.02 12.60
C LYS A 52 -6.53 -0.79 13.90
N GLY A 53 -6.31 -0.04 14.98
CA GLY A 53 -5.88 -0.60 16.25
C GLY A 53 -4.35 -0.44 16.38
N LYS A 54 -3.71 -0.04 15.28
CA LYS A 54 -2.28 0.29 15.21
C LYS A 54 -2.12 1.43 14.21
N ASN A 55 -1.05 2.21 14.33
CA ASN A 55 -0.83 3.39 13.52
C ASN A 55 -0.20 3.04 12.17
N GLN A 56 -0.62 1.95 11.53
CA GLN A 56 0.01 1.48 10.31
C GLN A 56 -1.00 1.05 9.25
N ALA A 57 -0.53 0.91 8.01
CA ALA A 57 -1.31 0.43 6.89
C ALA A 57 -0.44 -0.32 5.88
N PHE A 58 -1.09 -1.09 5.00
CA PHE A 58 -0.41 -1.86 3.97
C PHE A 58 -1.11 -1.78 2.62
N ILE A 59 -0.35 -1.81 1.52
CA ILE A 59 -0.90 -1.80 0.17
C ILE A 59 0.02 -2.56 -0.77
N GLU A 60 -0.50 -3.02 -1.91
CA GLU A 60 0.34 -3.69 -2.89
C GLU A 60 0.06 -3.16 -4.29
N MET A 61 1.14 -2.93 -5.04
CA MET A 61 1.07 -2.44 -6.39
C MET A 61 1.02 -3.63 -7.35
N ASN A 62 0.51 -3.41 -8.56
CA ASN A 62 0.47 -4.47 -9.56
C ASN A 62 1.86 -4.71 -10.14
N THR A 63 2.71 -3.68 -10.13
CA THR A 63 4.07 -3.77 -10.63
C THR A 63 5.13 -3.40 -9.60
N GLU A 64 6.31 -4.03 -9.71
CA GLU A 64 7.43 -3.72 -8.83
C GLU A 64 7.98 -2.34 -9.17
N GLU A 65 7.85 -1.91 -10.44
CA GLU A 65 8.33 -0.61 -10.85
C GLU A 65 7.42 0.49 -10.28
N ALA A 66 6.15 0.16 -10.04
CA ALA A 66 5.21 1.08 -9.42
C ALA A 66 5.57 1.27 -7.96
N ALA A 67 5.95 0.17 -7.28
CA ALA A 67 6.35 0.24 -5.88
C ALA A 67 7.73 0.90 -5.75
N ASN A 68 8.62 0.65 -6.72
CA ASN A 68 9.95 1.20 -6.73
C ASN A 68 9.93 2.73 -6.87
N THR A 69 9.16 3.25 -7.82
CA THR A 69 9.08 4.69 -8.02
C THR A 69 8.37 5.39 -6.86
N MET A 70 7.37 4.72 -6.30
CA MET A 70 6.56 5.28 -5.23
C MET A 70 7.41 5.63 -4.01
N VAL A 71 8.26 4.70 -3.56
CA VAL A 71 9.10 4.94 -2.41
C VAL A 71 10.27 5.81 -2.84
N ASN A 72 10.78 5.68 -4.06
CA ASN A 72 11.88 6.51 -4.54
C ASN A 72 11.49 7.99 -4.48
N TYR A 73 10.19 8.29 -4.54
CA TYR A 73 9.66 9.61 -4.26
C TYR A 73 9.44 9.84 -2.78
N TYR A 74 8.67 8.95 -2.15
CA TYR A 74 8.38 9.05 -0.73
C TYR A 74 9.57 8.89 0.24
N THR A 75 10.74 8.53 -0.30
CA THR A 75 11.96 8.43 0.48
C THR A 75 12.57 9.79 0.84
N SER A 76 12.01 10.86 0.28
CA SER A 76 12.44 12.23 0.51
C SER A 76 11.24 13.17 0.67
N VAL A 77 10.03 12.62 0.46
CA VAL A 77 8.79 13.37 0.57
C VAL A 77 7.77 12.65 1.44
N THR A 78 6.73 13.34 1.89
CA THR A 78 5.69 12.75 2.72
C THR A 78 4.30 12.70 2.08
N PRO A 79 3.62 11.55 2.08
CA PRO A 79 2.26 11.43 1.59
C PRO A 79 1.32 12.07 2.60
N VAL A 80 0.21 12.64 2.12
CA VAL A 80 -0.74 13.32 2.98
C VAL A 80 -2.08 12.58 2.89
N LEU A 81 -2.66 12.32 4.07
CA LEU A 81 -3.91 11.60 4.19
C LEU A 81 -4.92 12.51 4.86
N ARG A 82 -5.98 12.88 4.14
CA ARG A 82 -7.03 13.77 4.61
C ARG A 82 -6.51 15.17 4.97
N GLY A 83 -5.19 15.39 4.81
CA GLY A 83 -4.53 16.63 5.18
C GLY A 83 -3.43 16.37 6.24
N GLN A 84 -3.31 15.11 6.68
CA GLN A 84 -2.32 14.72 7.67
C GLN A 84 -1.19 13.93 7.02
N PRO A 85 0.02 14.50 6.91
CA PRO A 85 1.18 13.78 6.38
C PRO A 85 1.67 12.73 7.37
N ILE A 86 2.12 11.59 6.84
CA ILE A 86 2.59 10.48 7.64
C ILE A 86 3.71 9.72 6.93
N TYR A 87 4.49 8.95 7.68
CA TYR A 87 5.66 8.24 7.18
C TYR A 87 5.33 7.01 6.35
N ILE A 88 6.24 6.62 5.46
CA ILE A 88 6.07 5.48 4.57
C ILE A 88 7.41 4.78 4.31
N GLN A 89 7.36 3.44 4.21
CA GLN A 89 8.53 2.62 3.91
C GLN A 89 8.11 1.37 3.16
N PHE A 90 9.08 0.57 2.71
CA PHE A 90 8.78 -0.76 2.16
C PHE A 90 8.27 -1.76 3.20
N SER A 91 7.49 -2.75 2.77
CA SER A 91 6.97 -3.77 3.68
C SER A 91 7.82 -5.04 3.61
N ASN A 92 7.91 -5.77 4.72
CA ASN A 92 8.64 -7.03 4.76
C ASN A 92 7.79 -8.17 4.20
N HIS A 93 6.48 -7.97 4.10
CA HIS A 93 5.57 -8.96 3.57
C HIS A 93 5.73 -9.08 2.06
N LYS A 94 5.53 -10.28 1.53
CA LYS A 94 5.67 -10.53 0.10
C LYS A 94 4.42 -10.12 -0.66
N GLU A 95 3.27 -10.10 0.02
CA GLU A 95 1.99 -9.74 -0.59
C GLU A 95 0.95 -9.47 0.49
N LEU A 96 -0.11 -8.75 0.09
CA LEU A 96 -1.22 -8.40 0.95
C LEU A 96 -2.11 -9.62 1.18
N LYS A 97 -2.63 -9.73 2.41
CA LYS A 97 -3.54 -10.78 2.82
C LYS A 97 -4.26 -10.32 4.08
N THR A 98 -5.38 -10.97 4.43
CA THR A 98 -6.16 -10.59 5.60
C THR A 98 -6.74 -11.75 6.40
N ASP A 99 -6.72 -11.64 7.74
CA ASP A 99 -7.22 -12.70 8.60
C ASP A 99 -7.47 -12.13 10.00
N SER A 100 -8.36 -12.81 10.76
CA SER A 100 -8.73 -12.52 12.14
C SER A 100 -9.38 -11.16 12.39
N SER A 101 -8.94 -10.10 11.72
CA SER A 101 -9.47 -8.76 11.94
C SER A 101 -10.76 -8.53 11.16
N PRO A 102 -11.75 -7.87 11.77
CA PRO A 102 -12.99 -7.48 11.12
C PRO A 102 -12.82 -6.21 10.27
N ASN A 103 -11.63 -5.62 10.29
CA ASN A 103 -11.37 -4.36 9.59
C ASN A 103 -11.29 -4.53 8.08
N GLN A 104 -11.32 -5.77 7.58
CA GLN A 104 -11.22 -6.02 6.15
C GLN A 104 -12.53 -5.71 5.42
N ALA A 105 -13.63 -5.59 6.16
CA ALA A 105 -14.94 -5.39 5.56
C ALA A 105 -15.06 -4.01 4.90
N ARG A 106 -14.33 -3.02 5.38
CA ARG A 106 -14.38 -1.68 4.81
C ARG A 106 -13.27 -1.49 3.78
N ALA A 107 -12.11 -2.14 3.99
CA ALA A 107 -11.00 -2.04 3.07
C ALA A 107 -11.31 -2.76 1.76
N GLN A 108 -12.08 -3.85 1.83
CA GLN A 108 -12.49 -4.59 0.64
C GLN A 108 -13.52 -3.80 -0.16
N ALA A 109 -14.35 -3.00 0.52
CA ALA A 109 -15.37 -2.21 -0.15
C ALA A 109 -14.74 -1.07 -0.94
N ALA A 110 -13.60 -0.54 -0.46
CA ALA A 110 -12.89 0.51 -1.16
C ALA A 110 -12.15 -0.03 -2.38
N LEU A 111 -11.66 -1.28 -2.31
CA LEU A 111 -10.91 -1.88 -3.41
C LEU A 111 -11.83 -2.12 -4.61
N GLN A 112 -13.12 -2.35 -4.37
CA GLN A 112 -14.07 -2.60 -5.44
C GLN A 112 -14.43 -1.32 -6.19
N ALA A 113 -14.05 -0.16 -5.64
CA ALA A 113 -14.21 1.11 -6.34
C ALA A 113 -12.98 1.37 -7.23
N VAL A 114 -11.85 0.73 -6.92
CA VAL A 114 -10.62 0.91 -7.67
C VAL A 114 -10.26 -0.26 -8.59
N ASN A 115 -11.15 -1.26 -8.67
CA ASN A 115 -10.94 -2.46 -9.45
C ASN A 115 -12.23 -2.89 -10.14
N SER A 116 -12.11 -3.70 -11.20
CA SER A 116 -13.24 -4.20 -11.99
C SER A 116 -14.11 -3.09 -12.57
N VAL A 117 -13.62 -1.84 -12.57
CA VAL A 117 -14.37 -0.71 -13.13
C VAL A 117 -14.63 -0.86 -14.62
N GLN A 118 -15.79 -0.37 -15.08
CA GLN A 118 -16.18 -0.45 -16.47
C GLN A 118 -15.38 0.51 -17.35
N SER A 119 -14.63 1.43 -16.73
CA SER A 119 -13.82 2.44 -17.41
C SER A 119 -14.64 3.34 -18.33
N GLY A 120 -13.99 4.33 -18.95
CA GLY A 120 -14.65 5.28 -19.84
C GLY A 120 -15.56 6.23 -19.07
N ASN A 121 -16.48 6.88 -19.78
CA ASN A 121 -17.45 7.79 -19.17
C ASN A 121 -18.41 7.00 -18.27
N LEU A 122 -19.06 7.68 -17.33
CA LEU A 122 -19.96 7.02 -16.39
C LEU A 122 -21.18 6.43 -17.11
N ALA A 123 -21.74 5.36 -16.52
CA ALA A 123 -22.90 4.67 -17.06
C ALA A 123 -23.58 3.85 -15.97
N GLY A 1 20.94 -1.54 -8.72
CA GLY A 1 19.93 -1.80 -7.68
C GLY A 1 20.30 -3.01 -6.85
N ASN A 2 19.29 -3.81 -6.49
CA ASN A 2 19.49 -5.03 -5.70
C ASN A 2 20.18 -6.11 -6.51
N ASP A 3 20.63 -7.18 -5.83
CA ASP A 3 21.36 -8.27 -6.47
C ASP A 3 20.54 -9.20 -7.36
N SER A 4 19.25 -8.91 -7.54
CA SER A 4 18.36 -9.68 -8.40
C SER A 4 18.25 -11.17 -8.03
N LYS A 5 18.65 -11.52 -6.80
CA LYS A 5 18.62 -12.89 -6.34
C LYS A 5 17.18 -13.34 -6.04
N LYS A 6 17.04 -14.61 -5.63
CA LYS A 6 15.74 -15.21 -5.29
C LYS A 6 15.22 -14.71 -3.94
N PHE A 7 15.81 -13.64 -3.40
CA PHE A 7 15.41 -13.07 -2.11
C PHE A 7 14.17 -12.23 -2.46
N LYS A 8 13.34 -11.93 -1.46
CA LYS A 8 12.13 -11.13 -1.64
C LYS A 8 12.21 -9.77 -0.97
N GLY A 9 13.28 -9.54 -0.20
CA GLY A 9 13.51 -8.27 0.48
C GLY A 9 12.69 -8.14 1.76
N ASP A 10 13.23 -7.38 2.71
CA ASP A 10 12.62 -7.11 4.01
C ASP A 10 12.45 -5.61 4.27
N SER A 11 11.65 -5.25 5.29
CA SER A 11 11.34 -3.86 5.58
C SER A 11 12.57 -3.02 5.93
N ARG A 12 13.64 -3.66 6.41
CA ARG A 12 14.87 -2.97 6.78
C ARG A 12 15.83 -2.80 5.61
N SER A 13 15.56 -3.46 4.48
CA SER A 13 16.43 -3.39 3.32
C SER A 13 16.02 -2.26 2.38
N ALA A 14 16.98 -1.76 1.59
CA ALA A 14 16.72 -0.72 0.60
C ALA A 14 16.35 -1.37 -0.73
N GLY A 15 15.17 -1.05 -1.25
CA GLY A 15 14.67 -1.62 -2.49
C GLY A 15 14.28 -3.09 -2.33
N VAL A 16 13.20 -3.48 -3.00
CA VAL A 16 12.70 -4.86 -2.94
C VAL A 16 12.06 -5.27 -4.27
N PRO A 17 12.10 -6.57 -4.61
CA PRO A 17 11.46 -7.11 -5.80
C PRO A 17 9.95 -7.19 -5.60
N SER A 18 9.49 -7.21 -4.34
CA SER A 18 8.09 -7.27 -3.99
C SER A 18 7.38 -5.95 -4.31
N ARG A 19 6.05 -6.00 -4.40
CA ARG A 19 5.24 -4.86 -4.80
C ARG A 19 4.53 -4.21 -3.62
N VAL A 20 5.07 -4.40 -2.41
CA VAL A 20 4.37 -4.03 -1.19
C VAL A 20 4.94 -2.79 -0.50
N ILE A 21 4.06 -1.96 0.06
CA ILE A 21 4.49 -0.79 0.81
C ILE A 21 3.78 -0.76 2.16
N HIS A 22 4.47 -0.21 3.17
CA HIS A 22 3.93 -0.07 4.51
C HIS A 22 3.86 1.41 4.88
N ILE A 23 2.86 1.78 5.67
CA ILE A 23 2.71 3.14 6.15
C ILE A 23 2.50 3.10 7.66
N ARG A 24 3.04 4.09 8.38
CA ARG A 24 2.92 4.17 9.82
C ARG A 24 2.61 5.60 10.24
N LYS A 25 2.15 5.78 11.48
CA LYS A 25 1.60 7.03 11.97
C LYS A 25 0.37 7.45 11.19
N LEU A 26 -0.27 6.48 10.51
CA LEU A 26 -1.47 6.68 9.69
C LEU A 26 -2.54 7.45 10.48
N PRO A 27 -3.21 8.43 9.87
CA PRO A 27 -4.29 9.16 10.52
C PRO A 27 -5.52 8.28 10.70
N ILE A 28 -6.38 8.63 11.65
CA ILE A 28 -7.51 7.81 12.08
C ILE A 28 -8.76 8.02 11.23
N ASP A 29 -9.23 9.27 11.16
CA ASP A 29 -10.43 9.63 10.42
C ASP A 29 -10.32 9.51 8.90
N VAL A 30 -9.22 8.93 8.42
CA VAL A 30 -8.92 8.82 7.01
C VAL A 30 -9.45 7.47 6.53
N THR A 31 -9.98 7.47 5.30
CA THR A 31 -10.63 6.31 4.69
C THR A 31 -9.71 5.35 3.96
N GLU A 32 -10.31 4.25 3.48
CA GLU A 32 -9.60 3.22 2.75
C GLU A 32 -9.20 3.70 1.36
N GLY A 33 -9.91 4.70 0.83
CA GLY A 33 -9.62 5.23 -0.49
C GLY A 33 -8.41 6.16 -0.47
N GLU A 34 -8.06 6.70 0.70
CA GLU A 34 -6.92 7.59 0.83
C GLU A 34 -5.62 6.79 0.79
N VAL A 35 -5.61 5.61 1.39
CA VAL A 35 -4.45 4.72 1.38
C VAL A 35 -4.18 4.23 -0.05
N ILE A 36 -5.22 4.19 -0.87
CA ILE A 36 -5.09 3.85 -2.28
C ILE A 36 -4.68 5.08 -3.09
N SER A 37 -5.20 6.25 -2.72
CA SER A 37 -5.00 7.49 -3.46
C SER A 37 -3.54 7.93 -3.49
N LEU A 38 -2.78 7.64 -2.42
CA LEU A 38 -1.38 8.02 -2.35
C LEU A 38 -0.50 7.13 -3.21
N GLY A 39 -0.99 5.97 -3.64
CA GLY A 39 -0.23 5.04 -4.46
C GLY A 39 -0.70 5.01 -5.92
N LEU A 40 -1.69 5.84 -6.26
CA LEU A 40 -2.28 5.85 -7.59
C LEU A 40 -1.44 6.69 -8.57
N PRO A 41 -1.06 7.91 -8.22
CA PRO A 41 -0.21 8.73 -9.07
C PRO A 41 1.15 8.08 -9.31
N PHE A 42 1.48 7.02 -8.56
CA PHE A 42 2.73 6.30 -8.71
C PHE A 42 2.69 5.02 -9.55
N GLY A 43 1.52 4.71 -10.11
CA GLY A 43 1.32 3.53 -10.93
C GLY A 43 0.05 2.79 -10.48
N LYS A 44 -0.26 1.68 -11.14
CA LYS A 44 -1.45 0.90 -10.81
C LYS A 44 -1.26 0.19 -9.47
N VAL A 45 -2.34 0.12 -8.67
CA VAL A 45 -2.34 -0.53 -7.38
C VAL A 45 -3.70 -1.20 -7.23
N THR A 46 -3.71 -2.41 -6.66
CA THR A 46 -4.91 -3.25 -6.63
C THR A 46 -5.06 -4.06 -5.34
N ASN A 47 -4.24 -3.78 -4.32
CA ASN A 47 -4.39 -4.38 -3.00
C ASN A 47 -4.41 -3.30 -1.93
N LEU A 48 -4.91 -3.66 -0.74
CA LEU A 48 -5.05 -2.71 0.34
C LEU A 48 -5.39 -3.40 1.65
N LEU A 49 -4.77 -2.91 2.73
CA LEU A 49 -5.16 -3.23 4.09
C LEU A 49 -4.87 -2.01 4.99
N MET A 50 -5.68 -1.80 6.02
CA MET A 50 -5.39 -0.81 7.04
C MET A 50 -5.68 -1.42 8.41
N LEU A 51 -4.84 -1.09 9.38
CA LEU A 51 -4.81 -1.71 10.69
C LEU A 51 -5.57 -0.87 11.70
N LYS A 52 -6.83 -0.53 11.41
CA LYS A 52 -7.63 0.26 12.32
C LYS A 52 -7.56 -0.33 13.73
N GLY A 53 -7.30 0.55 14.70
CA GLY A 53 -6.96 0.18 16.07
C GLY A 53 -5.51 0.58 16.34
N LYS A 54 -4.70 0.73 15.28
CA LYS A 54 -3.37 1.31 15.35
C LYS A 54 -3.10 2.15 14.11
N ASN A 55 -2.06 2.99 14.18
CA ASN A 55 -1.75 3.95 13.13
C ASN A 55 -0.84 3.34 12.06
N GLN A 56 -1.29 2.27 11.39
CA GLN A 56 -0.49 1.62 10.36
C GLN A 56 -1.35 1.11 9.19
N ALA A 57 -0.73 0.90 8.03
CA ALA A 57 -1.43 0.45 6.84
C ALA A 57 -0.52 -0.30 5.87
N PHE A 58 -1.15 -1.01 4.93
CA PHE A 58 -0.46 -1.81 3.92
C PHE A 58 -1.09 -1.73 2.53
N ILE A 59 -0.29 -1.81 1.47
CA ILE A 59 -0.82 -1.79 0.10
C ILE A 59 0.09 -2.59 -0.82
N GLU A 60 -0.44 -3.06 -1.96
CA GLU A 60 0.37 -3.75 -2.96
C GLU A 60 0.03 -3.23 -4.36
N MET A 61 1.08 -2.81 -5.06
CA MET A 61 0.96 -2.25 -6.39
C MET A 61 0.84 -3.39 -7.39
N ASN A 62 0.35 -3.11 -8.59
CA ASN A 62 0.24 -4.13 -9.62
C ASN A 62 1.60 -4.40 -10.27
N THR A 63 2.47 -3.38 -10.26
CA THR A 63 3.80 -3.50 -10.84
C THR A 63 4.94 -3.23 -9.86
N GLU A 64 6.07 -3.89 -10.08
CA GLU A 64 7.27 -3.67 -9.26
C GLU A 64 7.82 -2.27 -9.49
N GLU A 65 7.64 -1.74 -10.71
CA GLU A 65 8.11 -0.40 -11.03
C GLU A 65 7.26 0.65 -10.35
N ALA A 66 5.97 0.34 -10.12
CA ALA A 66 5.08 1.24 -9.41
C ALA A 66 5.44 1.31 -7.93
N ALA A 67 5.85 0.17 -7.35
CA ALA A 67 6.28 0.15 -5.95
C ALA A 67 7.67 0.73 -5.81
N ASN A 68 8.54 0.47 -6.79
CA ASN A 68 9.91 0.98 -6.78
C ASN A 68 9.92 2.50 -6.87
N THR A 69 9.14 3.08 -7.79
CA THR A 69 9.07 4.53 -7.95
C THR A 69 8.37 5.21 -6.78
N MET A 70 7.35 4.56 -6.23
CA MET A 70 6.57 5.12 -5.14
C MET A 70 7.44 5.42 -3.92
N VAL A 71 8.25 4.46 -3.48
CA VAL A 71 9.10 4.67 -2.33
C VAL A 71 10.30 5.52 -2.74
N ASN A 72 10.79 5.38 -3.97
CA ASN A 72 11.92 6.16 -4.43
C ASN A 72 11.60 7.66 -4.47
N TYR A 73 10.32 8.02 -4.51
CA TYR A 73 9.93 9.43 -4.41
C TYR A 73 9.63 9.68 -2.93
N TYR A 74 8.88 8.79 -2.27
CA TYR A 74 8.55 8.94 -0.86
C TYR A 74 9.73 8.80 0.11
N THR A 75 10.88 8.35 -0.40
CA THR A 75 12.10 8.27 0.39
C THR A 75 12.73 9.63 0.68
N SER A 76 12.19 10.68 0.06
CA SER A 76 12.63 12.06 0.24
C SER A 76 11.45 13.01 0.47
N VAL A 77 10.22 12.50 0.33
CA VAL A 77 9.02 13.27 0.60
C VAL A 77 8.00 12.50 1.44
N THR A 78 7.15 13.21 2.17
CA THR A 78 6.10 12.60 2.97
C THR A 78 4.72 12.66 2.34
N PRO A 79 4.00 11.53 2.25
CA PRO A 79 2.62 11.51 1.80
C PRO A 79 1.73 12.04 2.89
N VAL A 80 0.61 12.66 2.53
CA VAL A 80 -0.35 13.12 3.49
C VAL A 80 -1.79 12.81 3.13
N LEU A 81 -2.54 12.39 4.15
CA LEU A 81 -3.95 12.07 4.01
C LEU A 81 -4.75 12.97 4.94
N ARG A 82 -5.90 13.50 4.49
CA ARG A 82 -6.71 14.41 5.29
C ARG A 82 -5.88 15.62 5.74
N GLY A 83 -4.79 15.92 5.02
CA GLY A 83 -3.91 17.04 5.32
C GLY A 83 -2.86 16.67 6.36
N GLN A 84 -2.75 15.38 6.72
CA GLN A 84 -1.83 14.93 7.74
C GLN A 84 -0.78 13.98 7.18
N PRO A 85 0.50 14.41 7.21
CA PRO A 85 1.61 13.66 6.66
C PRO A 85 2.07 12.54 7.59
N ILE A 86 2.42 11.40 6.98
CA ILE A 86 2.87 10.22 7.73
C ILE A 86 3.97 9.49 6.98
N TYR A 87 4.74 8.69 7.72
CA TYR A 87 5.92 8.00 7.23
C TYR A 87 5.63 6.77 6.38
N ILE A 88 6.57 6.42 5.49
CA ILE A 88 6.41 5.29 4.58
C ILE A 88 7.74 4.55 4.36
N GLN A 89 7.65 3.25 4.14
CA GLN A 89 8.80 2.39 3.85
C GLN A 89 8.33 1.08 3.25
N PHE A 90 9.21 0.32 2.59
CA PHE A 90 8.86 -0.99 2.08
C PHE A 90 8.28 -1.94 3.12
N SER A 91 7.27 -2.72 2.74
CA SER A 91 6.61 -3.63 3.67
C SER A 91 7.47 -4.88 3.93
N ASN A 92 7.31 -5.47 5.11
CA ASN A 92 8.00 -6.72 5.43
C ASN A 92 7.22 -7.89 4.83
N HIS A 93 5.92 -7.70 4.59
CA HIS A 93 5.07 -8.71 3.97
C HIS A 93 5.31 -8.74 2.45
N LYS A 94 5.09 -9.90 1.83
CA LYS A 94 5.30 -10.06 0.40
C LYS A 94 4.00 -9.95 -0.40
N GLU A 95 2.86 -10.06 0.27
CA GLU A 95 1.54 -9.98 -0.34
C GLU A 95 0.49 -9.50 0.65
N LEU A 96 -0.53 -8.82 0.12
CA LEU A 96 -1.66 -8.31 0.88
C LEU A 96 -2.70 -9.40 1.04
N LYS A 97 -2.67 -10.09 2.19
CA LYS A 97 -3.61 -11.14 2.54
C LYS A 97 -3.86 -11.11 4.04
N THR A 98 -5.12 -11.02 4.45
CA THR A 98 -5.50 -10.91 5.85
C THR A 98 -5.72 -12.23 6.58
N ASP A 99 -5.54 -12.20 7.91
CA ASP A 99 -5.68 -13.35 8.79
C ASP A 99 -6.48 -13.10 10.07
N SER A 100 -6.89 -11.85 10.33
CA SER A 100 -7.57 -11.52 11.57
C SER A 100 -8.34 -10.20 11.44
N SER A 101 -9.13 -9.88 12.48
CA SER A 101 -9.96 -8.69 12.61
C SER A 101 -11.05 -8.53 11.53
N PRO A 102 -12.29 -8.20 11.92
CA PRO A 102 -13.39 -7.95 11.00
C PRO A 102 -13.13 -6.76 10.07
N ASN A 103 -12.11 -5.94 10.37
CA ASN A 103 -11.81 -4.76 9.57
C ASN A 103 -11.37 -5.14 8.16
N GLN A 104 -11.02 -6.42 7.95
CA GLN A 104 -10.58 -6.89 6.65
C GLN A 104 -11.69 -6.81 5.60
N ALA A 105 -12.94 -6.80 6.04
CA ALA A 105 -14.09 -6.77 5.14
C ALA A 105 -14.30 -5.39 4.53
N ARG A 106 -13.86 -4.33 5.21
CA ARG A 106 -14.03 -2.98 4.71
C ARG A 106 -12.93 -2.68 3.69
N ALA A 107 -11.70 -3.09 3.98
CA ALA A 107 -10.58 -2.86 3.08
C ALA A 107 -10.74 -3.66 1.79
N GLN A 108 -11.42 -4.80 1.87
CA GLN A 108 -11.69 -5.64 0.71
C GLN A 108 -12.83 -5.05 -0.12
N ALA A 109 -13.68 -4.21 0.47
CA ALA A 109 -14.81 -3.61 -0.22
C ALA A 109 -14.43 -2.30 -0.89
N ALA A 110 -13.50 -1.53 -0.31
CA ALA A 110 -13.08 -0.26 -0.87
C ALA A 110 -12.31 -0.45 -2.17
N LEU A 111 -11.63 -1.60 -2.32
CA LEU A 111 -10.87 -1.90 -3.51
C LEU A 111 -11.81 -2.12 -4.70
N GLN A 112 -13.08 -2.45 -4.43
CA GLN A 112 -14.04 -2.72 -5.49
C GLN A 112 -14.50 -1.42 -6.15
N ALA A 113 -14.35 -0.29 -5.45
CA ALA A 113 -14.67 1.02 -6.01
C ALA A 113 -13.54 1.50 -6.92
N VAL A 114 -12.31 1.04 -6.68
CA VAL A 114 -11.15 1.42 -7.47
C VAL A 114 -10.76 0.41 -8.57
N ASN A 115 -11.55 -0.66 -8.71
CA ASN A 115 -11.28 -1.71 -9.69
C ASN A 115 -12.53 -2.13 -10.46
N SER A 116 -13.63 -1.39 -10.32
CA SER A 116 -14.87 -1.67 -11.03
C SER A 116 -15.68 -0.39 -11.20
N VAL A 117 -16.63 -0.40 -12.15
CA VAL A 117 -17.45 0.76 -12.47
C VAL A 117 -18.91 0.38 -12.70
N GLN A 118 -19.83 1.29 -12.35
CA GLN A 118 -21.27 1.06 -12.52
C GLN A 118 -21.68 1.13 -13.99
N SER A 119 -20.72 1.42 -14.89
CA SER A 119 -20.91 1.46 -16.33
C SER A 119 -22.13 2.28 -16.78
N GLY A 120 -22.49 3.31 -16.02
CA GLY A 120 -23.64 4.15 -16.33
C GLY A 120 -23.59 5.49 -15.60
N ASN A 121 -24.54 6.36 -15.92
CA ASN A 121 -24.65 7.70 -15.34
C ASN A 121 -25.51 7.71 -14.07
N LEU A 122 -25.68 6.56 -13.43
CA LEU A 122 -26.51 6.42 -12.23
C LEU A 122 -25.94 7.26 -11.09
N ALA A 123 -26.80 7.58 -10.11
CA ALA A 123 -26.41 8.37 -8.95
C ALA A 123 -27.33 8.07 -7.77
N GLY A 1 30.80 -14.42 -0.11
CA GLY A 1 30.14 -14.93 -1.32
C GLY A 1 29.17 -13.90 -1.90
N ASN A 2 28.90 -14.01 -3.21
CA ASN A 2 27.99 -13.11 -3.89
C ASN A 2 27.43 -13.82 -5.13
N ASP A 3 26.31 -13.30 -5.67
CA ASP A 3 25.66 -13.86 -6.84
C ASP A 3 24.93 -12.84 -7.69
N SER A 4 24.55 -13.23 -8.92
CA SER A 4 23.85 -12.35 -9.85
C SER A 4 22.38 -12.15 -9.45
N LYS A 5 21.94 -12.77 -8.36
CA LYS A 5 20.56 -12.68 -7.89
C LYS A 5 20.28 -11.26 -7.37
N LYS A 6 19.00 -10.87 -7.39
CA LYS A 6 18.57 -9.61 -6.79
C LYS A 6 18.45 -9.76 -5.28
N PHE A 7 18.22 -11.01 -4.83
CA PHE A 7 18.11 -11.42 -3.44
C PHE A 7 17.03 -10.78 -2.59
N LYS A 8 16.61 -11.49 -1.53
CA LYS A 8 15.55 -11.05 -0.64
C LYS A 8 16.14 -10.06 0.37
N GLY A 9 15.26 -9.35 1.10
CA GLY A 9 15.72 -8.38 2.09
C GLY A 9 14.57 -7.85 2.94
N ASP A 10 14.90 -7.22 4.07
CA ASP A 10 13.94 -6.65 4.99
C ASP A 10 13.31 -5.35 4.50
N SER A 11 12.19 -4.96 5.14
CA SER A 11 11.46 -3.75 4.80
C SER A 11 12.31 -2.50 5.01
N ARG A 12 13.33 -2.57 5.85
CA ARG A 12 14.18 -1.43 6.17
C ARG A 12 15.27 -1.26 5.11
N SER A 13 15.44 -2.23 4.23
CA SER A 13 16.44 -2.18 3.17
C SER A 13 15.89 -1.45 1.94
N ALA A 14 16.79 -0.97 1.08
CA ALA A 14 16.39 -0.31 -0.15
C ALA A 14 15.93 -1.36 -1.17
N GLY A 15 14.67 -1.26 -1.60
CA GLY A 15 14.09 -2.22 -2.53
C GLY A 15 13.77 -3.55 -1.85
N VAL A 16 12.74 -4.23 -2.34
CA VAL A 16 12.31 -5.52 -1.77
C VAL A 16 11.82 -6.46 -2.87
N PRO A 17 11.86 -7.78 -2.63
CA PRO A 17 11.42 -8.81 -3.56
C PRO A 17 9.89 -8.85 -3.72
N SER A 18 9.21 -7.72 -3.55
CA SER A 18 7.76 -7.62 -3.69
C SER A 18 7.39 -6.19 -4.01
N ARG A 19 6.09 -5.90 -4.16
CA ARG A 19 5.62 -4.55 -4.45
C ARG A 19 4.63 -4.07 -3.39
N VAL A 20 4.93 -4.41 -2.14
CA VAL A 20 4.10 -4.05 -1.01
C VAL A 20 4.63 -2.80 -0.31
N ILE A 21 3.74 -1.92 0.14
CA ILE A 21 4.12 -0.72 0.86
C ILE A 21 3.45 -0.70 2.22
N HIS A 22 4.12 -0.06 3.19
CA HIS A 22 3.65 0.02 4.56
C HIS A 22 3.60 1.50 4.96
N ILE A 23 2.61 1.88 5.77
CA ILE A 23 2.47 3.25 6.21
C ILE A 23 2.36 3.28 7.74
N ARG A 24 2.93 4.31 8.37
CA ARG A 24 2.99 4.47 9.81
C ARG A 24 2.41 5.81 10.23
N LYS A 25 2.11 6.00 11.52
CA LYS A 25 1.43 7.18 12.02
C LYS A 25 0.12 7.45 11.29
N LEU A 26 -0.46 6.38 10.73
CA LEU A 26 -1.65 6.42 9.89
C LEU A 26 -2.82 7.08 10.64
N PRO A 27 -3.42 8.14 10.09
CA PRO A 27 -4.51 8.87 10.74
C PRO A 27 -5.80 8.04 10.82
N ILE A 28 -6.69 8.44 11.73
CA ILE A 28 -7.86 7.65 12.09
C ILE A 28 -9.09 7.92 11.22
N ASP A 29 -9.54 9.17 11.15
CA ASP A 29 -10.75 9.55 10.44
C ASP A 29 -10.54 9.49 8.92
N VAL A 30 -9.36 9.04 8.49
CA VAL A 30 -9.01 8.97 7.07
C VAL A 30 -9.58 7.68 6.51
N THR A 31 -10.07 7.76 5.27
CA THR A 31 -10.73 6.66 4.58
C THR A 31 -9.81 5.70 3.83
N GLU A 32 -10.41 4.62 3.32
CA GLU A 32 -9.68 3.60 2.61
C GLU A 32 -9.24 4.08 1.23
N GLY A 33 -9.93 5.10 0.69
CA GLY A 33 -9.62 5.64 -0.62
C GLY A 33 -8.38 6.53 -0.57
N GLU A 34 -8.03 7.04 0.61
CA GLU A 34 -6.87 7.91 0.76
C GLU A 34 -5.59 7.09 0.73
N VAL A 35 -5.59 5.92 1.38
CA VAL A 35 -4.45 5.02 1.41
C VAL A 35 -4.15 4.52 0.00
N ILE A 36 -5.19 4.45 -0.85
CA ILE A 36 -5.04 4.06 -2.24
C ILE A 36 -4.60 5.25 -3.07
N SER A 37 -5.13 6.44 -2.77
CA SER A 37 -4.92 7.65 -3.57
C SER A 37 -3.45 8.09 -3.57
N LEU A 38 -2.72 7.83 -2.49
CA LEU A 38 -1.33 8.23 -2.40
C LEU A 38 -0.42 7.30 -3.22
N GLY A 39 -0.92 6.11 -3.61
CA GLY A 39 -0.12 5.15 -4.36
C GLY A 39 -0.60 4.99 -5.81
N LEU A 40 -1.61 5.75 -6.22
CA LEU A 40 -2.20 5.62 -7.54
C LEU A 40 -1.38 6.37 -8.59
N PRO A 41 -0.97 7.62 -8.34
CA PRO A 41 -0.14 8.35 -9.29
C PRO A 41 1.20 7.66 -9.56
N PHE A 42 1.55 6.63 -8.78
CA PHE A 42 2.79 5.90 -8.96
C PHE A 42 2.69 4.61 -9.78
N GLY A 43 1.47 4.21 -10.11
CA GLY A 43 1.17 3.02 -10.90
C GLY A 43 -0.11 2.36 -10.41
N LYS A 44 -0.50 1.24 -11.03
CA LYS A 44 -1.67 0.50 -10.62
C LYS A 44 -1.43 -0.12 -9.25
N VAL A 45 -2.40 0.01 -8.34
CA VAL A 45 -2.35 -0.60 -7.02
C VAL A 45 -3.68 -1.32 -6.89
N THR A 46 -3.64 -2.58 -6.43
CA THR A 46 -4.80 -3.46 -6.46
C THR A 46 -5.18 -4.13 -5.14
N ASN A 47 -4.35 -3.96 -4.11
CA ASN A 47 -4.65 -4.49 -2.78
C ASN A 47 -4.49 -3.43 -1.71
N LEU A 48 -5.12 -3.68 -0.56
CA LEU A 48 -5.18 -2.72 0.53
C LEU A 48 -5.60 -3.43 1.81
N LEU A 49 -4.94 -3.04 2.90
CA LEU A 49 -5.34 -3.44 4.25
C LEU A 49 -5.27 -2.24 5.19
N MET A 50 -6.42 -1.88 5.78
CA MET A 50 -6.46 -0.92 6.87
C MET A 50 -6.13 -1.63 8.17
N LEU A 51 -5.10 -1.16 8.87
CA LEU A 51 -4.70 -1.77 10.14
C LEU A 51 -5.29 -0.97 11.30
N LYS A 52 -6.61 -0.71 11.27
CA LYS A 52 -7.27 0.19 12.20
C LYS A 52 -7.17 -0.16 13.68
N GLY A 53 -6.58 -1.32 14.04
CA GLY A 53 -6.26 -1.62 15.43
C GLY A 53 -4.92 -1.00 15.81
N LYS A 54 -4.29 -0.30 14.86
CA LYS A 54 -2.96 0.28 14.99
C LYS A 54 -2.88 1.53 14.11
N ASN A 55 -1.85 2.36 14.30
CA ASN A 55 -1.63 3.54 13.47
C ASN A 55 -0.85 3.18 12.20
N GLN A 56 -1.29 2.14 11.49
CA GLN A 56 -0.62 1.67 10.29
C GLN A 56 -1.59 1.24 9.21
N ALA A 57 -1.06 1.07 7.98
CA ALA A 57 -1.80 0.54 6.85
C ALA A 57 -0.85 -0.15 5.87
N PHE A 58 -1.44 -0.96 4.98
CA PHE A 58 -0.70 -1.73 3.99
C PHE A 58 -1.35 -1.70 2.61
N ILE A 59 -0.58 -1.78 1.54
CA ILE A 59 -1.11 -1.79 0.18
C ILE A 59 -0.19 -2.59 -0.73
N GLU A 60 -0.72 -3.12 -1.84
CA GLU A 60 0.11 -3.82 -2.82
C GLU A 60 -0.07 -3.19 -4.19
N MET A 61 1.05 -2.80 -4.80
CA MET A 61 1.05 -2.25 -6.14
C MET A 61 0.87 -3.42 -7.12
N ASN A 62 0.57 -3.15 -8.39
CA ASN A 62 0.48 -4.21 -9.38
C ASN A 62 1.86 -4.63 -9.86
N THR A 63 2.78 -3.67 -9.91
CA THR A 63 4.13 -3.90 -10.39
C THR A 63 5.22 -3.47 -9.41
N GLU A 64 6.37 -4.14 -9.46
CA GLU A 64 7.51 -3.80 -8.63
C GLU A 64 8.13 -2.47 -9.08
N GLU A 65 7.99 -2.12 -10.36
CA GLU A 65 8.51 -0.87 -10.89
C GLU A 65 7.64 0.30 -10.42
N ALA A 66 6.34 0.04 -10.25
CA ALA A 66 5.40 1.04 -9.74
C ALA A 66 5.64 1.28 -8.25
N ALA A 67 5.96 0.23 -7.49
CA ALA A 67 6.26 0.36 -6.07
C ALA A 67 7.68 0.88 -5.86
N ASN A 68 8.59 0.55 -6.77
CA ASN A 68 9.96 1.04 -6.72
C ASN A 68 9.99 2.56 -6.85
N THR A 69 9.19 3.10 -7.79
CA THR A 69 9.11 4.54 -7.98
C THR A 69 8.39 5.23 -6.82
N MET A 70 7.37 4.56 -6.27
CA MET A 70 6.56 5.11 -5.21
C MET A 70 7.40 5.47 -3.98
N VAL A 71 8.18 4.51 -3.47
CA VAL A 71 9.01 4.74 -2.31
C VAL A 71 10.21 5.57 -2.72
N ASN A 72 10.72 5.45 -3.95
CA ASN A 72 11.84 6.26 -4.40
C ASN A 72 11.47 7.75 -4.47
N TYR A 73 10.18 8.08 -4.52
CA TYR A 73 9.75 9.47 -4.42
C TYR A 73 9.45 9.71 -2.94
N TYR A 74 8.76 8.79 -2.27
CA TYR A 74 8.43 8.96 -0.86
C TYR A 74 9.61 8.85 0.11
N THR A 75 10.77 8.43 -0.40
CA THR A 75 12.01 8.41 0.36
C THR A 75 12.59 9.81 0.58
N SER A 76 12.07 10.79 -0.16
CA SER A 76 12.45 12.20 -0.04
C SER A 76 11.25 13.06 0.35
N VAL A 77 10.04 12.52 0.26
CA VAL A 77 8.83 13.25 0.58
C VAL A 77 7.82 12.47 1.41
N THR A 78 6.95 13.20 2.13
CA THR A 78 5.90 12.61 2.94
C THR A 78 4.52 12.67 2.31
N PRO A 79 3.80 11.54 2.22
CA PRO A 79 2.42 11.53 1.77
C PRO A 79 1.55 12.08 2.88
N VAL A 80 0.42 12.69 2.53
CA VAL A 80 -0.52 13.17 3.52
C VAL A 80 -1.96 12.81 3.23
N LEU A 81 -2.66 12.41 4.30
CA LEU A 81 -4.06 12.02 4.22
C LEU A 81 -4.89 12.93 5.11
N ARG A 82 -6.02 13.43 4.62
CA ARG A 82 -6.86 14.35 5.38
C ARG A 82 -6.06 15.59 5.82
N GLY A 83 -4.97 15.88 5.09
CA GLY A 83 -4.10 17.02 5.39
C GLY A 83 -3.02 16.67 6.41
N GLN A 84 -2.89 15.39 6.78
CA GLN A 84 -1.91 14.97 7.77
C GLN A 84 -0.83 14.06 7.17
N PRO A 85 0.41 14.53 7.15
CA PRO A 85 1.54 13.81 6.59
C PRO A 85 2.03 12.73 7.52
N ILE A 86 2.36 11.56 6.95
CA ILE A 86 2.78 10.40 7.71
C ILE A 86 3.84 9.60 6.96
N TYR A 87 4.59 8.80 7.72
CA TYR A 87 5.72 8.03 7.23
C TYR A 87 5.34 6.84 6.37
N ILE A 88 6.21 6.48 5.41
CA ILE A 88 5.99 5.37 4.49
C ILE A 88 7.31 4.66 4.21
N GLN A 89 7.24 3.34 4.03
CA GLN A 89 8.38 2.52 3.69
C GLN A 89 7.89 1.18 3.10
N PHE A 90 8.78 0.39 2.50
CA PHE A 90 8.43 -0.95 2.04
C PHE A 90 7.91 -1.89 3.13
N SER A 91 7.38 -3.05 2.74
CA SER A 91 6.86 -4.04 3.68
C SER A 91 7.63 -5.35 3.60
N ASN A 92 7.64 -6.12 4.70
CA ASN A 92 8.29 -7.42 4.72
C ASN A 92 7.42 -8.49 4.06
N HIS A 93 6.11 -8.22 3.94
CA HIS A 93 5.17 -9.19 3.39
C HIS A 93 5.32 -9.32 1.88
N LYS A 94 5.06 -10.53 1.36
CA LYS A 94 5.14 -10.81 -0.07
C LYS A 94 3.93 -10.21 -0.80
N GLU A 95 2.78 -10.18 -0.14
CA GLU A 95 1.53 -9.70 -0.72
C GLU A 95 0.52 -9.42 0.39
N LEU A 96 -0.52 -8.66 0.02
CA LEU A 96 -1.60 -8.30 0.92
C LEU A 96 -2.49 -9.53 1.15
N LYS A 97 -2.50 -9.99 2.41
CA LYS A 97 -3.32 -11.11 2.85
C LYS A 97 -3.54 -11.03 4.35
N THR A 98 -4.78 -11.20 4.79
CA THR A 98 -5.17 -11.04 6.19
C THR A 98 -5.38 -12.35 6.96
N ASP A 99 -5.46 -12.25 8.29
CA ASP A 99 -5.67 -13.40 9.15
C ASP A 99 -6.69 -13.16 10.27
N SER A 100 -6.41 -12.21 11.16
CA SER A 100 -7.32 -11.85 12.24
C SER A 100 -8.49 -11.04 11.68
N SER A 101 -8.23 -10.23 10.65
CA SER A 101 -9.21 -9.53 9.84
C SER A 101 -10.34 -8.82 10.60
N PRO A 102 -10.07 -8.12 11.71
CA PRO A 102 -11.09 -7.44 12.49
C PRO A 102 -11.61 -6.17 11.81
N ASN A 103 -10.89 -5.62 10.82
CA ASN A 103 -11.25 -4.34 10.22
C ASN A 103 -11.08 -4.32 8.69
N GLN A 104 -10.56 -5.39 8.09
CA GLN A 104 -10.28 -5.40 6.66
C GLN A 104 -11.55 -5.51 5.82
N ALA A 105 -12.70 -5.74 6.46
CA ALA A 105 -13.96 -5.94 5.74
C ALA A 105 -14.37 -4.70 4.94
N ARG A 106 -13.95 -3.50 5.39
CA ARG A 106 -14.26 -2.27 4.68
C ARG A 106 -13.23 -2.05 3.58
N ALA A 107 -11.95 -2.36 3.86
CA ALA A 107 -10.88 -2.16 2.89
C ALA A 107 -11.06 -3.07 1.68
N GLN A 108 -11.66 -4.25 1.88
CA GLN A 108 -11.91 -5.18 0.79
C GLN A 108 -13.05 -4.68 -0.11
N ALA A 109 -13.88 -3.76 0.39
CA ALA A 109 -14.97 -3.21 -0.39
C ALA A 109 -14.54 -1.94 -1.12
N ALA A 110 -13.62 -1.15 -0.55
CA ALA A 110 -13.17 0.09 -1.17
C ALA A 110 -12.34 -0.18 -2.41
N LEU A 111 -11.64 -1.31 -2.45
CA LEU A 111 -10.82 -1.70 -3.60
C LEU A 111 -11.69 -1.96 -4.83
N GLN A 112 -12.98 -2.24 -4.63
CA GLN A 112 -13.87 -2.56 -5.72
C GLN A 112 -14.29 -1.30 -6.47
N ALA A 113 -14.14 -0.13 -5.84
CA ALA A 113 -14.43 1.14 -6.49
C ALA A 113 -13.23 1.61 -7.30
N VAL A 114 -12.03 1.14 -6.96
CA VAL A 114 -10.80 1.54 -7.67
C VAL A 114 -10.30 0.53 -8.70
N ASN A 115 -11.03 -0.58 -8.88
CA ASN A 115 -10.64 -1.63 -9.82
C ASN A 115 -11.82 -2.17 -10.62
N SER A 116 -13.04 -1.64 -10.39
CA SER A 116 -14.24 -2.05 -11.08
C SER A 116 -15.24 -0.90 -11.17
N VAL A 117 -16.29 -1.08 -12.00
CA VAL A 117 -17.31 -0.06 -12.21
C VAL A 117 -18.68 -0.69 -12.32
N GLN A 118 -19.74 0.09 -12.06
CA GLN A 118 -21.11 -0.39 -12.10
C GLN A 118 -21.57 -0.71 -13.53
N SER A 119 -20.82 -0.24 -14.53
CA SER A 119 -21.13 -0.50 -15.94
C SER A 119 -20.82 -1.95 -16.33
N GLY A 120 -20.23 -2.72 -15.41
CA GLY A 120 -19.90 -4.12 -15.66
C GLY A 120 -21.14 -5.01 -15.68
N ASN A 121 -22.32 -4.45 -15.42
CA ASN A 121 -23.56 -5.21 -15.42
C ASN A 121 -24.06 -5.54 -16.83
N LEU A 122 -23.40 -4.99 -17.86
CA LEU A 122 -23.74 -5.28 -19.25
C LEU A 122 -23.30 -6.70 -19.59
N ALA A 123 -23.92 -7.27 -20.64
CA ALA A 123 -23.61 -8.62 -21.10
C ALA A 123 -22.19 -8.69 -21.66
N GLY A 1 28.49 -20.67 -5.46
CA GLY A 1 27.83 -19.88 -4.39
C GLY A 1 26.34 -19.76 -4.63
N ASN A 2 25.73 -18.71 -4.08
CA ASN A 2 24.30 -18.46 -4.22
C ASN A 2 23.96 -18.06 -5.66
N ASP A 3 22.68 -18.21 -6.03
CA ASP A 3 22.21 -17.87 -7.36
C ASP A 3 22.27 -16.38 -7.70
N SER A 4 22.34 -16.05 -8.99
CA SER A 4 22.40 -14.68 -9.44
C SER A 4 21.07 -13.96 -9.23
N LYS A 5 20.01 -14.70 -8.92
CA LYS A 5 18.69 -14.14 -8.65
C LYS A 5 18.57 -13.63 -7.21
N LYS A 6 19.66 -13.67 -6.44
CA LYS A 6 19.66 -13.19 -5.07
C LYS A 6 19.37 -11.69 -5.04
N PHE A 7 18.18 -11.33 -4.56
CA PHE A 7 17.70 -9.95 -4.53
C PHE A 7 16.87 -9.54 -3.32
N LYS A 8 16.76 -10.41 -2.31
CA LYS A 8 15.99 -10.15 -1.10
C LYS A 8 16.60 -9.01 -0.30
N GLY A 9 15.79 -8.42 0.60
CA GLY A 9 16.24 -7.34 1.45
C GLY A 9 15.22 -7.02 2.54
N ASP A 10 15.67 -6.36 3.61
CA ASP A 10 14.81 -5.99 4.72
C ASP A 10 13.87 -4.82 4.43
N SER A 11 12.81 -4.68 5.22
CA SER A 11 11.84 -3.61 5.06
C SER A 11 12.46 -2.25 5.38
N ARG A 12 13.64 -2.25 6.01
CA ARG A 12 14.38 -1.04 6.35
C ARG A 12 15.32 -0.62 5.22
N SER A 13 15.15 -1.17 4.02
CA SER A 13 16.00 -0.84 2.88
C SER A 13 15.19 -0.76 1.59
N ALA A 14 15.73 -0.06 0.60
CA ALA A 14 15.09 0.12 -0.69
C ALA A 14 15.51 -0.98 -1.67
N GLY A 15 14.89 -1.01 -2.85
CA GLY A 15 15.24 -1.97 -3.90
C GLY A 15 14.62 -3.34 -3.66
N VAL A 16 13.69 -3.46 -2.71
CA VAL A 16 13.04 -4.73 -2.40
C VAL A 16 12.39 -5.41 -3.61
N PRO A 17 12.37 -6.74 -3.63
CA PRO A 17 11.77 -7.53 -4.69
C PRO A 17 10.24 -7.55 -4.59
N SER A 18 9.69 -7.32 -3.39
CA SER A 18 8.26 -7.36 -3.16
C SER A 18 7.58 -6.09 -3.67
N ARG A 19 6.28 -6.20 -3.96
CA ARG A 19 5.49 -5.13 -4.54
C ARG A 19 4.65 -4.44 -3.47
N VAL A 20 5.12 -4.46 -2.23
CA VAL A 20 4.33 -4.03 -1.07
C VAL A 20 4.88 -2.78 -0.39
N ILE A 21 3.99 -1.90 0.05
CA ILE A 21 4.38 -0.71 0.80
C ILE A 21 3.76 -0.75 2.20
N HIS A 22 4.46 -0.15 3.15
CA HIS A 22 4.03 -0.05 4.53
C HIS A 22 3.99 1.42 4.93
N ILE A 23 3.05 1.78 5.80
CA ILE A 23 2.87 3.15 6.25
C ILE A 23 2.93 3.18 7.77
N ARG A 24 3.33 4.32 8.34
CA ARG A 24 3.51 4.46 9.79
C ARG A 24 3.03 5.83 10.25
N LYS A 25 2.62 5.92 11.52
CA LYS A 25 1.95 7.10 12.07
C LYS A 25 0.65 7.42 11.33
N LEU A 26 0.05 6.41 10.69
CA LEU A 26 -1.19 6.54 9.93
C LEU A 26 -2.28 7.23 10.77
N PRO A 27 -3.05 8.16 10.18
CA PRO A 27 -4.18 8.79 10.85
C PRO A 27 -5.30 7.77 11.05
N ILE A 28 -6.17 8.03 12.04
CA ILE A 28 -7.18 7.07 12.48
C ILE A 28 -8.48 7.16 11.69
N ASP A 29 -9.09 8.34 11.68
CA ASP A 29 -10.36 8.59 10.99
C ASP A 29 -10.28 8.60 9.47
N VAL A 30 -9.10 8.27 8.93
CA VAL A 30 -8.85 8.29 7.50
C VAL A 30 -9.55 7.18 6.71
N THR A 31 -9.83 7.45 5.43
CA THR A 31 -10.57 6.53 4.57
C THR A 31 -9.76 5.41 3.92
N GLU A 32 -10.50 4.45 3.35
CA GLU A 32 -9.90 3.32 2.66
C GLU A 32 -9.60 3.68 1.21
N GLY A 33 -10.07 4.84 0.74
CA GLY A 33 -9.79 5.32 -0.60
C GLY A 33 -8.59 6.24 -0.61
N GLU A 34 -8.29 6.87 0.54
CA GLU A 34 -7.18 7.80 0.65
C GLU A 34 -5.86 7.03 0.74
N VAL A 35 -5.86 5.89 1.43
CA VAL A 35 -4.71 5.00 1.52
C VAL A 35 -4.38 4.42 0.15
N ILE A 36 -5.36 4.40 -0.76
CA ILE A 36 -5.13 3.97 -2.14
C ILE A 36 -4.69 5.18 -2.98
N SER A 37 -5.22 6.36 -2.66
CA SER A 37 -4.99 7.57 -3.43
C SER A 37 -3.52 7.97 -3.45
N LEU A 38 -2.79 7.65 -2.38
CA LEU A 38 -1.37 7.97 -2.28
C LEU A 38 -0.53 7.08 -3.21
N GLY A 39 -1.04 5.93 -3.64
CA GLY A 39 -0.27 5.00 -4.45
C GLY A 39 -0.72 4.99 -5.91
N LEU A 40 -1.76 5.76 -6.24
CA LEU A 40 -2.35 5.76 -7.56
C LEU A 40 -1.51 6.57 -8.55
N PRO A 41 -1.07 7.79 -8.18
CA PRO A 41 -0.20 8.58 -9.03
C PRO A 41 1.15 7.90 -9.30
N PHE A 42 1.43 6.77 -8.64
CA PHE A 42 2.67 6.04 -8.81
C PHE A 42 2.56 4.72 -9.58
N GLY A 43 1.33 4.27 -9.82
CA GLY A 43 1.05 3.06 -10.57
C GLY A 43 -0.29 2.45 -10.15
N LYS A 44 -0.60 1.27 -10.67
CA LYS A 44 -1.83 0.57 -10.36
C LYS A 44 -1.74 -0.12 -9.00
N VAL A 45 -2.57 0.30 -8.05
CA VAL A 45 -2.67 -0.31 -6.73
C VAL A 45 -3.75 -1.40 -6.78
N THR A 46 -3.43 -2.61 -6.31
CA THR A 46 -4.34 -3.75 -6.45
C THR A 46 -4.62 -4.55 -5.17
N ASN A 47 -4.07 -4.12 -4.03
CA ASN A 47 -4.40 -4.69 -2.73
C ASN A 47 -4.40 -3.61 -1.66
N LEU A 48 -5.00 -3.93 -0.51
CA LEU A 48 -5.13 -2.99 0.58
C LEU A 48 -5.54 -3.69 1.88
N LEU A 49 -4.88 -3.33 2.98
CA LEU A 49 -5.29 -3.70 4.33
C LEU A 49 -5.03 -2.52 5.26
N MET A 50 -6.11 -1.97 5.84
CA MET A 50 -5.99 -0.96 6.88
C MET A 50 -5.76 -1.64 8.21
N LEU A 51 -4.81 -1.13 9.00
CA LEU A 51 -4.40 -1.78 10.23
C LEU A 51 -5.01 -1.13 11.46
N LYS A 52 -6.30 -0.79 11.42
CA LYS A 52 -6.94 -0.09 12.53
C LYS A 52 -6.68 -0.81 13.86
N GLY A 53 -6.47 -0.01 14.90
CA GLY A 53 -5.98 -0.50 16.18
C GLY A 53 -4.46 -0.28 16.27
N LYS A 54 -3.86 0.12 15.15
CA LYS A 54 -2.45 0.48 15.05
C LYS A 54 -2.32 1.60 14.03
N ASN A 55 -1.31 2.47 14.20
CA ASN A 55 -1.05 3.60 13.32
C ASN A 55 -0.23 3.19 12.10
N GLN A 56 -0.60 2.09 11.43
CA GLN A 56 0.11 1.60 10.27
C GLN A 56 -0.86 1.15 9.18
N ALA A 57 -0.37 1.01 7.95
CA ALA A 57 -1.17 0.55 6.82
C ALA A 57 -0.32 -0.30 5.87
N PHE A 58 -1.01 -1.01 4.97
CA PHE A 58 -0.39 -1.92 4.03
C PHE A 58 -1.12 -1.95 2.69
N ILE A 59 -0.38 -1.97 1.58
CA ILE A 59 -0.97 -2.00 0.25
C ILE A 59 -0.04 -2.73 -0.71
N GLU A 60 -0.59 -3.39 -1.74
CA GLU A 60 0.23 -4.04 -2.74
C GLU A 60 0.02 -3.39 -4.09
N MET A 61 1.12 -3.09 -4.77
CA MET A 61 1.10 -2.48 -6.08
C MET A 61 1.10 -3.59 -7.13
N ASN A 62 0.53 -3.33 -8.31
CA ASN A 62 0.45 -4.32 -9.36
C ASN A 62 1.82 -4.59 -9.97
N THR A 63 2.67 -3.57 -10.04
CA THR A 63 4.03 -3.72 -10.57
C THR A 63 5.12 -3.38 -9.57
N GLU A 64 6.26 -4.06 -9.69
CA GLU A 64 7.43 -3.78 -8.86
C GLU A 64 8.02 -2.43 -9.20
N GLU A 65 7.89 -1.98 -10.45
CA GLU A 65 8.40 -0.69 -10.88
C GLU A 65 7.52 0.43 -10.34
N ALA A 66 6.22 0.17 -10.16
CA ALA A 66 5.29 1.11 -9.57
C ALA A 66 5.56 1.26 -8.07
N ALA A 67 5.91 0.16 -7.40
CA ALA A 67 6.25 0.19 -5.99
C ALA A 67 7.63 0.81 -5.79
N ASN A 68 8.56 0.53 -6.72
CA ASN A 68 9.90 1.06 -6.69
C ASN A 68 9.90 2.57 -6.83
N THR A 69 9.14 3.10 -7.79
CA THR A 69 9.06 4.54 -8.00
C THR A 69 8.33 5.25 -6.87
N MET A 70 7.31 4.58 -6.30
CA MET A 70 6.51 5.16 -5.24
C MET A 70 7.35 5.51 -4.01
N VAL A 71 8.16 4.57 -3.53
CA VAL A 71 9.00 4.82 -2.36
C VAL A 71 10.20 5.66 -2.78
N ASN A 72 10.69 5.51 -4.00
CA ASN A 72 11.82 6.30 -4.47
C ASN A 72 11.46 7.79 -4.54
N TYR A 73 10.17 8.13 -4.61
CA TYR A 73 9.76 9.52 -4.51
C TYR A 73 9.46 9.78 -3.04
N TYR A 74 8.74 8.87 -2.37
CA TYR A 74 8.41 9.03 -0.96
C TYR A 74 9.58 8.92 0.02
N THR A 75 10.74 8.51 -0.48
CA THR A 75 11.97 8.46 0.30
C THR A 75 12.56 9.84 0.59
N SER A 76 12.00 10.87 -0.03
CA SER A 76 12.41 12.26 0.15
C SER A 76 11.21 13.19 0.33
N VAL A 77 9.98 12.63 0.26
CA VAL A 77 8.76 13.39 0.49
C VAL A 77 7.75 12.62 1.33
N THR A 78 6.82 13.33 1.96
CA THR A 78 5.78 12.73 2.77
C THR A 78 4.41 12.69 2.10
N PRO A 79 3.75 11.52 2.05
CA PRO A 79 2.39 11.41 1.56
C PRO A 79 1.44 12.05 2.55
N VAL A 80 0.27 12.49 2.08
CA VAL A 80 -0.71 13.16 2.92
C VAL A 80 -2.06 12.47 2.74
N LEU A 81 -2.71 12.16 3.86
CA LEU A 81 -4.03 11.55 3.86
C LEU A 81 -5.01 12.44 4.62
N ARG A 82 -6.10 12.85 3.97
CA ARG A 82 -7.13 13.67 4.62
C ARG A 82 -6.52 14.95 5.19
N GLY A 83 -5.37 15.37 4.65
CA GLY A 83 -4.65 16.56 5.10
C GLY A 83 -3.60 16.26 6.17
N GLN A 84 -3.41 14.98 6.53
CA GLN A 84 -2.44 14.59 7.54
C GLN A 84 -1.28 13.79 6.93
N PRO A 85 -0.07 14.35 6.87
CA PRO A 85 1.11 13.67 6.37
C PRO A 85 1.62 12.62 7.35
N ILE A 86 2.15 11.52 6.81
CA ILE A 86 2.69 10.42 7.62
C ILE A 86 3.80 9.70 6.87
N TYR A 87 4.59 8.92 7.61
CA TYR A 87 5.74 8.20 7.10
C TYR A 87 5.41 6.98 6.24
N ILE A 88 6.34 6.59 5.38
CA ILE A 88 6.18 5.45 4.47
C ILE A 88 7.49 4.73 4.25
N GLN A 89 7.41 3.40 4.11
CA GLN A 89 8.56 2.56 3.81
C GLN A 89 8.11 1.30 3.05
N PHE A 90 9.05 0.46 2.62
CA PHE A 90 8.72 -0.85 2.09
C PHE A 90 8.18 -1.82 3.14
N SER A 91 7.24 -2.69 2.78
CA SER A 91 6.68 -3.63 3.74
C SER A 91 7.57 -4.85 3.91
N ASN A 92 7.53 -5.48 5.09
CA ASN A 92 8.25 -6.71 5.34
C ASN A 92 7.48 -7.90 4.76
N HIS A 93 6.16 -7.72 4.60
CA HIS A 93 5.30 -8.76 4.03
C HIS A 93 5.47 -8.79 2.52
N LYS A 94 5.40 -9.99 1.92
CA LYS A 94 5.64 -10.16 0.49
C LYS A 94 4.36 -9.94 -0.33
N GLU A 95 3.20 -9.98 0.33
CA GLU A 95 1.91 -9.78 -0.33
C GLU A 95 0.83 -9.44 0.68
N LEU A 96 -0.26 -8.84 0.17
CA LEU A 96 -1.41 -8.45 0.96
C LEU A 96 -2.38 -9.62 1.07
N LYS A 97 -2.77 -9.97 2.31
CA LYS A 97 -3.81 -10.95 2.59
C LYS A 97 -4.25 -10.81 4.03
N THR A 98 -5.55 -10.55 4.25
CA THR A 98 -6.11 -10.47 5.59
C THR A 98 -6.24 -11.82 6.29
N ASP A 99 -5.82 -11.90 7.56
CA ASP A 99 -5.74 -13.16 8.27
C ASP A 99 -6.71 -13.39 9.44
N SER A 100 -7.29 -12.33 10.01
CA SER A 100 -8.19 -12.52 11.15
C SER A 100 -9.06 -11.31 11.46
N SER A 101 -8.55 -10.09 11.22
CA SER A 101 -9.24 -8.88 11.64
C SER A 101 -10.50 -8.61 10.81
N PRO A 102 -11.59 -8.15 11.45
CA PRO A 102 -12.82 -7.75 10.79
C PRO A 102 -12.69 -6.38 10.15
N ASN A 103 -11.53 -5.71 10.30
CA ASN A 103 -11.31 -4.38 9.78
C ASN A 103 -11.32 -4.35 8.24
N GLN A 104 -11.36 -5.52 7.60
CA GLN A 104 -11.46 -5.61 6.15
C GLN A 104 -12.89 -5.35 5.65
N ALA A 105 -13.83 -5.10 6.58
CA ALA A 105 -15.24 -4.90 6.25
C ALA A 105 -15.49 -3.64 5.40
N ARG A 106 -14.45 -2.85 5.14
CA ARG A 106 -14.56 -1.67 4.29
C ARG A 106 -13.32 -1.52 3.42
N ALA A 107 -12.17 -2.04 3.87
CA ALA A 107 -10.95 -1.99 3.08
C ALA A 107 -11.05 -2.91 1.87
N GLN A 108 -11.77 -4.02 2.00
CA GLN A 108 -11.97 -4.95 0.89
C GLN A 108 -13.00 -4.40 -0.10
N ALA A 109 -13.94 -3.58 0.39
CA ALA A 109 -14.97 -3.01 -0.46
C ALA A 109 -14.47 -1.75 -1.18
N ALA A 110 -13.55 -1.00 -0.57
CA ALA A 110 -13.02 0.21 -1.18
C ALA A 110 -12.19 -0.11 -2.41
N LEU A 111 -11.57 -1.30 -2.47
CA LEU A 111 -10.78 -1.70 -3.62
C LEU A 111 -11.67 -1.89 -4.85
N GLN A 112 -12.96 -2.18 -4.64
CA GLN A 112 -13.86 -2.47 -5.73
C GLN A 112 -14.23 -1.19 -6.49
N ALA A 113 -14.08 -0.03 -5.85
CA ALA A 113 -14.34 1.25 -6.49
C ALA A 113 -13.15 1.69 -7.34
N VAL A 114 -11.93 1.27 -6.96
CA VAL A 114 -10.72 1.62 -7.69
C VAL A 114 -10.32 0.63 -8.78
N ASN A 115 -11.02 -0.52 -8.85
CA ASN A 115 -10.78 -1.53 -9.86
C ASN A 115 -11.93 -1.67 -10.85
N SER A 116 -13.01 -0.91 -10.65
CA SER A 116 -14.16 -0.92 -11.55
C SER A 116 -13.83 -0.15 -12.82
N VAL A 117 -14.45 -0.55 -13.94
CA VAL A 117 -14.24 0.09 -15.24
C VAL A 117 -15.54 0.22 -16.02
N GLN A 118 -15.56 1.16 -16.99
CA GLN A 118 -16.73 1.41 -17.81
C GLN A 118 -16.88 0.37 -18.93
N SER A 119 -15.87 -0.47 -19.15
CA SER A 119 -15.91 -1.50 -20.18
C SER A 119 -16.90 -2.60 -19.82
N GLY A 120 -17.44 -3.28 -20.83
CA GLY A 120 -18.41 -4.36 -20.63
C GLY A 120 -18.90 -4.91 -21.96
N ASN A 121 -19.82 -5.89 -21.90
CA ASN A 121 -20.38 -6.52 -23.08
C ASN A 121 -21.41 -5.63 -23.77
N LEU A 122 -21.67 -4.44 -23.22
CA LEU A 122 -22.65 -3.49 -23.75
C LEU A 122 -24.06 -4.09 -23.83
N ALA A 123 -24.32 -5.17 -23.07
CA ALA A 123 -25.60 -5.86 -23.02
C ALA A 123 -26.12 -6.20 -24.42
#